data_5SV0
#
_entry.id   5SV0
#
_cell.length_a   137.166
_cell.length_b   104.779
_cell.length_c   149.364
_cell.angle_alpha   90.00
_cell.angle_beta   91.77
_cell.angle_gamma   90.00
#
_symmetry.space_group_name_H-M   'P 1 21 1'
#
loop_
_entity.id
_entity.type
_entity.pdbx_description
1 polymer 'Biopolymer transport protein ExbB'
2 non-polymer '4-(2-HYDROXYETHYL)-1-PIPERAZINE ETHANESULFONIC ACID'
3 non-polymer 'CALCIUM ION'
4 water water
#
_entity_poly.entity_id   1
_entity_poly.type   'polypeptide(L)'
_entity_poly.pdbx_seq_one_letter_code
;MGNNLMQTDLSVWGMYQHADIVVKCVMIGLILASVVTWAIFFSKSVEFFNQKRRLKREQQLLAEARSLNQANDIAADFGS
KSLSLHLLNEAQNELELSEGSDDNEGI(MLY)ERTSFRLERRVAAVGRQMGRGNGYLATIGAISPFVGLFGTVWGIMNSF
IGIAQTQTTNLAVVAPGIAEALLATAIGLVAAIPAVVIYNVFARQIGGFKAMLGDVAAQVLLLQSRDLDLEASAAAHPVR
VAQKLRAG
;
_entity_poly.pdbx_strand_id   B,C,D,E,F,G,H,I,J,A
#
loop_
_chem_comp.id
_chem_comp.type
_chem_comp.name
_chem_comp.formula
CA non-polymer 'CALCIUM ION' 'Ca 2'
EPE non-polymer '4-(2-HYDROXYETHYL)-1-PIPERAZINE ETHANESULFONIC ACID' 'C8 H18 N2 O4 S'
#
# COMPACT_ATOMS: atom_id res chain seq x y z
N LEU A 10 28.58 29.26 63.21
CA LEU A 10 28.97 28.20 64.15
C LEU A 10 28.72 26.82 63.54
N SER A 11 28.62 25.78 64.36
CA SER A 11 28.38 24.43 63.85
C SER A 11 26.93 24.29 63.41
N VAL A 12 26.57 23.10 62.91
CA VAL A 12 25.16 22.82 62.63
C VAL A 12 24.35 22.84 63.93
N TRP A 13 24.90 22.24 64.99
CA TRP A 13 24.28 22.29 66.31
C TRP A 13 24.12 23.70 66.84
N GLY A 14 25.24 24.37 67.17
CA GLY A 14 25.17 25.74 67.67
C GLY A 14 24.41 26.65 66.74
N MET A 15 24.27 26.25 65.47
CA MET A 15 23.48 26.96 64.49
C MET A 15 21.98 26.71 64.64
N TYR A 16 21.58 25.57 65.22
CA TYR A 16 20.15 25.30 65.41
C TYR A 16 19.55 26.17 66.50
N GLN A 17 20.04 26.03 67.74
CA GLN A 17 19.44 26.69 68.89
C GLN A 17 19.76 28.18 68.96
N HIS A 18 20.59 28.68 68.06
CA HIS A 18 20.86 30.10 67.93
C HIS A 18 19.87 30.80 66.99
N ALA A 19 18.86 30.08 66.50
CA ALA A 19 17.93 30.54 65.49
C ALA A 19 16.59 30.94 66.12
N ASP A 20 15.70 31.45 65.28
CA ASP A 20 14.41 31.93 65.74
C ASP A 20 13.54 30.77 66.20
N ILE A 21 12.58 31.07 67.07
CA ILE A 21 11.73 30.02 67.62
C ILE A 21 10.95 29.32 66.51
N VAL A 22 10.43 30.10 65.55
CA VAL A 22 9.73 29.54 64.39
C VAL A 22 10.68 28.65 63.58
N VAL A 23 11.90 29.14 63.33
CA VAL A 23 12.83 28.34 62.52
C VAL A 23 13.21 27.06 63.26
N LYS A 24 13.44 27.15 64.58
CA LYS A 24 13.60 25.96 65.41
C LYS A 24 12.48 24.96 65.19
N CYS A 25 11.23 25.45 65.24
CA CYS A 25 10.08 24.58 65.01
C CYS A 25 10.18 23.88 63.67
N VAL A 26 10.49 24.63 62.61
CA VAL A 26 10.61 24.05 61.26
C VAL A 26 11.63 22.93 61.25
N MET A 27 12.81 23.18 61.81
CA MET A 27 13.87 22.19 61.77
C MET A 27 13.49 20.92 62.53
N ILE A 28 12.91 21.08 63.72
CA ILE A 28 12.54 19.92 64.53
C ILE A 28 11.42 19.12 63.84
N GLY A 29 10.41 19.82 63.31
CA GLY A 29 9.35 19.13 62.58
C GLY A 29 9.88 18.33 61.40
N LEU A 30 10.79 18.92 60.63
CA LEU A 30 11.37 18.20 59.49
C LEU A 30 12.10 16.94 59.96
N ILE A 31 12.83 17.04 61.07
CA ILE A 31 13.55 15.86 61.53
C ILE A 31 12.58 14.75 61.94
N LEU A 32 11.51 15.12 62.67
CA LEU A 32 10.50 14.11 63.01
C LEU A 32 9.91 13.47 61.78
N ALA A 33 9.61 14.28 60.76
CA ALA A 33 9.16 13.72 59.49
C ALA A 33 10.13 12.65 58.98
N SER A 34 11.43 12.91 59.05
CA SER A 34 12.39 11.88 58.65
C SER A 34 12.18 10.60 59.45
N VAL A 35 11.94 10.73 60.76
CA VAL A 35 11.74 9.54 61.60
C VAL A 35 10.52 8.73 61.14
N VAL A 36 9.41 9.42 60.90
CA VAL A 36 8.21 8.72 60.41
C VAL A 36 8.51 8.02 59.09
N THR A 37 9.27 8.68 58.21
CA THR A 37 9.61 8.06 56.93
C THR A 37 10.31 6.72 57.15
N TRP A 38 11.34 6.71 57.98
CA TRP A 38 12.11 5.48 58.07
C TRP A 38 11.36 4.40 58.87
N ALA A 39 10.55 4.80 59.86
CA ALA A 39 9.73 3.81 60.58
C ALA A 39 8.78 3.09 59.63
N ILE A 40 7.97 3.87 58.90
CA ILE A 40 7.11 3.30 57.87
C ILE A 40 7.90 2.39 56.94
N PHE A 41 9.08 2.86 56.52
CA PHE A 41 9.86 2.08 55.58
C PHE A 41 10.21 0.70 56.15
N PHE A 42 10.76 0.64 57.35
CA PHE A 42 11.26 -0.64 57.85
C PHE A 42 10.12 -1.63 58.10
N SER A 43 9.07 -1.16 58.80
CA SER A 43 7.96 -2.06 59.11
C SER A 43 7.26 -2.54 57.85
N LYS A 44 6.86 -1.60 56.98
CA LYS A 44 6.15 -2.03 55.78
C LYS A 44 7.03 -2.90 54.88
N SER A 45 8.35 -2.71 54.93
CA SER A 45 9.23 -3.53 54.11
C SER A 45 9.18 -5.00 54.54
N VAL A 46 9.33 -5.27 55.84
CA VAL A 46 9.30 -6.67 56.24
C VAL A 46 7.91 -7.27 56.01
N GLU A 47 6.86 -6.46 56.24
CA GLU A 47 5.49 -6.90 55.98
C GLU A 47 5.32 -7.36 54.53
N PHE A 48 5.62 -6.48 53.57
CA PHE A 48 5.42 -6.85 52.16
C PHE A 48 6.25 -8.05 51.77
N PHE A 49 7.47 -8.18 52.29
CA PHE A 49 8.26 -9.35 51.89
C PHE A 49 7.57 -10.64 52.32
N ASN A 50 7.09 -10.69 53.57
CA ASN A 50 6.42 -11.91 54.03
C ASN A 50 5.17 -12.19 53.20
N GLN A 51 4.28 -11.20 53.05
CA GLN A 51 3.04 -11.44 52.31
C GLN A 51 3.29 -11.89 50.88
N LYS A 52 4.27 -11.27 50.21
CA LYS A 52 4.55 -11.66 48.84
C LYS A 52 5.03 -13.11 48.77
N ARG A 53 5.92 -13.51 49.70
CA ARG A 53 6.37 -14.91 49.73
C ARG A 53 5.20 -15.88 49.89
N ARG A 54 4.36 -15.63 50.92
CA ARG A 54 3.24 -16.52 51.19
C ARG A 54 2.32 -16.64 49.98
N LEU A 55 1.96 -15.49 49.39
CA LEU A 55 1.07 -15.54 48.23
C LEU A 55 1.71 -16.29 47.06
N LYS A 56 2.99 -16.06 46.78
CA LYS A 56 3.62 -16.78 45.69
C LYS A 56 3.54 -18.29 45.91
N ARG A 57 3.85 -18.74 47.14
CA ARG A 57 3.78 -20.16 47.47
C ARG A 57 2.38 -20.72 47.24
N GLU A 58 1.37 -20.10 47.86
CA GLU A 58 -0.01 -20.54 47.72
C GLU A 58 -0.44 -20.59 46.25
N GLN A 59 -0.03 -19.59 45.47
CA GLN A 59 -0.44 -19.52 44.07
C GLN A 59 0.13 -20.70 43.29
N GLN A 60 1.41 -20.99 43.48
CA GLN A 60 1.97 -22.11 42.73
C GLN A 60 1.41 -23.43 43.20
N LEU A 61 0.99 -23.53 44.47
CA LEU A 61 0.35 -24.77 44.91
C LEU A 61 -1.03 -24.94 44.30
N LEU A 62 -1.75 -23.85 44.10
CA LEU A 62 -3.06 -23.93 43.49
C LEU A 62 -3.00 -24.08 41.99
N ALA A 63 -1.84 -23.82 41.39
CA ALA A 63 -1.69 -23.91 39.94
C ALA A 63 -2.12 -25.26 39.41
N GLU A 64 -1.94 -26.30 40.20
CA GLU A 64 -2.24 -27.65 39.79
C GLU A 64 -3.69 -28.03 40.02
N ALA A 65 -4.51 -27.08 40.47
CA ALA A 65 -5.74 -27.45 41.17
C ALA A 65 -6.69 -28.22 40.29
N ARG A 66 -6.95 -27.77 39.07
CA ARG A 66 -7.74 -28.58 38.14
C ARG A 66 -9.24 -28.79 38.46
N SER A 67 -9.69 -28.50 39.69
CA SER A 67 -11.10 -28.26 40.00
C SER A 67 -11.19 -27.39 41.26
N LEU A 68 -12.38 -26.87 41.53
CA LEU A 68 -12.53 -25.99 42.68
C LEU A 68 -12.46 -26.79 43.99
N ASN A 69 -12.94 -28.04 44.00
CA ASN A 69 -12.84 -28.84 45.22
C ASN A 69 -11.40 -29.27 45.47
N GLN A 70 -10.64 -29.54 44.40
CA GLN A 70 -9.22 -29.82 44.59
C GLN A 70 -8.49 -28.60 45.15
N ALA A 71 -8.88 -27.39 44.71
CA ALA A 71 -8.23 -26.18 45.21
C ALA A 71 -8.50 -26.01 46.69
N ASN A 72 -9.74 -26.29 47.11
CA ASN A 72 -10.11 -26.24 48.53
C ASN A 72 -9.29 -27.23 49.35
N ASP A 73 -9.07 -28.44 48.80
CA ASP A 73 -8.24 -29.42 49.49
C ASP A 73 -6.79 -28.94 49.59
N ILE A 74 -6.25 -28.39 48.51
CA ILE A 74 -4.88 -27.87 48.53
C ILE A 74 -4.76 -26.75 49.56
N ALA A 75 -5.77 -25.88 49.64
CA ALA A 75 -5.68 -24.68 50.46
C ALA A 75 -6.01 -24.92 51.93
N ALA A 76 -6.47 -26.11 52.30
CA ALA A 76 -6.90 -26.39 53.67
C ALA A 76 -5.88 -25.95 54.73
N ASP A 77 -4.58 -26.19 54.51
CA ASP A 77 -3.52 -25.91 55.48
C ASP A 77 -2.81 -24.59 55.28
N PHE A 78 -3.30 -23.70 54.41
CA PHE A 78 -2.59 -22.46 54.13
C PHE A 78 -2.52 -21.52 55.32
N GLY A 79 -3.34 -21.76 56.35
CA GLY A 79 -3.55 -20.91 57.51
C GLY A 79 -4.84 -20.10 57.40
N SER A 80 -5.39 -19.73 58.57
CA SER A 80 -6.66 -19.02 58.57
C SER A 80 -6.49 -17.62 58.02
N LYS A 81 -5.29 -17.08 58.11
CA LYS A 81 -5.01 -15.72 57.67
C LYS A 81 -4.63 -15.65 56.19
N SER A 82 -4.64 -16.78 55.48
CA SER A 82 -4.30 -16.81 54.07
C SER A 82 -5.31 -16.02 53.22
N LEU A 83 -4.79 -15.20 52.33
CA LEU A 83 -5.66 -14.47 51.41
C LEU A 83 -6.31 -15.42 50.40
N SER A 84 -5.54 -16.41 49.93
CA SER A 84 -6.08 -17.42 49.02
C SER A 84 -7.19 -18.21 49.69
N LEU A 85 -6.96 -18.62 50.93
CA LEU A 85 -7.97 -19.36 51.64
C LEU A 85 -9.24 -18.53 51.74
N HIS A 86 -9.08 -17.22 51.96
CA HIS A 86 -10.24 -16.36 52.09
C HIS A 86 -11.03 -16.29 50.78
N LEU A 87 -10.34 -16.08 49.66
CA LEU A 87 -11.05 -16.01 48.39
C LEU A 87 -11.77 -17.33 48.08
N LEU A 88 -11.08 -18.46 48.28
CA LEU A 88 -11.74 -19.76 48.11
C LEU A 88 -12.96 -19.90 49.01
N ASN A 89 -12.86 -19.43 50.24
CA ASN A 89 -13.98 -19.50 51.17
C ASN A 89 -15.16 -18.63 50.72
N GLU A 90 -14.90 -17.48 50.11
CA GLU A 90 -16.01 -16.70 49.60
C GLU A 90 -16.71 -17.41 48.48
N ALA A 91 -15.95 -18.04 47.57
CA ALA A 91 -16.60 -18.80 46.51
C ALA A 91 -17.42 -19.96 47.07
N GLN A 92 -16.87 -20.64 48.07
CA GLN A 92 -17.61 -21.73 48.68
C GLN A 92 -18.86 -21.20 49.37
N ASN A 93 -18.74 -20.04 50.01
CA ASN A 93 -19.90 -19.47 50.69
C ASN A 93 -21.00 -19.12 49.72
N GLU A 94 -20.62 -18.56 48.57
CA GLU A 94 -21.59 -18.22 47.54
C GLU A 94 -22.28 -19.46 47.01
N LEU A 95 -21.53 -20.54 46.76
CA LEU A 95 -22.20 -21.76 46.32
C LEU A 95 -23.20 -22.24 47.35
N GLU A 96 -22.80 -22.26 48.62
CA GLU A 96 -23.67 -22.84 49.63
C GLU A 96 -24.91 -21.99 49.85
N LEU A 97 -24.76 -20.67 49.82
CA LEU A 97 -25.92 -19.80 49.95
C LEU A 97 -26.85 -19.97 48.77
N SER A 98 -26.30 -20.40 47.63
CA SER A 98 -27.04 -20.49 46.38
C SER A 98 -27.62 -21.86 46.13
N GLU A 99 -27.48 -22.77 47.10
CA GLU A 99 -27.99 -24.13 46.94
C GLU A 99 -29.46 -24.10 46.56
N GLY A 100 -29.80 -24.84 45.52
CA GLY A 100 -31.16 -24.90 45.04
C GLY A 100 -31.45 -24.03 43.85
N SER A 101 -30.50 -23.21 43.40
CA SER A 101 -30.75 -22.30 42.28
C SER A 101 -30.41 -22.94 40.94
N ASP A 102 -31.31 -22.70 39.96
CA ASP A 102 -31.10 -23.16 38.59
C ASP A 102 -30.19 -22.25 37.79
N ASP A 103 -29.86 -21.06 38.29
CA ASP A 103 -29.18 -20.06 37.49
C ASP A 103 -27.70 -20.02 37.89
N ASN A 104 -26.88 -20.63 37.06
CA ASN A 104 -25.46 -20.60 37.30
C ASN A 104 -24.84 -19.27 36.92
N GLU A 105 -25.42 -18.60 35.93
CA GLU A 105 -25.00 -17.25 35.63
C GLU A 105 -25.04 -16.37 36.90
N GLY A 106 -26.13 -16.48 37.68
CA GLY A 106 -26.23 -15.70 38.89
C GLY A 106 -25.11 -15.97 39.87
N ILE A 107 -24.81 -17.24 40.11
CA ILE A 107 -23.73 -17.66 41.00
C ILE A 107 -22.42 -17.04 40.56
N MLY A 108 -22.05 -17.31 39.31
CA MLY A 108 -20.89 -16.69 38.70
CB MLY A 108 -20.92 -16.98 37.22
CG MLY A 108 -20.68 -18.39 36.85
CD MLY A 108 -20.85 -18.52 35.35
CE MLY A 108 -20.82 -19.97 34.94
NZ MLY A 108 -21.19 -20.19 33.53
CH1 MLY A 108 -22.62 -19.91 33.32
CH2 MLY A 108 -20.43 -19.25 32.69
C MLY A 108 -20.86 -15.16 38.92
O MLY A 108 -19.89 -14.63 39.45
N GLU A 109 -21.96 -14.48 38.61
CA GLU A 109 -22.02 -13.01 38.75
C GLU A 109 -21.72 -12.67 40.20
N ARG A 110 -22.50 -13.26 41.11
CA ARG A 110 -22.38 -12.94 42.52
C ARG A 110 -21.00 -13.28 43.01
N THR A 111 -20.40 -14.36 42.52
CA THR A 111 -19.06 -14.70 42.98
C THR A 111 -18.03 -13.69 42.46
N SER A 112 -18.13 -13.28 41.19
CA SER A 112 -17.13 -12.35 40.64
C SER A 112 -17.15 -11.05 41.40
N PHE A 113 -18.36 -10.49 41.57
CA PHE A 113 -18.58 -9.29 42.36
C PHE A 113 -17.95 -9.44 43.73
N ARG A 114 -18.15 -10.59 44.38
CA ARG A 114 -17.58 -10.79 45.70
C ARG A 114 -16.05 -10.77 45.65
N LEU A 115 -15.45 -11.58 44.77
CA LEU A 115 -14.00 -11.70 44.84
C LEU A 115 -13.35 -10.39 44.47
N GLU A 116 -13.80 -9.80 43.35
CA GLU A 116 -13.22 -8.56 42.90
C GLU A 116 -13.35 -7.48 43.96
N ARG A 117 -14.35 -7.58 44.82
CA ARG A 117 -14.47 -6.52 45.78
C ARG A 117 -13.48 -6.73 46.93
N ARG A 118 -13.31 -7.98 47.37
CA ARG A 118 -12.36 -8.22 48.47
C ARG A 118 -10.93 -7.93 48.04
N VAL A 119 -10.56 -8.35 46.84
CA VAL A 119 -9.26 -7.99 46.30
C VAL A 119 -9.07 -6.48 46.38
N ALA A 120 -10.05 -5.72 45.93
CA ALA A 120 -9.92 -4.27 46.01
C ALA A 120 -9.68 -3.84 47.46
N ALA A 121 -10.46 -4.38 48.38
CA ALA A 121 -10.33 -3.98 49.78
C ALA A 121 -8.93 -4.27 50.30
N VAL A 122 -8.36 -5.43 49.93
CA VAL A 122 -7.02 -5.74 50.44
C VAL A 122 -6.01 -4.73 49.91
N GLY A 123 -6.14 -4.34 48.63
CA GLY A 123 -5.27 -3.31 48.10
C GLY A 123 -5.35 -2.04 48.93
N ARG A 124 -6.57 -1.64 49.32
CA ARG A 124 -6.76 -0.46 50.15
C ARG A 124 -6.12 -0.62 51.53
N GLN A 125 -6.02 -1.85 52.05
CA GLN A 125 -5.24 -2.06 53.26
C GLN A 125 -3.75 -1.83 53.00
N MET A 126 -3.25 -2.31 51.86
CA MET A 126 -1.82 -2.24 51.60
C MET A 126 -1.34 -0.78 51.62
N GLY A 127 -2.13 0.12 51.06
CA GLY A 127 -1.71 1.50 50.91
C GLY A 127 -1.79 2.37 52.14
N ARG A 128 -2.34 1.85 53.24
CA ARG A 128 -2.46 2.67 54.44
C ARG A 128 -1.08 3.07 54.93
N GLY A 129 -0.85 4.36 55.07
CA GLY A 129 0.45 4.91 55.39
C GLY A 129 1.18 5.52 54.22
N ASN A 130 0.86 5.13 52.99
CA ASN A 130 1.46 5.79 51.83
C ASN A 130 1.01 7.23 51.71
N GLY A 131 -0.16 7.56 52.23
CA GLY A 131 -0.58 8.94 52.25
C GLY A 131 0.42 9.80 53.00
N TYR A 132 0.93 9.30 54.12
CA TYR A 132 1.92 10.06 54.87
C TYR A 132 3.20 10.23 54.07
N LEU A 133 3.64 9.19 53.36
CA LEU A 133 4.89 9.29 52.59
C LEU A 133 4.76 10.29 51.46
N ALA A 134 3.70 10.15 50.65
CA ALA A 134 3.49 11.10 49.56
C ALA A 134 3.38 12.52 50.10
N THR A 135 2.67 12.71 51.21
CA THR A 135 2.51 14.07 51.73
C THR A 135 3.84 14.62 52.22
N ILE A 136 4.63 13.79 52.91
CA ILE A 136 5.92 14.25 53.43
C ILE A 136 6.86 14.62 52.29
N GLY A 137 6.99 13.75 51.32
CA GLY A 137 7.86 14.05 50.20
C GLY A 137 7.42 15.26 49.40
N ALA A 138 6.12 15.53 49.35
CA ALA A 138 5.64 16.70 48.62
C ALA A 138 5.86 18.00 49.40
N ILE A 139 5.56 17.98 50.70
CA ILE A 139 5.48 19.19 51.51
C ILE A 139 6.76 19.56 52.24
N SER A 140 7.73 18.66 52.35
CA SER A 140 8.93 18.96 53.13
C SER A 140 9.83 20.08 52.58
N PRO A 141 10.10 20.11 51.27
CA PRO A 141 10.88 21.23 50.73
C PRO A 141 10.25 22.60 50.92
N PHE A 142 8.94 22.72 50.72
CA PHE A 142 8.30 24.02 50.93
C PHE A 142 8.21 24.39 52.39
N VAL A 143 8.19 23.42 53.30
CA VAL A 143 8.24 23.73 54.72
C VAL A 143 9.62 24.24 55.10
N GLY A 144 10.67 23.55 54.64
CA GLY A 144 12.01 24.07 54.81
C GLY A 144 12.14 25.48 54.24
N LEU A 145 11.59 25.66 53.04
CA LEU A 145 11.58 26.95 52.38
C LEU A 145 10.90 28.01 53.24
N PHE A 146 9.79 27.66 53.88
CA PHE A 146 9.20 28.58 54.84
C PHE A 146 10.21 28.94 55.92
N GLY A 147 10.88 27.94 56.49
CA GLY A 147 11.85 28.22 57.54
C GLY A 147 12.91 29.23 57.12
N THR A 148 13.54 28.99 55.97
CA THR A 148 14.60 29.91 55.58
C THR A 148 14.04 31.28 55.23
N VAL A 149 12.87 31.33 54.57
CA VAL A 149 12.27 32.62 54.27
C VAL A 149 11.99 33.40 55.57
N TRP A 150 11.44 32.73 56.58
CA TRP A 150 11.20 33.39 57.86
C TRP A 150 12.51 33.87 58.49
N GLY A 151 13.54 33.02 58.46
CA GLY A 151 14.81 33.40 59.05
C GLY A 151 15.43 34.61 58.37
N ILE A 152 15.55 34.56 57.05
CA ILE A 152 16.12 35.68 56.33
C ILE A 152 15.23 36.93 56.45
N MET A 153 13.92 36.75 56.46
CA MET A 153 13.03 37.86 56.71
C MET A 153 13.38 38.53 58.02
N ASN A 154 13.57 37.74 59.07
CA ASN A 154 13.92 38.33 60.35
C ASN A 154 15.29 38.99 60.27
N SER A 155 16.21 38.41 59.49
CA SER A 155 17.53 39.03 59.33
C SER A 155 17.43 40.42 58.73
N PHE A 156 16.69 40.56 57.63
CA PHE A 156 16.58 41.86 56.99
C PHE A 156 15.75 42.84 57.78
N ILE A 157 14.76 42.36 58.54
CA ILE A 157 14.10 43.23 59.50
C ILE A 157 15.13 43.76 60.48
N GLY A 158 16.12 42.93 60.82
CA GLY A 158 17.19 43.38 61.68
C GLY A 158 18.11 44.42 61.04
N ILE A 159 18.60 44.14 59.83
CA ILE A 159 19.63 45.02 59.25
C ILE A 159 19.09 46.44 59.08
N ALA A 160 17.83 46.60 58.69
CA ALA A 160 17.29 47.96 58.70
C ALA A 160 16.49 48.01 59.99
N GLN A 161 17.19 48.33 61.06
CA GLN A 161 16.67 48.84 62.31
C GLN A 161 17.79 49.73 62.80
N THR A 162 18.94 49.06 62.88
CA THR A 162 20.16 49.52 63.48
C THR A 162 20.79 50.82 62.91
N GLN A 163 21.01 51.00 61.59
CA GLN A 163 20.77 50.08 60.48
C GLN A 163 22.08 49.88 59.71
N THR A 164 22.41 48.64 59.39
CA THR A 164 23.79 48.30 59.09
C THR A 164 24.12 48.25 57.60
N THR A 165 25.36 47.87 57.35
CA THR A 165 25.94 47.60 56.04
C THR A 165 26.83 46.40 56.33
N ASN A 166 27.77 46.07 55.45
CA ASN A 166 28.74 45.05 55.83
C ASN A 166 28.09 43.70 56.13
N LEU A 167 27.78 42.97 55.07
CA LEU A 167 27.17 41.65 55.03
C LEU A 167 27.68 40.66 56.07
N ALA A 168 28.96 40.72 56.39
CA ALA A 168 29.53 39.78 57.35
C ALA A 168 28.80 39.77 58.69
N VAL A 169 28.07 40.84 59.02
CA VAL A 169 27.42 40.85 60.33
C VAL A 169 26.13 40.04 60.32
N VAL A 170 25.39 40.01 59.21
CA VAL A 170 24.14 39.26 59.19
C VAL A 170 24.33 37.83 58.72
N ALA A 171 25.53 37.48 58.24
CA ALA A 171 25.78 36.17 57.65
C ALA A 171 25.31 34.99 58.50
N PRO A 172 25.51 34.94 59.82
CA PRO A 172 25.10 33.73 60.57
C PRO A 172 23.61 33.42 60.49
N GLY A 173 22.75 34.44 60.62
CA GLY A 173 21.32 34.20 60.48
C GLY A 173 20.96 33.66 59.12
N ILE A 174 21.65 34.14 58.09
CA ILE A 174 21.42 33.64 56.73
C ILE A 174 21.80 32.17 56.63
N ALA A 175 22.99 31.82 57.13
CA ALA A 175 23.42 30.43 57.10
C ALA A 175 22.46 29.54 57.89
N GLU A 176 22.10 29.97 59.10
CA GLU A 176 21.13 29.26 59.92
C GLU A 176 19.80 29.08 59.19
N ALA A 177 19.38 30.09 58.42
CA ALA A 177 18.14 29.97 57.67
C ALA A 177 18.27 28.90 56.59
N LEU A 178 19.34 28.95 55.79
CA LEU A 178 19.53 27.96 54.73
C LEU A 178 19.52 26.52 55.27
N LEU A 179 20.06 26.30 56.47
CA LEU A 179 20.04 24.95 57.02
C LEU A 179 18.62 24.38 57.04
N ALA A 180 17.61 25.25 57.19
CA ALA A 180 16.23 24.78 57.13
C ALA A 180 15.89 24.18 55.78
N THR A 181 16.24 24.84 54.68
CA THR A 181 15.95 24.25 53.36
C THR A 181 16.71 22.94 53.17
N ALA A 182 17.99 22.90 53.57
CA ALA A 182 18.73 21.64 53.45
C ALA A 182 18.00 20.51 54.17
N ILE A 183 17.57 20.75 55.41
CA ILE A 183 16.86 19.72 56.14
C ILE A 183 15.55 19.37 55.44
N GLY A 184 14.89 20.36 54.83
CA GLY A 184 13.68 20.07 54.08
C GLY A 184 13.91 19.11 52.93
N LEU A 185 14.98 19.34 52.18
CA LEU A 185 15.30 18.43 51.07
C LEU A 185 15.69 17.05 51.57
N VAL A 186 16.52 16.98 52.62
CA VAL A 186 16.99 15.70 53.15
C VAL A 186 15.83 14.88 53.71
N ALA A 187 14.75 15.55 54.14
CA ALA A 187 13.54 14.83 54.56
C ALA A 187 12.74 14.35 53.37
N ALA A 188 12.61 15.20 52.34
CA ALA A 188 11.71 14.88 51.22
C ALA A 188 12.27 13.76 50.34
N ILE A 189 13.55 13.83 50.00
CA ILE A 189 14.05 12.92 48.96
C ILE A 189 13.82 11.46 49.33
N PRO A 190 14.27 10.95 50.49
CA PRO A 190 14.02 9.55 50.81
C PRO A 190 12.54 9.22 50.91
N ALA A 191 11.71 10.19 51.31
CA ALA A 191 10.27 9.97 51.31
C ALA A 191 9.75 9.72 49.90
N VAL A 192 10.22 10.50 48.93
CA VAL A 192 9.77 10.33 47.54
C VAL A 192 10.21 8.96 47.01
N VAL A 193 11.47 8.61 47.25
CA VAL A 193 11.97 7.32 46.78
C VAL A 193 11.17 6.18 47.38
N ILE A 194 11.00 6.21 48.70
CA ILE A 194 10.27 5.15 49.37
C ILE A 194 8.84 5.07 48.86
N TYR A 195 8.20 6.21 48.68
CA TYR A 195 6.87 6.18 48.14
C TYR A 195 6.85 5.47 46.79
N ASN A 196 7.83 5.75 45.92
CA ASN A 196 7.82 5.14 44.59
C ASN A 196 7.95 3.62 44.67
N VAL A 197 8.92 3.14 45.45
CA VAL A 197 9.06 1.68 45.53
C VAL A 197 7.80 1.04 46.10
N PHE A 198 7.24 1.63 47.17
CA PHE A 198 6.05 1.02 47.78
C PHE A 198 4.86 1.02 46.82
N ALA A 199 4.73 2.05 45.98
CA ALA A 199 3.68 2.04 44.98
C ALA A 199 3.87 0.90 43.99
N ARG A 200 5.11 0.70 43.52
CA ARG A 200 5.38 -0.39 42.60
C ARG A 200 5.05 -1.76 43.22
N GLN A 201 5.45 -1.96 44.48
CA GLN A 201 5.23 -3.25 45.12
C GLN A 201 3.77 -3.49 45.43
N ILE A 202 3.05 -2.48 45.91
CA ILE A 202 1.64 -2.66 46.17
C ILE A 202 0.92 -3.02 44.88
N GLY A 203 1.30 -2.37 43.78
CA GLY A 203 0.73 -2.76 42.50
C GLY A 203 1.01 -4.22 42.17
N GLY A 204 2.25 -4.65 42.36
CA GLY A 204 2.58 -6.03 42.05
C GLY A 204 1.81 -7.02 42.93
N PHE A 205 1.64 -6.67 44.20
CA PHE A 205 0.89 -7.51 45.11
C PHE A 205 -0.56 -7.62 44.67
N LYS A 206 -1.18 -6.49 44.32
CA LYS A 206 -2.54 -6.53 43.81
C LYS A 206 -2.64 -7.46 42.62
N ALA A 207 -1.70 -7.35 41.70
CA ALA A 207 -1.71 -8.18 40.50
C ALA A 207 -1.67 -9.69 40.85
N MET A 208 -0.80 -10.07 41.78
CA MET A 208 -0.72 -11.47 42.22
C MET A 208 -2.04 -11.94 42.86
N LEU A 209 -2.62 -11.13 43.76
CA LEU A 209 -3.87 -11.47 44.42
C LEU A 209 -5.01 -11.66 43.43
N GLY A 210 -5.12 -10.74 42.45
CA GLY A 210 -6.08 -10.89 41.38
C GLY A 210 -5.83 -12.14 40.56
N ASP A 211 -4.56 -12.58 40.49
CA ASP A 211 -4.26 -13.83 39.79
C ASP A 211 -4.89 -15.02 40.51
N VAL A 212 -4.76 -15.06 41.83
CA VAL A 212 -5.41 -16.12 42.61
C VAL A 212 -6.94 -16.04 42.48
N ALA A 213 -7.50 -14.83 42.63
CA ALA A 213 -8.94 -14.66 42.51
C ALA A 213 -9.46 -15.17 41.17
N ALA A 214 -8.71 -14.88 40.10
CA ALA A 214 -9.05 -15.36 38.76
C ALA A 214 -8.99 -16.89 38.68
N GLN A 215 -7.96 -17.51 39.28
CA GLN A 215 -7.91 -18.97 39.36
C GLN A 215 -9.21 -19.52 39.95
N VAL A 216 -9.66 -18.87 41.04
CA VAL A 216 -10.88 -19.29 41.72
C VAL A 216 -12.10 -19.15 40.80
N LEU A 217 -12.26 -17.99 40.18
CA LEU A 217 -13.41 -17.79 39.29
C LEU A 217 -13.40 -18.78 38.14
N LEU A 218 -12.23 -19.00 37.54
CA LEU A 218 -12.12 -19.91 36.40
C LEU A 218 -12.52 -21.32 36.78
N LEU A 219 -12.00 -21.80 37.91
CA LEU A 219 -12.41 -23.12 38.39
C LEU A 219 -13.91 -23.17 38.65
N GLN A 220 -14.46 -22.17 39.34
CA GLN A 220 -15.89 -22.18 39.62
C GLN A 220 -16.72 -22.22 38.32
N SER A 221 -16.40 -21.33 37.37
CA SER A 221 -17.11 -21.25 36.09
C SER A 221 -17.05 -22.58 35.33
N ARG A 222 -15.84 -23.13 35.18
CA ARG A 222 -15.71 -24.41 34.48
C ARG A 222 -16.49 -25.51 35.19
N ASP A 223 -16.44 -25.55 36.51
CA ASP A 223 -17.14 -26.59 37.24
C ASP A 223 -18.64 -26.50 37.03
N LEU A 224 -19.21 -25.28 37.16
CA LEU A 224 -20.65 -25.14 36.95
C LEU A 224 -21.05 -25.64 35.58
N ASP A 225 -20.28 -25.25 34.54
CA ASP A 225 -20.67 -25.63 33.18
C ASP A 225 -20.56 -27.13 32.98
N LEU A 226 -19.48 -27.74 33.47
CA LEU A 226 -19.32 -29.18 33.25
C LEU A 226 -20.38 -29.97 33.98
N GLU A 227 -20.72 -29.57 35.22
CA GLU A 227 -21.79 -30.23 35.97
C GLU A 227 -23.14 -30.07 35.28
N ALA A 228 -23.46 -28.87 34.80
CA ALA A 228 -24.74 -28.67 34.11
C ALA A 228 -24.81 -29.55 32.86
N SER A 229 -23.70 -29.71 32.17
CA SER A 229 -23.69 -30.53 30.98
C SER A 229 -23.84 -32.01 31.34
N ALA A 230 -23.21 -32.44 32.43
CA ALA A 230 -23.36 -33.83 32.84
C ALA A 230 -24.76 -34.13 33.34
N ALA A 231 -25.45 -33.12 33.88
CA ALA A 231 -26.80 -33.28 34.36
C ALA A 231 -27.83 -33.27 33.23
N ALA A 232 -27.58 -32.50 32.17
CA ALA A 232 -28.56 -32.40 31.08
C ALA A 232 -28.66 -33.70 30.27
N HIS A 233 -27.55 -34.41 30.09
CA HIS A 233 -27.51 -35.62 29.28
C HIS A 233 -26.89 -36.76 30.08
N PRO A 234 -27.72 -37.62 30.71
CA PRO A 234 -27.29 -38.77 31.52
C PRO A 234 -26.61 -39.85 30.69
N SER B 11 6.99 39.16 66.21
CA SER B 11 6.34 40.47 66.17
C SER B 11 5.42 40.58 64.95
N VAL B 12 4.35 39.77 64.92
CA VAL B 12 3.53 39.66 63.72
C VAL B 12 2.52 40.80 63.61
N TRP B 13 1.88 41.15 64.74
CA TRP B 13 1.04 42.35 64.77
C TRP B 13 1.85 43.59 64.44
N GLY B 14 3.14 43.61 64.83
CA GLY B 14 4.01 44.72 64.48
C GLY B 14 4.45 44.70 63.03
N MET B 15 4.65 43.50 62.48
CA MET B 15 4.86 43.36 61.05
C MET B 15 3.65 43.79 60.23
N TYR B 16 2.45 43.74 60.82
CA TYR B 16 1.21 43.69 60.03
C TYR B 16 1.01 45.00 59.27
N GLN B 17 0.71 46.09 59.96
CA GLN B 17 1.01 47.38 59.33
C GLN B 17 2.20 47.93 60.11
N HIS B 18 3.38 47.51 59.67
CA HIS B 18 4.56 48.33 59.55
C HIS B 18 4.85 48.61 58.08
N ALA B 19 3.94 48.17 57.21
CA ALA B 19 4.23 47.76 55.85
C ALA B 19 3.28 48.46 54.88
N ASP B 20 3.55 48.22 53.59
CA ASP B 20 2.86 48.84 52.46
C ASP B 20 1.37 48.47 52.41
N ILE B 21 0.61 49.34 51.75
CA ILE B 21 -0.83 49.15 51.60
C ILE B 21 -1.12 47.90 50.75
N VAL B 22 -0.36 47.70 49.67
CA VAL B 22 -0.54 46.48 48.87
C VAL B 22 -0.26 45.24 49.70
N VAL B 23 0.86 45.24 50.42
CA VAL B 23 1.21 44.08 51.22
C VAL B 23 0.26 43.93 52.41
N LYS B 24 -0.35 45.04 52.88
CA LYS B 24 -1.44 44.92 53.84
C LYS B 24 -2.58 44.11 53.23
N CYS B 25 -2.86 44.33 51.95
CA CYS B 25 -3.90 43.57 51.26
C CYS B 25 -3.51 42.10 51.14
N VAL B 26 -2.29 41.83 50.69
CA VAL B 26 -1.82 40.45 50.57
C VAL B 26 -1.94 39.73 51.89
N MET B 27 -1.43 40.35 52.96
CA MET B 27 -1.47 39.69 54.27
C MET B 27 -2.91 39.44 54.69
N ILE B 28 -3.77 40.45 54.59
CA ILE B 28 -5.12 40.26 55.10
C ILE B 28 -5.88 39.23 54.26
N GLY B 29 -5.77 39.32 52.93
CA GLY B 29 -6.45 38.35 52.09
C GLY B 29 -5.99 36.93 52.35
N LEU B 30 -4.68 36.73 52.41
CA LEU B 30 -4.17 35.41 52.70
C LEU B 30 -4.60 34.94 54.09
N ILE B 31 -4.58 35.85 55.07
CA ILE B 31 -5.07 35.53 56.41
C ILE B 31 -6.46 34.93 56.32
N LEU B 32 -7.37 35.62 55.64
CA LEU B 32 -8.72 35.12 55.47
C LEU B 32 -8.73 33.76 54.78
N ALA B 33 -7.91 33.61 53.73
CA ALA B 33 -7.80 32.31 53.07
C ALA B 33 -7.50 31.21 54.09
N SER B 34 -6.55 31.47 54.99
CA SER B 34 -6.24 30.50 56.04
C SER B 34 -7.44 30.20 56.92
N VAL B 35 -8.17 31.24 57.36
CA VAL B 35 -9.28 31.01 58.28
C VAL B 35 -10.38 30.18 57.62
N VAL B 36 -10.75 30.51 56.37
CA VAL B 36 -11.75 29.68 55.71
C VAL B 36 -11.22 28.26 55.55
N THR B 37 -9.92 28.12 55.23
CA THR B 37 -9.32 26.79 55.11
C THR B 37 -9.57 25.96 56.36
N TRP B 38 -9.24 26.53 57.53
CA TRP B 38 -9.33 25.76 58.76
C TRP B 38 -10.76 25.57 59.25
N ALA B 39 -11.64 26.54 59.00
CA ALA B 39 -13.05 26.30 59.32
C ALA B 39 -13.57 25.11 58.53
N ILE B 40 -13.38 25.14 57.21
CA ILE B 40 -13.75 24.02 56.37
C ILE B 40 -13.17 22.73 56.94
N PHE B 41 -11.91 22.77 57.37
CA PHE B 41 -11.26 21.56 57.88
C PHE B 41 -11.99 21.02 59.09
N PHE B 42 -12.30 21.88 60.06
CA PHE B 42 -12.88 21.39 61.31
C PHE B 42 -14.33 20.92 61.14
N SER B 43 -15.15 21.70 60.45
CA SER B 43 -16.53 21.26 60.28
C SER B 43 -16.60 19.99 59.43
N LYS B 44 -16.04 20.01 58.22
CA LYS B 44 -16.18 18.82 57.39
C LYS B 44 -15.41 17.64 57.97
N SER B 45 -14.31 17.87 58.69
CA SER B 45 -13.57 16.76 59.26
C SER B 45 -14.40 16.04 60.32
N VAL B 46 -15.03 16.78 61.23
CA VAL B 46 -15.87 16.12 62.23
C VAL B 46 -17.05 15.44 61.56
N GLU B 47 -17.61 16.09 60.52
CA GLU B 47 -18.68 15.48 59.74
C GLU B 47 -18.26 14.11 59.20
N PHE B 48 -17.04 14.02 58.65
CA PHE B 48 -16.58 12.75 58.11
C PHE B 48 -16.39 11.71 59.20
N PHE B 49 -15.90 12.13 60.38
CA PHE B 49 -15.80 11.17 61.46
C PHE B 49 -17.15 10.55 61.80
N ASN B 50 -18.18 11.41 61.92
CA ASN B 50 -19.51 10.93 62.31
C ASN B 50 -20.13 10.04 61.25
N GLN B 51 -20.14 10.53 60.00
CA GLN B 51 -20.72 9.74 58.92
C GLN B 51 -20.05 8.39 58.83
N LYS B 52 -18.72 8.37 58.92
CA LYS B 52 -18.02 7.10 58.79
C LYS B 52 -18.38 6.17 59.94
N ARG B 53 -18.47 6.71 61.15
CA ARG B 53 -18.77 5.88 62.31
C ARG B 53 -20.16 5.25 62.18
N ARG B 54 -21.16 6.08 61.85
CA ARG B 54 -22.52 5.58 61.65
C ARG B 54 -22.58 4.50 60.57
N LEU B 55 -21.99 4.77 59.40
CA LEU B 55 -22.06 3.80 58.32
C LEU B 55 -21.39 2.48 58.72
N LYS B 56 -20.24 2.54 59.38
CA LYS B 56 -19.57 1.31 59.76
C LYS B 56 -20.43 0.48 60.70
N ARG B 57 -21.12 1.15 61.64
CA ARG B 57 -22.02 0.44 62.57
C ARG B 57 -23.16 -0.26 61.83
N GLU B 58 -23.87 0.48 60.94
CA GLU B 58 -24.95 -0.11 60.14
C GLU B 58 -24.45 -1.29 59.30
N GLN B 59 -23.22 -1.18 58.77
CA GLN B 59 -22.67 -2.27 57.98
C GLN B 59 -22.49 -3.54 58.83
N GLN B 60 -21.98 -3.38 60.05
CA GLN B 60 -21.87 -4.54 60.94
C GLN B 60 -23.24 -5.17 61.17
N LEU B 61 -24.24 -4.37 61.57
CA LEU B 61 -25.54 -4.96 61.88
C LEU B 61 -26.12 -5.69 60.67
N LEU B 62 -25.93 -5.14 59.47
CA LEU B 62 -26.50 -5.77 58.28
C LEU B 62 -25.70 -6.98 57.81
N ALA B 63 -24.47 -7.16 58.28
CA ALA B 63 -23.74 -8.35 57.88
C ALA B 63 -24.47 -9.63 58.31
N GLU B 64 -25.32 -9.52 59.32
CA GLU B 64 -26.04 -10.67 59.87
C GLU B 64 -27.25 -11.06 59.04
N ALA B 65 -27.50 -10.41 57.90
CA ALA B 65 -28.70 -10.67 57.14
C ALA B 65 -28.48 -11.78 56.14
N ARG B 66 -29.33 -12.80 56.17
CA ARG B 66 -29.32 -13.85 55.18
C ARG B 66 -30.37 -13.68 54.09
N SER B 67 -31.21 -12.64 54.14
CA SER B 67 -32.07 -12.36 52.99
C SER B 67 -32.34 -10.86 52.94
N LEU B 68 -33.08 -10.44 51.90
CA LEU B 68 -33.33 -9.01 51.74
C LEU B 68 -34.38 -8.54 52.74
N ASN B 69 -35.42 -9.35 52.94
CA ASN B 69 -36.45 -9.03 53.91
C ASN B 69 -35.84 -8.87 55.29
N GLN B 70 -34.87 -9.72 55.62
CA GLN B 70 -34.19 -9.58 56.90
C GLN B 70 -33.34 -8.31 56.95
N ALA B 71 -32.72 -7.93 55.83
CA ALA B 71 -31.95 -6.70 55.81
C ALA B 71 -32.85 -5.50 56.07
N ASN B 72 -34.02 -5.50 55.44
CA ASN B 72 -35.01 -4.46 55.68
C ASN B 72 -35.47 -4.45 57.13
N ASP B 73 -35.61 -5.63 57.75
CA ASP B 73 -35.99 -5.66 59.16
C ASP B 73 -34.87 -5.07 60.03
N ILE B 74 -33.62 -5.43 59.73
CA ILE B 74 -32.49 -4.93 60.52
C ILE B 74 -32.36 -3.42 60.40
N ALA B 75 -32.55 -2.88 59.21
CA ALA B 75 -32.34 -1.46 58.98
C ALA B 75 -33.55 -0.61 59.33
N ALA B 76 -34.65 -1.22 59.78
CA ALA B 76 -35.90 -0.50 59.97
C ALA B 76 -35.73 0.77 60.80
N ASP B 77 -35.02 0.66 61.92
CA ASP B 77 -34.86 1.75 62.89
C ASP B 77 -33.57 2.51 62.73
N PHE B 78 -32.86 2.33 61.61
CA PHE B 78 -31.61 3.03 61.35
C PHE B 78 -31.74 4.55 61.37
N GLY B 79 -32.94 5.09 61.37
CA GLY B 79 -33.01 6.53 61.31
C GLY B 79 -33.47 7.04 59.96
N SER B 80 -33.92 8.29 59.96
CA SER B 80 -34.52 8.87 58.76
C SER B 80 -33.49 9.16 57.69
N LYS B 81 -32.29 9.58 58.08
CA LYS B 81 -31.25 9.97 57.15
C LYS B 81 -30.25 8.87 56.84
N SER B 82 -30.49 7.64 57.30
CA SER B 82 -29.54 6.55 57.11
C SER B 82 -29.26 6.25 55.63
N LEU B 83 -27.97 6.12 55.29
CA LEU B 83 -27.56 5.82 53.91
C LEU B 83 -27.86 4.37 53.52
N SER B 84 -27.61 3.43 54.45
CA SER B 84 -27.97 2.04 54.20
C SER B 84 -29.47 1.89 53.98
N LEU B 85 -30.27 2.56 54.82
CA LEU B 85 -31.71 2.53 54.65
C LEU B 85 -32.12 3.09 53.28
N HIS B 86 -31.45 4.14 52.83
CA HIS B 86 -31.78 4.68 51.51
C HIS B 86 -31.47 3.66 50.42
N LEU B 87 -30.34 2.96 50.51
CA LEU B 87 -30.05 1.95 49.49
C LEU B 87 -31.08 0.84 49.50
N LEU B 88 -31.39 0.29 50.69
CA LEU B 88 -32.40 -0.75 50.78
C LEU B 88 -33.74 -0.29 50.19
N ASN B 89 -34.14 0.93 50.52
CA ASN B 89 -35.39 1.45 50.00
C ASN B 89 -35.35 1.68 48.49
N GLU B 90 -34.22 2.04 47.93
CA GLU B 90 -34.16 2.18 46.49
C GLU B 90 -34.45 0.83 45.83
N ALA B 91 -33.84 -0.24 46.37
CA ALA B 91 -34.06 -1.59 45.85
C ALA B 91 -35.51 -2.04 46.05
N GLN B 92 -36.10 -1.74 47.21
CA GLN B 92 -37.49 -2.07 47.45
C GLN B 92 -38.37 -1.39 46.42
N ASN B 93 -38.01 -0.15 46.06
CA ASN B 93 -38.78 0.61 45.09
C ASN B 93 -38.72 -0.04 43.72
N GLU B 94 -37.54 -0.54 43.32
CA GLU B 94 -37.45 -1.21 42.03
C GLU B 94 -38.29 -2.47 42.02
N LEU B 95 -38.23 -3.26 43.10
CA LEU B 95 -39.10 -4.43 43.20
C LEU B 95 -40.58 -4.05 43.09
N GLU B 96 -40.99 -2.98 43.75
CA GLU B 96 -42.40 -2.61 43.72
C GLU B 96 -42.81 -2.16 42.33
N LEU B 97 -41.96 -1.38 41.65
CA LEU B 97 -42.28 -0.89 40.31
C LEU B 97 -42.29 -2.00 39.26
N SER B 98 -41.51 -3.04 39.49
CA SER B 98 -41.32 -4.13 38.54
C SER B 98 -42.27 -5.29 38.79
N GLU B 99 -43.19 -5.14 39.74
CA GLU B 99 -44.12 -6.20 40.14
C GLU B 99 -44.92 -6.77 38.97
N GLY B 100 -44.83 -8.08 38.77
CA GLY B 100 -45.54 -8.73 37.71
C GLY B 100 -44.66 -9.12 36.55
N SER B 101 -43.41 -8.70 36.58
CA SER B 101 -42.46 -8.92 35.50
C SER B 101 -41.81 -10.29 35.62
N ASP B 102 -41.67 -10.97 34.48
CA ASP B 102 -41.00 -12.25 34.41
C ASP B 102 -39.49 -12.14 34.36
N ASP B 103 -38.93 -10.96 34.10
CA ASP B 103 -37.51 -10.84 33.82
C ASP B 103 -36.76 -10.34 35.04
N ASN B 104 -36.07 -11.26 35.71
CA ASN B 104 -35.28 -10.90 36.88
C ASN B 104 -33.95 -10.28 36.49
N GLU B 105 -33.40 -10.65 35.34
CA GLU B 105 -32.22 -9.96 34.85
C GLU B 105 -32.48 -8.44 34.79
N GLY B 106 -33.65 -8.04 34.24
CA GLY B 106 -34.04 -6.65 34.18
C GLY B 106 -34.09 -5.95 35.54
N ILE B 107 -34.67 -6.60 36.54
CA ILE B 107 -34.71 -6.07 37.89
C ILE B 107 -33.29 -5.84 38.47
N MLY B 108 -32.46 -6.88 38.46
CA MLY B 108 -31.05 -6.82 38.87
CB MLY B 108 -30.37 -8.14 38.50
CG MLY B 108 -30.81 -9.37 39.29
CD MLY B 108 -30.20 -10.62 38.66
CE MLY B 108 -30.82 -11.91 39.21
NZ MLY B 108 -30.43 -13.15 38.41
CH1 MLY B 108 -31.10 -13.26 37.09
CH2 MLY B 108 -28.97 -13.08 38.19
C MLY B 108 -30.29 -5.64 38.22
O MLY B 108 -29.78 -4.75 38.91
N GLU B 109 -30.27 -5.62 36.88
CA GLU B 109 -29.69 -4.52 36.13
C GLU B 109 -30.21 -3.17 36.64
N ARG B 110 -31.54 -2.98 36.64
CA ARG B 110 -32.07 -1.67 37.00
C ARG B 110 -31.68 -1.33 38.42
N THR B 111 -31.57 -2.33 39.28
CA THR B 111 -31.25 -2.05 40.67
C THR B 111 -29.81 -1.58 40.79
N SER B 112 -28.88 -2.28 40.13
CA SER B 112 -27.47 -1.92 40.26
C SER B 112 -27.25 -0.51 39.73
N PHE B 113 -27.79 -0.25 38.55
CA PHE B 113 -27.74 1.08 37.96
C PHE B 113 -28.18 2.11 38.98
N ARG B 114 -29.33 1.88 39.63
CA ARG B 114 -29.82 2.89 40.58
C ARG B 114 -28.84 3.04 41.75
N LEU B 115 -28.43 1.90 42.34
CA LEU B 115 -27.65 1.96 43.57
C LEU B 115 -26.27 2.55 43.32
N GLU B 116 -25.59 2.08 42.29
CA GLU B 116 -24.27 2.65 42.01
C GLU B 116 -24.40 4.14 41.70
N ARG B 117 -25.47 4.51 40.99
CA ARG B 117 -25.71 5.90 40.69
C ARG B 117 -25.89 6.69 41.99
N ARG B 118 -26.39 6.03 43.04
CA ARG B 118 -26.57 6.68 44.33
C ARG B 118 -25.25 6.87 45.04
N VAL B 119 -24.39 5.85 45.03
CA VAL B 119 -23.10 5.99 45.71
C VAL B 119 -22.35 7.18 45.14
N ALA B 120 -22.32 7.27 43.81
CA ALA B 120 -21.66 8.38 43.16
C ALA B 120 -22.18 9.70 43.68
N ALA B 121 -23.50 9.85 43.73
CA ALA B 121 -24.07 11.14 44.15
C ALA B 121 -23.67 11.47 45.58
N VAL B 122 -23.65 10.47 46.48
CA VAL B 122 -23.26 10.76 47.85
C VAL B 122 -21.81 11.19 47.86
N GLY B 123 -20.98 10.53 47.04
CA GLY B 123 -19.61 10.97 46.90
C GLY B 123 -19.52 12.42 46.47
N ARG B 124 -20.36 12.81 45.50
CA ARG B 124 -20.29 14.18 44.99
C ARG B 124 -20.62 15.19 46.08
N GLN B 125 -21.54 14.89 46.99
CA GLN B 125 -21.86 15.90 47.97
C GLN B 125 -20.93 15.92 49.15
N MET B 126 -20.08 14.91 49.30
CA MET B 126 -19.07 14.94 50.34
C MET B 126 -17.94 15.89 50.00
N GLY B 127 -17.70 16.10 48.71
CA GLY B 127 -16.59 16.91 48.27
C GLY B 127 -17.04 18.32 47.97
N ARG B 128 -18.25 18.65 48.42
CA ARG B 128 -18.84 19.95 48.11
C ARG B 128 -17.92 21.10 48.55
N GLY B 129 -17.50 21.10 49.81
CA GLY B 129 -16.61 22.17 50.24
C GLY B 129 -15.21 22.14 49.61
N ASN B 130 -14.78 20.96 49.12
CA ASN B 130 -13.41 20.82 48.60
C ASN B 130 -13.08 21.81 47.51
N GLY B 131 -14.07 22.26 46.75
CA GLY B 131 -13.78 23.24 45.72
C GLY B 131 -13.02 24.42 46.27
N TYR B 132 -13.52 25.01 47.36
CA TYR B 132 -12.85 26.17 47.93
C TYR B 132 -11.38 25.86 48.24
N LEU B 133 -11.13 24.73 48.90
CA LEU B 133 -9.75 24.36 49.24
C LEU B 133 -8.90 24.29 47.99
N ALA B 134 -9.39 23.58 46.98
CA ALA B 134 -8.62 23.43 45.76
C ALA B 134 -8.26 24.78 45.17
N THR B 135 -9.20 25.73 45.18
CA THR B 135 -8.83 26.99 44.58
C THR B 135 -7.91 27.79 45.50
N ILE B 136 -8.10 27.73 46.83
CA ILE B 136 -7.26 28.51 47.72
C ILE B 136 -5.80 28.10 47.58
N GLY B 137 -5.55 26.79 47.73
CA GLY B 137 -4.21 26.26 47.52
C GLY B 137 -3.72 26.54 46.12
N ALA B 138 -4.65 26.72 45.16
CA ALA B 138 -4.24 27.06 43.81
C ALA B 138 -3.75 28.50 43.74
N ILE B 139 -4.52 29.46 44.29
CA ILE B 139 -4.15 30.85 44.05
C ILE B 139 -3.29 31.45 45.15
N SER B 140 -3.12 30.77 46.29
CA SER B 140 -2.36 31.38 47.37
C SER B 140 -0.91 31.66 47.01
N PRO B 141 -0.16 30.76 46.36
CA PRO B 141 1.22 31.16 45.97
C PRO B 141 1.25 32.30 44.98
N PHE B 142 0.40 32.28 43.96
CA PHE B 142 0.28 33.42 43.05
C PHE B 142 0.16 34.73 43.82
N VAL B 143 -0.87 34.85 44.65
CA VAL B 143 -1.04 36.07 45.45
C VAL B 143 0.24 36.35 46.23
N GLY B 144 0.73 35.32 46.94
CA GLY B 144 1.96 35.50 47.68
C GLY B 144 3.06 36.02 46.80
N LEU B 145 3.25 35.38 45.63
CA LEU B 145 4.31 35.79 44.72
C LEU B 145 4.15 37.23 44.30
N PHE B 146 2.92 37.66 44.04
CA PHE B 146 2.71 39.06 43.71
C PHE B 146 3.27 39.94 44.81
N GLY B 147 2.87 39.67 46.06
CA GLY B 147 3.38 40.45 47.17
C GLY B 147 4.89 40.54 47.13
N THR B 148 5.57 39.39 46.97
CA THR B 148 7.03 39.44 47.01
C THR B 148 7.60 40.19 45.81
N VAL B 149 7.02 40.00 44.62
CA VAL B 149 7.47 40.76 43.45
C VAL B 149 7.30 42.26 43.74
N TRP B 150 6.23 42.61 44.45
CA TRP B 150 6.03 44.00 44.82
C TRP B 150 7.17 44.48 45.71
N GLY B 151 7.52 43.65 46.71
CA GLY B 151 8.55 44.05 47.68
C GLY B 151 9.88 44.33 47.02
N ILE B 152 10.36 43.37 46.23
CA ILE B 152 11.64 43.58 45.54
C ILE B 152 11.56 44.78 44.62
N MET B 153 10.39 44.99 43.98
CA MET B 153 10.26 46.17 43.14
C MET B 153 10.50 47.42 43.96
N ASN B 154 9.87 47.49 45.15
CA ASN B 154 10.05 48.67 45.98
C ASN B 154 11.52 48.86 46.33
N SER B 155 12.23 47.75 46.51
CA SER B 155 13.65 47.78 46.83
C SER B 155 14.43 48.57 45.78
N PHE B 156 14.14 48.33 44.50
CA PHE B 156 14.84 49.07 43.46
C PHE B 156 14.42 50.54 43.44
N ILE B 157 13.15 50.83 43.76
CA ILE B 157 12.76 52.22 43.90
C ILE B 157 13.57 52.89 44.98
N GLY B 158 13.91 52.14 46.04
CA GLY B 158 14.76 52.72 47.06
C GLY B 158 16.12 53.10 46.49
N ILE B 159 16.74 52.17 45.77
CA ILE B 159 18.03 52.47 45.17
C ILE B 159 17.89 53.65 44.24
N ALA B 160 16.71 53.83 43.64
CA ALA B 160 16.56 54.93 42.71
C ALA B 160 16.29 56.24 43.46
N GLN B 161 15.47 56.20 44.51
CA GLN B 161 15.18 57.45 45.20
C GLN B 161 16.27 57.84 46.19
N THR B 162 16.92 56.85 46.80
CA THR B 162 17.98 57.16 47.75
C THR B 162 19.31 57.45 47.05
N GLN B 163 19.58 56.81 45.92
CA GLN B 163 20.82 56.90 45.15
C GLN B 163 22.02 56.26 45.84
N THR B 164 21.86 55.72 47.05
CA THR B 164 22.90 54.93 47.71
C THR B 164 22.50 53.46 47.68
N THR B 165 23.42 52.62 47.19
CA THR B 165 23.21 51.20 46.91
C THR B 165 23.61 50.27 48.08
N ASN B 166 23.72 50.79 49.30
CA ASN B 166 24.08 49.95 50.43
C ASN B 166 22.97 48.93 50.75
N LEU B 167 23.17 48.15 51.83
CA LEU B 167 22.22 47.13 52.26
C LEU B 167 21.03 47.69 53.03
N ALA B 168 21.28 48.71 53.86
CA ALA B 168 20.20 49.26 54.69
C ALA B 168 19.06 49.82 53.87
N VAL B 169 19.32 50.21 52.62
CA VAL B 169 18.25 50.81 51.83
C VAL B 169 17.32 49.74 51.26
N VAL B 170 17.88 48.60 50.85
CA VAL B 170 17.12 47.53 50.19
C VAL B 170 16.37 46.64 51.20
N ALA B 171 16.83 46.66 52.45
CA ALA B 171 16.26 45.80 53.49
C ALA B 171 14.74 45.88 53.62
N PRO B 172 14.11 47.06 53.63
CA PRO B 172 12.64 47.05 53.83
C PRO B 172 11.90 46.30 52.73
N GLY B 173 12.24 46.57 51.47
CA GLY B 173 11.60 45.86 50.39
C GLY B 173 11.84 44.37 50.46
N ILE B 174 13.06 43.98 50.81
CA ILE B 174 13.31 42.55 50.92
C ILE B 174 12.49 41.93 52.07
N ALA B 175 12.42 42.63 53.21
CA ALA B 175 11.65 42.12 54.35
C ALA B 175 10.18 41.92 53.98
N GLU B 176 9.56 42.96 53.43
CA GLU B 176 8.20 42.89 52.93
C GLU B 176 8.01 41.71 52.00
N ALA B 177 8.81 41.65 50.94
CA ALA B 177 8.71 40.58 49.97
C ALA B 177 8.74 39.21 50.65
N LEU B 178 9.75 38.98 51.49
CA LEU B 178 9.86 37.69 52.17
C LEU B 178 8.62 37.41 53.01
N LEU B 179 8.10 38.42 53.73
CA LEU B 179 6.89 38.20 54.52
C LEU B 179 5.72 37.74 53.65
N ALA B 180 5.61 38.32 52.45
CA ALA B 180 4.55 37.91 51.53
C ALA B 180 4.74 36.46 51.12
N THR B 181 5.97 36.06 50.82
CA THR B 181 6.22 34.67 50.47
C THR B 181 5.88 33.74 51.62
N ALA B 182 6.31 34.09 52.83
CA ALA B 182 6.04 33.27 54.00
C ALA B 182 4.55 33.06 54.20
N ILE B 183 3.79 34.15 54.16
CA ILE B 183 2.35 34.02 54.36
C ILE B 183 1.73 33.26 53.21
N GLY B 184 2.22 33.46 52.00
CA GLY B 184 1.73 32.69 50.87
C GLY B 184 1.90 31.19 51.09
N LEU B 185 3.03 30.78 51.65
CA LEU B 185 3.22 29.36 51.96
C LEU B 185 2.26 28.90 53.05
N VAL B 186 2.10 29.70 54.11
CA VAL B 186 1.22 29.31 55.21
C VAL B 186 -0.21 29.14 54.75
N ALA B 187 -0.65 29.93 53.76
CA ALA B 187 -1.99 29.76 53.21
C ALA B 187 -2.06 28.62 52.21
N ALA B 188 -1.04 28.47 51.36
CA ALA B 188 -1.12 27.50 50.27
C ALA B 188 -1.00 26.07 50.77
N ILE B 189 0.03 25.78 51.59
CA ILE B 189 0.35 24.39 51.91
C ILE B 189 -0.78 23.65 52.62
N PRO B 190 -1.36 24.16 53.73
CA PRO B 190 -2.43 23.38 54.39
C PRO B 190 -3.66 23.20 53.54
N ALA B 191 -4.03 24.18 52.71
CA ALA B 191 -5.16 23.96 51.83
C ALA B 191 -4.90 22.77 50.91
N VAL B 192 -3.68 22.67 50.39
CA VAL B 192 -3.35 21.60 49.46
C VAL B 192 -3.38 20.25 50.15
N VAL B 193 -2.75 20.13 51.34
CA VAL B 193 -2.74 18.80 51.96
C VAL B 193 -4.11 18.45 52.54
N ILE B 194 -4.86 19.43 53.03
CA ILE B 194 -6.21 19.17 53.52
C ILE B 194 -7.10 18.72 52.37
N TYR B 195 -6.98 19.38 51.23
CA TYR B 195 -7.76 18.93 50.08
C TYR B 195 -7.44 17.47 49.76
N ASN B 196 -6.17 17.11 49.80
CA ASN B 196 -5.80 15.71 49.51
C ASN B 196 -6.33 14.73 50.56
N VAL B 197 -6.19 15.07 51.84
CA VAL B 197 -6.73 14.20 52.88
C VAL B 197 -8.23 14.00 52.71
N PHE B 198 -8.98 15.09 52.46
CA PHE B 198 -10.42 14.95 52.27
C PHE B 198 -10.74 14.13 51.03
N ALA B 199 -9.96 14.30 49.95
CA ALA B 199 -10.19 13.53 48.75
C ALA B 199 -10.01 12.03 49.02
N ARG B 200 -8.96 11.67 49.78
CA ARG B 200 -8.75 10.28 50.17
C ARG B 200 -9.92 9.74 51.02
N GLN B 201 -10.27 10.46 52.09
CA GLN B 201 -11.40 10.07 52.95
C GLN B 201 -12.71 9.87 52.16
N ILE B 202 -12.98 10.76 51.22
CA ILE B 202 -14.15 10.60 50.36
C ILE B 202 -14.04 9.29 49.56
N GLY B 203 -12.85 8.98 49.05
CA GLY B 203 -12.66 7.73 48.33
C GLY B 203 -12.96 6.50 49.16
N GLY B 204 -12.44 6.46 50.39
CA GLY B 204 -12.70 5.33 51.25
C GLY B 204 -14.16 5.23 51.64
N PHE B 205 -14.81 6.37 51.87
CA PHE B 205 -16.23 6.34 52.20
C PHE B 205 -17.04 5.82 51.04
N LYS B 206 -16.76 6.31 49.82
CA LYS B 206 -17.43 5.76 48.64
C LYS B 206 -17.22 4.27 48.55
N ALA B 207 -16.05 3.80 48.97
CA ALA B 207 -15.76 2.37 48.88
C ALA B 207 -16.58 1.58 49.89
N MET B 208 -16.63 2.07 51.13
CA MET B 208 -17.44 1.43 52.16
C MET B 208 -18.92 1.38 51.78
N LEU B 209 -19.46 2.52 51.33
CA LEU B 209 -20.86 2.60 50.90
C LEU B 209 -21.12 1.67 49.73
N GLY B 210 -20.16 1.59 48.79
CA GLY B 210 -20.25 0.64 47.70
C GLY B 210 -20.30 -0.79 48.18
N ASP B 211 -19.67 -1.07 49.33
CA ASP B 211 -19.75 -2.40 49.91
C ASP B 211 -21.15 -2.69 50.44
N VAL B 212 -21.76 -1.72 51.12
CA VAL B 212 -23.14 -1.93 51.56
C VAL B 212 -24.07 -2.13 50.37
N ALA B 213 -23.93 -1.30 49.34
CA ALA B 213 -24.74 -1.48 48.13
C ALA B 213 -24.50 -2.86 47.53
N ALA B 214 -23.25 -3.32 47.56
CA ALA B 214 -22.92 -4.63 47.05
C ALA B 214 -23.66 -5.71 47.83
N GLN B 215 -23.66 -5.59 49.17
CA GLN B 215 -24.42 -6.52 50.00
C GLN B 215 -25.89 -6.53 49.60
N VAL B 216 -26.47 -5.36 49.37
CA VAL B 216 -27.87 -5.27 48.98
C VAL B 216 -28.12 -5.95 47.65
N LEU B 217 -27.29 -5.65 46.64
CA LEU B 217 -27.42 -6.28 45.34
C LEU B 217 -27.29 -7.80 45.42
N LEU B 218 -26.30 -8.31 46.18
CA LEU B 218 -26.14 -9.75 46.29
C LEU B 218 -27.37 -10.39 46.92
N LEU B 219 -27.91 -9.78 47.98
CA LEU B 219 -29.15 -10.32 48.57
C LEU B 219 -30.27 -10.35 47.54
N GLN B 220 -30.49 -9.24 46.85
CA GLN B 220 -31.57 -9.22 45.87
C GLN B 220 -31.37 -10.27 44.77
N SER B 221 -30.14 -10.38 44.25
CA SER B 221 -29.86 -11.33 43.18
C SER B 221 -30.12 -12.75 43.63
N ARG B 222 -29.56 -13.14 44.79
CA ARG B 222 -29.75 -14.50 45.29
C ARG B 222 -31.21 -14.80 45.52
N ASP B 223 -31.93 -13.85 46.12
CA ASP B 223 -33.35 -14.03 46.46
C ASP B 223 -34.20 -14.23 45.21
N LEU B 224 -33.95 -13.41 44.18
CA LEU B 224 -34.66 -13.59 42.92
C LEU B 224 -34.40 -14.97 42.34
N ASP B 225 -33.13 -15.39 42.34
CA ASP B 225 -32.83 -16.67 41.73
C ASP B 225 -33.52 -17.80 42.50
N LEU B 226 -33.50 -17.71 43.84
CA LEU B 226 -34.11 -18.77 44.66
C LEU B 226 -35.63 -18.78 44.52
N GLU B 227 -36.29 -17.61 44.44
CA GLU B 227 -37.74 -17.63 44.18
C GLU B 227 -38.04 -18.29 42.85
N ALA B 228 -37.31 -17.91 41.80
CA ALA B 228 -37.59 -18.47 40.49
C ALA B 228 -37.38 -19.97 40.45
N SER B 229 -36.38 -20.49 41.18
CA SER B 229 -36.13 -21.93 41.20
C SER B 229 -37.21 -22.67 41.97
N ALA B 230 -37.72 -22.07 43.06
CA ALA B 230 -38.78 -22.70 43.83
C ALA B 230 -40.09 -22.80 43.05
N ALA B 231 -40.30 -21.94 42.04
CA ALA B 231 -41.48 -22.04 41.19
C ALA B 231 -41.35 -23.14 40.13
N ALA B 232 -40.14 -23.41 39.64
CA ALA B 232 -39.93 -24.44 38.62
C ALA B 232 -40.14 -25.83 39.18
N ALA C 19 9.69 51.78 29.28
CA ALA C 19 10.35 51.85 27.98
C ALA C 19 10.53 50.47 27.35
N ASP C 20 11.68 50.28 26.71
CA ASP C 20 11.98 49.15 25.83
C ASP C 20 10.85 49.00 24.82
N ILE C 21 10.55 47.78 24.39
CA ILE C 21 9.48 47.52 23.45
C ILE C 21 8.70 46.30 23.91
N VAL C 22 9.36 45.13 23.95
CA VAL C 22 8.70 43.85 24.24
C VAL C 22 8.08 43.82 25.63
N VAL C 23 8.68 44.49 26.63
CA VAL C 23 8.05 44.56 27.96
C VAL C 23 6.62 45.07 27.86
N LYS C 24 6.42 46.20 27.16
CA LYS C 24 5.07 46.75 27.06
C LYS C 24 4.13 45.84 26.27
N CYS C 25 4.66 45.04 25.33
CA CYS C 25 3.81 44.10 24.59
C CYS C 25 3.43 42.90 25.45
N VAL C 26 4.32 42.49 26.34
CA VAL C 26 3.95 41.50 27.34
C VAL C 26 2.82 42.04 28.19
N MET C 27 2.95 43.31 28.64
CA MET C 27 1.93 43.87 29.52
C MET C 27 0.58 44.02 28.80
N ILE C 28 0.61 44.45 27.53
CA ILE C 28 -0.64 44.60 26.79
C ILE C 28 -1.24 43.25 26.43
N GLY C 29 -0.41 42.27 26.04
CA GLY C 29 -0.92 40.95 25.73
C GLY C 29 -1.53 40.28 26.95
N LEU C 30 -0.96 40.54 28.13
CA LEU C 30 -1.60 40.09 29.36
C LEU C 30 -2.96 40.75 29.56
N ILE C 31 -3.05 42.06 29.34
CA ILE C 31 -4.33 42.71 29.60
C ILE C 31 -5.39 42.26 28.59
N LEU C 32 -4.97 42.02 27.36
CA LEU C 32 -5.82 41.34 26.38
C LEU C 32 -6.33 40.01 26.90
N ALA C 33 -5.41 39.17 27.38
CA ALA C 33 -5.79 37.90 27.99
C ALA C 33 -6.83 38.12 29.09
N SER C 34 -6.69 39.20 29.86
CA SER C 34 -7.69 39.52 30.86
C SER C 34 -9.05 39.82 30.24
N VAL C 35 -9.06 40.58 29.15
CA VAL C 35 -10.33 40.85 28.46
C VAL C 35 -10.98 39.54 28.03
N VAL C 36 -10.22 38.65 27.43
CA VAL C 36 -10.78 37.36 27.03
C VAL C 36 -11.37 36.63 28.24
N THR C 37 -10.63 36.63 29.36
CA THR C 37 -11.13 36.05 30.60
C THR C 37 -12.51 36.60 30.96
N TRP C 38 -12.67 37.92 30.87
CA TRP C 38 -13.95 38.50 31.28
C TRP C 38 -15.07 38.15 30.32
N ALA C 39 -14.83 38.21 29.02
CA ALA C 39 -15.83 37.80 28.05
C ALA C 39 -16.34 36.40 28.35
N ILE C 40 -15.40 35.46 28.54
CA ILE C 40 -15.80 34.08 28.86
C ILE C 40 -16.64 34.06 30.11
N PHE C 41 -16.19 34.76 31.16
CA PHE C 41 -16.90 34.82 32.43
C PHE C 41 -18.36 35.23 32.28
N PHE C 42 -18.62 36.39 31.64
CA PHE C 42 -20.02 36.86 31.50
C PHE C 42 -20.87 35.88 30.67
N SER C 43 -20.39 35.57 29.47
CA SER C 43 -21.20 34.79 28.55
C SER C 43 -21.47 33.40 29.10
N LYS C 44 -20.45 32.77 29.65
CA LYS C 44 -20.60 31.44 30.21
C LYS C 44 -21.47 31.48 31.46
N SER C 45 -21.33 32.54 32.26
CA SER C 45 -22.22 32.73 33.39
C SER C 45 -23.68 32.61 32.97
N VAL C 46 -24.07 33.39 31.95
CA VAL C 46 -25.43 33.32 31.44
C VAL C 46 -25.77 31.89 31.00
N GLU C 47 -24.96 31.34 30.09
CA GLU C 47 -25.25 30.02 29.54
C GLU C 47 -25.48 28.96 30.63
N PHE C 48 -24.53 28.85 31.55
CA PHE C 48 -24.65 27.82 32.58
C PHE C 48 -25.86 28.04 33.46
N PHE C 49 -26.14 29.30 33.83
CA PHE C 49 -27.25 29.53 34.74
C PHE C 49 -28.59 29.19 34.09
N ASN C 50 -28.79 29.59 32.83
CA ASN C 50 -30.02 29.27 32.15
C ASN C 50 -30.16 27.76 31.88
N GLN C 51 -29.06 27.10 31.46
CA GLN C 51 -29.11 25.64 31.25
C GLN C 51 -29.46 24.91 32.53
N LYS C 52 -28.86 25.32 33.66
CA LYS C 52 -29.10 24.65 34.92
C LYS C 52 -30.55 24.82 35.38
N ARG C 53 -31.09 26.04 35.22
CA ARG C 53 -32.48 26.32 35.62
C ARG C 53 -33.46 25.49 34.80
N ARG C 54 -33.25 25.47 33.48
CA ARG C 54 -34.12 24.68 32.61
C ARG C 54 -34.07 23.21 32.98
N LEU C 55 -32.87 22.63 33.13
CA LEU C 55 -32.77 21.20 33.45
C LEU C 55 -33.39 20.89 34.80
N LYS C 56 -33.12 21.73 35.81
CA LYS C 56 -33.68 21.51 37.13
C LYS C 56 -35.21 21.40 37.07
N ARG C 57 -35.86 22.34 36.36
CA ARG C 57 -37.31 22.24 36.26
C ARG C 57 -37.73 21.01 35.48
N GLU C 58 -37.01 20.70 34.39
CA GLU C 58 -37.43 19.58 33.55
C GLU C 58 -37.36 18.28 34.34
N GLN C 59 -36.30 18.12 35.13
CA GLN C 59 -36.14 16.91 35.92
C GLN C 59 -37.21 16.81 37.01
N GLN C 60 -37.56 17.94 37.63
CA GLN C 60 -38.64 17.89 38.62
C GLN C 60 -39.96 17.47 38.00
N LEU C 61 -40.29 18.03 36.82
CA LEU C 61 -41.55 17.64 36.17
C LEU C 61 -41.51 16.20 35.70
N LEU C 62 -40.38 15.73 35.19
CA LEU C 62 -40.30 14.34 34.77
C LEU C 62 -40.40 13.39 35.95
N ALA C 63 -40.15 13.89 37.16
CA ALA C 63 -40.24 13.01 38.33
C ALA C 63 -41.57 12.28 38.41
N GLU C 64 -42.63 12.84 37.85
CA GLU C 64 -43.95 12.27 38.04
C GLU C 64 -44.27 11.11 37.09
N ALA C 65 -43.53 10.95 35.99
CA ALA C 65 -43.95 10.01 34.96
C ALA C 65 -43.83 8.57 35.42
N ARG C 66 -44.90 7.81 35.20
CA ARG C 66 -44.97 6.39 35.49
C ARG C 66 -44.72 5.52 34.26
N SER C 67 -44.40 6.10 33.13
CA SER C 67 -44.05 5.33 31.93
C SER C 67 -43.27 6.22 30.98
N LEU C 68 -42.57 5.59 30.02
CA LEU C 68 -41.85 6.37 29.02
C LEU C 68 -42.80 7.28 28.25
N ASN C 69 -43.98 6.76 27.87
CA ASN C 69 -44.95 7.61 27.19
C ASN C 69 -45.32 8.81 28.04
N GLN C 70 -45.60 8.58 29.32
CA GLN C 70 -45.94 9.72 30.15
C GLN C 70 -44.80 10.73 30.20
N ALA C 71 -43.56 10.27 30.16
CA ALA C 71 -42.39 11.17 30.13
C ALA C 71 -42.30 11.96 28.81
N ASN C 72 -42.48 11.29 27.68
CA ASN C 72 -42.52 12.05 26.42
C ASN C 72 -43.62 13.11 26.46
N ASP C 73 -44.82 12.74 26.92
CA ASP C 73 -45.96 13.66 26.92
C ASP C 73 -45.71 14.88 27.79
N ILE C 74 -45.11 14.66 28.96
CA ILE C 74 -44.74 15.79 29.80
C ILE C 74 -43.70 16.65 29.12
N ALA C 75 -42.71 16.04 28.46
CA ALA C 75 -41.64 16.86 27.89
C ALA C 75 -42.04 17.52 26.59
N ALA C 76 -43.20 17.15 26.04
CA ALA C 76 -43.54 17.52 24.67
C ALA C 76 -43.60 19.02 24.48
N ASP C 77 -43.93 19.78 25.53
CA ASP C 77 -43.73 21.22 25.42
C ASP C 77 -42.69 21.62 26.46
N PHE C 78 -41.43 21.39 26.12
CA PHE C 78 -40.30 21.88 26.88
C PHE C 78 -39.56 22.96 26.11
N GLY C 79 -39.97 23.22 24.89
CA GLY C 79 -39.12 23.90 23.95
C GLY C 79 -38.34 22.92 23.09
N SER C 80 -38.02 23.36 21.86
CA SER C 80 -37.40 22.50 20.86
C SER C 80 -35.94 22.18 21.19
N LYS C 81 -35.27 23.05 21.94
CA LYS C 81 -33.88 22.89 22.30
C LYS C 81 -33.68 22.23 23.68
N SER C 82 -34.74 21.76 24.32
CA SER C 82 -34.62 21.12 25.62
C SER C 82 -33.78 19.85 25.55
N LEU C 83 -32.93 19.64 26.55
CA LEU C 83 -32.11 18.44 26.56
C LEU C 83 -32.94 17.22 26.93
N SER C 84 -33.76 17.32 27.98
CA SER C 84 -34.60 16.19 28.35
C SER C 84 -35.45 15.75 27.17
N LEU C 85 -36.03 16.69 26.46
CA LEU C 85 -36.86 16.32 25.33
C LEU C 85 -36.06 15.60 24.26
N HIS C 86 -34.78 15.98 24.09
CA HIS C 86 -33.94 15.29 23.10
C HIS C 86 -33.64 13.86 23.53
N LEU C 87 -33.28 13.63 24.80
CA LEU C 87 -33.08 12.27 25.26
C LEU C 87 -34.35 11.43 25.06
N LEU C 88 -35.49 11.97 25.46
CA LEU C 88 -36.73 11.22 25.29
C LEU C 88 -36.97 10.94 23.81
N ASN C 89 -36.64 11.88 22.93
CA ASN C 89 -36.86 11.63 21.51
C ASN C 89 -35.91 10.61 20.95
N GLU C 90 -34.72 10.48 21.53
CA GLU C 90 -33.81 9.41 21.10
C GLU C 90 -34.40 8.05 21.45
N ALA C 91 -34.84 7.89 22.72
CA ALA C 91 -35.49 6.63 23.11
C ALA C 91 -36.71 6.35 22.24
N GLN C 92 -37.57 7.34 22.04
CA GLN C 92 -38.73 7.15 21.20
C GLN C 92 -38.31 6.79 19.77
N ASN C 93 -37.22 7.40 19.26
CA ASN C 93 -36.81 7.10 17.90
C ASN C 93 -36.35 5.67 17.77
N GLU C 94 -35.63 5.17 18.79
CA GLU C 94 -35.18 3.78 18.79
C GLU C 94 -36.34 2.81 18.85
N LEU C 95 -37.34 3.07 19.69
CA LEU C 95 -38.52 2.22 19.64
C LEU C 95 -39.16 2.24 18.25
N GLU C 96 -39.40 3.43 17.70
CA GLU C 96 -40.07 3.50 16.39
C GLU C 96 -39.28 2.72 15.34
N LEU C 97 -37.96 2.91 15.27
CA LEU C 97 -37.15 2.20 14.28
C LEU C 97 -37.19 0.68 14.47
N SER C 98 -37.30 0.19 15.69
CA SER C 98 -37.23 -1.24 15.93
C SER C 98 -38.59 -1.95 15.88
N GLU C 99 -39.68 -1.28 15.51
CA GLU C 99 -40.98 -1.96 15.41
C GLU C 99 -40.87 -3.18 14.52
N GLY C 100 -41.49 -4.27 14.96
CA GLY C 100 -41.33 -5.53 14.28
C GLY C 100 -40.34 -6.46 14.94
N SER C 101 -39.57 -5.96 15.89
CA SER C 101 -38.51 -6.75 16.49
C SER C 101 -39.04 -7.49 17.72
N ASP C 102 -38.69 -8.77 17.83
CA ASP C 102 -38.97 -9.59 19.00
C ASP C 102 -37.89 -9.55 20.07
N ASP C 103 -36.84 -8.74 19.91
CA ASP C 103 -35.69 -8.73 20.81
C ASP C 103 -35.69 -7.39 21.56
N ASN C 104 -36.10 -7.41 22.83
CA ASN C 104 -36.10 -6.21 23.66
C ASN C 104 -34.75 -5.93 24.31
N GLU C 105 -33.92 -6.95 24.52
CA GLU C 105 -32.56 -6.67 24.98
C GLU C 105 -31.82 -5.77 23.98
N GLY C 106 -32.03 -6.01 22.68
CA GLY C 106 -31.45 -5.16 21.64
C GLY C 106 -31.84 -3.71 21.79
N ILE C 107 -33.13 -3.44 21.87
CA ILE C 107 -33.61 -2.07 21.99
C ILE C 107 -32.94 -1.35 23.15
N MLY C 108 -32.97 -2.00 24.32
CA MLY C 108 -32.37 -1.50 25.54
CB MLY C 108 -32.42 -2.59 26.62
CG MLY C 108 -33.81 -2.96 27.18
CD MLY C 108 -33.64 -4.01 28.30
CE MLY C 108 -34.94 -4.65 28.66
NZ MLY C 108 -34.86 -5.83 29.60
CH1 MLY C 108 -34.77 -7.13 28.88
CH2 MLY C 108 -33.78 -5.69 30.57
C MLY C 108 -30.95 -1.12 25.30
O MLY C 108 -30.56 0.06 25.51
N GLU C 109 -30.20 -2.08 24.75
CA GLU C 109 -28.78 -1.89 24.46
C GLU C 109 -28.59 -0.66 23.58
N ARG C 110 -29.31 -0.68 22.46
CA ARG C 110 -29.17 0.42 21.53
C ARG C 110 -29.50 1.73 22.19
N THR C 111 -30.58 1.76 22.97
CA THR C 111 -30.97 3.02 23.57
C THR C 111 -29.90 3.50 24.53
N SER C 112 -29.38 2.60 25.38
CA SER C 112 -28.34 3.05 26.31
C SER C 112 -27.17 3.59 25.54
N PHE C 113 -26.74 2.87 24.50
CA PHE C 113 -25.62 3.35 23.72
C PHE C 113 -25.90 4.78 23.23
N ARG C 114 -27.05 4.99 22.57
CA ARG C 114 -27.39 6.34 22.13
C ARG C 114 -27.34 7.33 23.29
N LEU C 115 -28.01 7.02 24.39
CA LEU C 115 -28.11 8.05 25.41
C LEU C 115 -26.75 8.33 25.98
N GLU C 116 -25.92 7.28 26.13
CA GLU C 116 -24.56 7.50 26.64
C GLU C 116 -23.78 8.41 25.70
N ARG C 117 -23.88 8.17 24.40
CA ARG C 117 -23.11 8.99 23.49
C ARG C 117 -23.62 10.42 23.56
N ARG C 118 -24.95 10.60 23.56
CA ARG C 118 -25.48 11.96 23.38
C ARG C 118 -25.14 12.81 24.58
N VAL C 119 -25.35 12.25 25.76
CA VAL C 119 -24.96 12.89 27.01
C VAL C 119 -23.50 13.29 26.97
N ALA C 120 -22.62 12.35 26.59
CA ALA C 120 -21.19 12.68 26.50
C ALA C 120 -20.96 13.88 25.58
N ALA C 121 -21.55 13.84 24.38
CA ALA C 121 -21.32 14.93 23.45
C ALA C 121 -21.76 16.25 24.06
N VAL C 122 -22.93 16.26 24.74
CA VAL C 122 -23.42 17.50 25.35
C VAL C 122 -22.40 18.02 26.36
N GLY C 123 -21.82 17.11 27.15
CA GLY C 123 -20.80 17.51 28.10
C GLY C 123 -19.61 18.13 27.39
N ARG C 124 -19.18 17.53 26.28
CA ARG C 124 -18.11 18.13 25.48
C ARG C 124 -18.44 19.58 25.15
N GLN C 125 -19.66 19.84 24.63
CA GLN C 125 -20.00 21.20 24.25
C GLN C 125 -19.95 22.12 25.46
N MET C 126 -20.45 21.67 26.60
CA MET C 126 -20.51 22.57 27.73
C MET C 126 -19.11 22.93 28.23
N GLY C 127 -18.11 22.11 27.94
CA GLY C 127 -16.79 22.42 28.43
C GLY C 127 -16.01 23.37 27.56
N ARG C 128 -16.48 23.61 26.33
CA ARG C 128 -15.70 24.37 25.36
C ARG C 128 -15.39 25.77 25.92
N GLY C 129 -14.21 26.28 25.58
CA GLY C 129 -13.76 27.56 26.08
C GLY C 129 -13.14 27.52 27.47
N ASN C 130 -13.37 26.46 28.25
CA ASN C 130 -12.72 26.40 29.55
C ASN C 130 -11.23 26.15 29.41
N GLY C 131 -10.81 25.60 28.27
CA GLY C 131 -9.38 25.48 27.99
C GLY C 131 -8.67 26.81 28.06
N TYR C 132 -9.21 27.82 27.36
CA TYR C 132 -8.57 29.14 27.37
C TYR C 132 -8.34 29.63 28.78
N LEU C 133 -9.34 29.50 29.66
CA LEU C 133 -9.12 29.87 31.06
C LEU C 133 -7.97 29.08 31.65
N ALA C 134 -7.99 27.77 31.48
CA ALA C 134 -6.96 26.92 32.09
C ALA C 134 -5.56 27.37 31.69
N THR C 135 -5.34 27.61 30.41
CA THR C 135 -4.00 28.01 30.00
C THR C 135 -3.67 29.44 30.41
N ILE C 136 -4.55 30.40 30.15
CA ILE C 136 -4.28 31.79 30.57
C ILE C 136 -3.87 31.83 32.04
N GLY C 137 -4.60 31.08 32.87
CA GLY C 137 -4.24 31.05 34.27
C GLY C 137 -2.93 30.34 34.51
N ALA C 138 -2.59 29.35 33.67
CA ALA C 138 -1.38 28.56 33.89
C ALA C 138 -0.12 29.29 33.46
N ILE C 139 -0.12 29.84 32.24
CA ILE C 139 1.06 30.40 31.62
C ILE C 139 1.16 31.92 31.71
N SER C 140 0.09 32.61 32.12
CA SER C 140 0.19 34.07 32.18
C SER C 140 1.34 34.57 33.05
N PRO C 141 1.61 34.01 34.24
CA PRO C 141 2.75 34.54 35.00
C PRO C 141 4.10 34.24 34.36
N PHE C 142 4.20 33.22 33.49
CA PHE C 142 5.47 32.93 32.82
C PHE C 142 5.74 33.83 31.62
N VAL C 143 4.71 34.25 30.90
CA VAL C 143 5.01 35.28 29.90
C VAL C 143 5.31 36.58 30.61
N GLY C 144 4.66 36.84 31.75
CA GLY C 144 5.11 37.97 32.58
C GLY C 144 6.59 37.87 32.92
N LEU C 145 6.99 36.72 33.47
CA LEU C 145 8.38 36.50 33.81
C LEU C 145 9.29 36.70 32.60
N PHE C 146 8.84 36.26 31.43
CA PHE C 146 9.64 36.46 30.24
C PHE C 146 9.88 37.94 29.99
N GLY C 147 8.85 38.75 30.15
CA GLY C 147 9.00 40.18 30.01
C GLY C 147 10.06 40.74 30.93
N THR C 148 9.95 40.51 32.24
CA THR C 148 10.96 41.05 33.13
C THR C 148 12.36 40.54 32.77
N VAL C 149 12.50 39.23 32.53
CA VAL C 149 13.81 38.67 32.21
C VAL C 149 14.40 39.37 31.00
N TRP C 150 13.59 39.63 29.99
CA TRP C 150 14.09 40.35 28.82
C TRP C 150 14.53 41.75 29.18
N GLY C 151 13.72 42.46 29.96
CA GLY C 151 14.07 43.83 30.31
C GLY C 151 15.33 43.92 31.15
N ILE C 152 15.35 43.21 32.27
CA ILE C 152 16.52 43.19 33.16
C ILE C 152 17.73 42.69 32.43
N MET C 153 17.54 41.76 31.49
CA MET C 153 18.65 41.39 30.63
C MET C 153 19.16 42.60 29.86
N ASN C 154 18.24 43.42 29.34
CA ASN C 154 18.67 44.62 28.64
C ASN C 154 19.40 45.58 29.58
N SER C 155 18.88 45.76 30.79
CA SER C 155 19.56 46.63 31.74
C SER C 155 20.98 46.14 32.00
N PHE C 156 21.16 44.83 32.17
CA PHE C 156 22.47 44.32 32.53
C PHE C 156 23.42 44.21 31.35
N ILE C 157 22.92 44.21 30.11
CA ILE C 157 23.80 44.57 29.01
C ILE C 157 24.07 46.06 29.03
N GLY C 158 23.16 46.84 29.64
CA GLY C 158 23.39 48.27 29.75
C GLY C 158 24.55 48.60 30.66
N ILE C 159 24.57 48.02 31.86
CA ILE C 159 25.66 48.25 32.79
C ILE C 159 26.95 47.62 32.26
N ALA C 160 26.83 46.54 31.49
CA ALA C 160 28.01 46.06 30.77
C ALA C 160 28.48 47.10 29.76
N GLN C 161 27.54 47.76 29.08
CA GLN C 161 27.93 48.91 28.28
C GLN C 161 28.27 50.07 29.21
N THR C 162 28.78 51.15 28.61
CA THR C 162 29.59 52.08 29.39
C THR C 162 30.51 51.19 30.23
N GLN C 163 30.72 51.55 31.48
CA GLN C 163 30.80 50.59 32.57
C GLN C 163 30.20 51.32 33.76
N THR C 164 29.24 50.72 34.44
CA THR C 164 28.79 51.41 35.63
C THR C 164 29.02 50.57 36.86
N THR C 165 28.80 51.23 37.99
CA THR C 165 28.60 50.65 39.31
C THR C 165 27.42 51.42 39.85
N ASN C 166 27.09 51.27 41.13
CA ASN C 166 26.00 52.06 41.68
C ASN C 166 24.72 51.75 40.91
N LEU C 167 24.10 50.63 41.24
CA LEU C 167 22.97 50.11 40.48
C LEU C 167 21.90 51.16 40.21
N ALA C 168 21.95 52.30 40.93
CA ALA C 168 20.92 53.33 40.83
C ALA C 168 20.70 53.82 39.40
N VAL C 169 21.69 53.67 38.51
CA VAL C 169 21.47 54.07 37.11
C VAL C 169 20.45 53.15 36.44
N VAL C 170 20.60 51.84 36.61
CA VAL C 170 19.76 50.89 35.91
C VAL C 170 18.58 50.43 36.76
N ALA C 171 18.51 50.85 38.02
CA ALA C 171 17.47 50.34 38.92
C ALA C 171 16.06 50.65 38.44
N PRO C 172 15.73 51.88 38.02
CA PRO C 172 14.36 52.14 37.57
C PRO C 172 13.93 51.25 36.42
N GLY C 173 14.80 51.03 35.43
CA GLY C 173 14.50 50.08 34.38
C GLY C 173 14.19 48.70 34.94
N ILE C 174 14.95 48.25 35.93
CA ILE C 174 14.73 46.94 36.49
C ILE C 174 13.36 46.87 37.18
N ALA C 175 12.97 47.94 37.86
CA ALA C 175 11.64 47.96 38.47
C ALA C 175 10.55 47.89 37.40
N GLU C 176 10.70 48.68 36.33
CA GLU C 176 9.74 48.58 35.24
C GLU C 176 9.66 47.16 34.71
N ALA C 177 10.80 46.48 34.60
CA ALA C 177 10.82 45.09 34.13
C ALA C 177 9.99 44.18 35.03
N LEU C 178 10.19 44.29 36.35
CA LEU C 178 9.41 43.49 37.29
C LEU C 178 7.90 43.72 37.15
N LEU C 179 7.48 44.95 36.80
CA LEU C 179 6.04 45.18 36.64
C LEU C 179 5.39 44.14 35.74
N ALA C 180 6.12 43.62 34.75
CA ALA C 180 5.55 42.64 33.83
C ALA C 180 5.16 41.34 34.54
N THR C 181 5.99 40.84 35.46
CA THR C 181 5.60 39.69 36.25
C THR C 181 4.40 40.01 37.12
N ALA C 182 4.44 41.17 37.80
CA ALA C 182 3.30 41.56 38.63
C ALA C 182 1.99 41.45 37.84
N ILE C 183 1.97 42.05 36.66
CA ILE C 183 0.78 41.98 35.81
C ILE C 183 0.47 40.55 35.43
N GLY C 184 1.48 39.75 35.09
CA GLY C 184 1.22 38.36 34.76
C GLY C 184 0.46 37.63 35.86
N LEU C 185 0.86 37.83 37.10
CA LEU C 185 0.15 37.20 38.20
C LEU C 185 -1.27 37.73 38.29
N VAL C 186 -1.46 39.03 38.14
CA VAL C 186 -2.80 39.61 38.23
C VAL C 186 -3.71 39.00 37.18
N ALA C 187 -3.21 38.82 35.97
CA ALA C 187 -3.99 38.18 34.92
C ALA C 187 -4.31 36.73 35.26
N ALA C 188 -3.35 36.00 35.81
CA ALA C 188 -3.57 34.58 36.07
C ALA C 188 -4.64 34.37 37.14
N ILE C 189 -4.67 35.20 38.18
CA ILE C 189 -5.50 34.87 39.34
C ILE C 189 -6.97 34.67 38.95
N PRO C 190 -7.64 35.65 38.35
CA PRO C 190 -9.06 35.45 38.04
C PRO C 190 -9.27 34.36 37.04
N ALA C 191 -8.38 34.21 36.06
CA ALA C 191 -8.46 33.07 35.15
C ALA C 191 -8.57 31.77 35.93
N VAL C 192 -7.74 31.62 36.96
CA VAL C 192 -7.71 30.37 37.70
C VAL C 192 -9.00 30.21 38.50
N VAL C 193 -9.45 31.27 39.17
CA VAL C 193 -10.68 31.16 39.98
C VAL C 193 -11.88 30.83 39.09
N ILE C 194 -12.12 31.66 38.08
CA ILE C 194 -13.21 31.41 37.13
C ILE C 194 -13.12 29.99 36.57
N TYR C 195 -11.90 29.53 36.28
CA TYR C 195 -11.76 28.18 35.75
C TYR C 195 -12.29 27.12 36.73
N ASN C 196 -11.94 27.25 38.01
CA ASN C 196 -12.43 26.32 39.02
C ASN C 196 -13.95 26.39 39.17
N VAL C 197 -14.49 27.61 39.35
CA VAL C 197 -15.94 27.78 39.48
C VAL C 197 -16.67 27.09 38.32
N PHE C 198 -16.23 27.39 37.10
CA PHE C 198 -16.88 26.78 35.94
C PHE C 198 -16.70 25.27 35.92
N ALA C 199 -15.59 24.75 36.44
CA ALA C 199 -15.42 23.30 36.44
C ALA C 199 -16.38 22.61 37.42
N ARG C 200 -16.54 23.14 38.64
CA ARG C 200 -17.58 22.57 39.51
C ARG C 200 -18.95 22.67 38.83
N GLN C 201 -19.22 23.78 38.11
CA GLN C 201 -20.50 23.93 37.40
C GLN C 201 -20.70 22.80 36.40
N ILE C 202 -19.70 22.58 35.53
CA ILE C 202 -19.78 21.51 34.54
C ILE C 202 -19.98 20.17 35.22
N GLY C 203 -19.39 19.99 36.40
CA GLY C 203 -19.63 18.76 37.13
C GLY C 203 -21.09 18.58 37.51
N GLY C 204 -21.63 19.56 38.24
CA GLY C 204 -23.03 19.48 38.63
C GLY C 204 -23.95 19.23 37.45
N PHE C 205 -23.72 19.95 36.34
CA PHE C 205 -24.60 19.83 35.18
C PHE C 205 -24.50 18.44 34.57
N LYS C 206 -23.30 17.88 34.47
CA LYS C 206 -23.19 16.53 33.94
C LYS C 206 -23.95 15.54 34.81
N ALA C 207 -23.89 15.71 36.13
CA ALA C 207 -24.66 14.83 37.01
C ALA C 207 -26.15 14.96 36.74
N MET C 208 -26.66 16.19 36.57
CA MET C 208 -28.08 16.40 36.31
C MET C 208 -28.52 15.73 35.00
N LEU C 209 -27.71 15.91 33.94
CA LEU C 209 -28.04 15.33 32.66
C LEU C 209 -28.01 13.82 32.72
N GLY C 210 -27.05 13.26 33.44
CA GLY C 210 -27.01 11.83 33.63
C GLY C 210 -28.22 11.31 34.38
N ASP C 211 -28.78 12.15 35.27
CA ASP C 211 -29.97 11.76 36.03
C ASP C 211 -31.17 11.64 35.10
N VAL C 212 -31.39 12.64 34.27
CA VAL C 212 -32.50 12.55 33.32
C VAL C 212 -32.30 11.36 32.37
N ALA C 213 -31.12 11.23 31.78
CA ALA C 213 -30.80 10.07 30.95
C ALA C 213 -31.13 8.75 31.65
N ALA C 214 -30.73 8.64 32.91
CA ALA C 214 -30.99 7.42 33.69
C ALA C 214 -32.49 7.18 33.85
N GLN C 215 -33.25 8.24 34.18
CA GLN C 215 -34.69 8.10 34.27
C GLN C 215 -35.28 7.59 32.96
N VAL C 216 -34.86 8.14 31.82
CA VAL C 216 -35.35 7.65 30.54
C VAL C 216 -35.06 6.16 30.38
N LEU C 217 -33.83 5.75 30.70
CA LEU C 217 -33.47 4.35 30.49
C LEU C 217 -34.27 3.43 31.39
N LEU C 218 -34.46 3.82 32.66
CA LEU C 218 -35.25 3.01 33.59
C LEU C 218 -36.70 2.88 33.14
N LEU C 219 -37.32 3.99 32.75
CA LEU C 219 -38.70 3.88 32.29
C LEU C 219 -38.80 2.94 31.11
N GLN C 220 -37.92 3.12 30.14
CA GLN C 220 -38.03 2.30 28.93
C GLN C 220 -37.79 0.84 29.26
N SER C 221 -36.81 0.55 30.12
CA SER C 221 -36.51 -0.84 30.49
C SER C 221 -37.70 -1.50 31.17
N ARG C 222 -38.28 -0.82 32.15
CA ARG C 222 -39.39 -1.37 32.92
C ARG C 222 -40.60 -1.60 32.00
N ASP C 223 -40.91 -0.64 31.12
CA ASP C 223 -42.06 -0.77 30.26
C ASP C 223 -41.89 -1.91 29.27
N LEU C 224 -40.66 -2.06 28.76
CA LEU C 224 -40.35 -3.20 27.89
C LEU C 224 -40.59 -4.53 28.59
N ASP C 225 -40.24 -4.63 29.89
CA ASP C 225 -40.40 -5.91 30.59
C ASP C 225 -41.86 -6.21 30.93
N LEU C 226 -42.59 -5.21 31.47
CA LEU C 226 -44.00 -5.42 31.74
C LEU C 226 -44.76 -5.73 30.45
N GLU C 227 -44.31 -5.13 29.34
CA GLU C 227 -45.00 -5.42 28.09
C GLU C 227 -44.73 -6.85 27.65
N ALA C 228 -43.46 -7.27 27.70
CA ALA C 228 -43.11 -8.61 27.24
C ALA C 228 -43.83 -9.68 28.06
N SER C 229 -43.86 -9.52 29.39
CA SER C 229 -44.62 -10.44 30.23
C SER C 229 -46.07 -10.48 29.81
N ALA C 230 -46.75 -9.32 29.73
CA ALA C 230 -48.18 -9.33 29.41
C ALA C 230 -48.45 -9.99 28.07
N ALA C 231 -47.53 -9.86 27.12
CA ALA C 231 -47.68 -10.52 25.83
C ALA C 231 -47.54 -12.03 25.95
N ALA C 232 -46.64 -12.52 26.80
CA ALA C 232 -46.55 -13.96 27.03
C ALA C 232 -47.84 -14.47 27.70
N HIS C 233 -48.43 -13.67 28.59
CA HIS C 233 -49.60 -14.09 29.35
C HIS C 233 -50.58 -12.92 29.61
N ALA D 19 31.87 21.43 -43.25
CA ALA D 19 30.96 20.67 -44.10
C ALA D 19 29.50 21.14 -43.98
N ASP D 20 28.65 20.65 -44.88
CA ASP D 20 27.28 21.11 -44.96
C ASP D 20 26.55 20.93 -43.63
N ILE D 21 25.66 21.87 -43.33
CA ILE D 21 24.91 21.79 -42.08
C ILE D 21 23.96 20.60 -42.09
N VAL D 22 23.49 20.18 -43.26
CA VAL D 22 22.61 19.03 -43.33
C VAL D 22 23.35 17.77 -42.91
N VAL D 23 24.56 17.59 -43.46
CA VAL D 23 25.36 16.44 -43.08
C VAL D 23 25.84 16.56 -41.64
N LYS D 24 26.09 17.78 -41.17
CA LYS D 24 26.43 17.97 -39.76
C LYS D 24 25.29 17.51 -38.86
N CYS D 25 24.04 17.79 -39.26
CA CYS D 25 22.89 17.35 -38.49
C CYS D 25 22.76 15.84 -38.50
N VAL D 26 22.91 15.19 -39.67
CA VAL D 26 22.79 13.73 -39.64
C VAL D 26 23.93 13.14 -38.81
N MET D 27 25.07 13.82 -38.77
CA MET D 27 26.21 13.30 -38.04
C MET D 27 25.96 13.33 -36.53
N ILE D 28 25.62 14.51 -36.00
CA ILE D 28 25.41 14.59 -34.57
C ILE D 28 24.13 13.87 -34.19
N GLY D 29 23.15 13.82 -35.10
CA GLY D 29 21.97 13.02 -34.86
C GLY D 29 22.31 11.57 -34.59
N LEU D 30 23.09 10.96 -35.49
CA LEU D 30 23.41 9.54 -35.33
C LEU D 30 24.32 9.32 -34.12
N ILE D 31 25.28 10.20 -33.89
CA ILE D 31 26.13 10.06 -32.70
C ILE D 31 25.28 10.04 -31.44
N LEU D 32 24.43 11.05 -31.30
CA LEU D 32 23.52 11.17 -30.17
C LEU D 32 22.69 9.90 -29.99
N ALA D 33 22.21 9.34 -31.10
CA ALA D 33 21.48 8.08 -31.04
C ALA D 33 22.35 6.96 -30.48
N SER D 34 23.60 6.86 -30.92
CA SER D 34 24.49 5.84 -30.39
C SER D 34 24.65 5.97 -28.89
N VAL D 35 25.04 7.16 -28.42
CA VAL D 35 25.24 7.34 -26.99
C VAL D 35 23.96 7.04 -26.21
N VAL D 36 22.80 7.35 -26.78
CA VAL D 36 21.56 6.97 -26.12
C VAL D 36 21.46 5.45 -25.98
N THR D 37 21.69 4.72 -27.07
CA THR D 37 21.56 3.27 -26.95
C THR D 37 22.55 2.71 -25.92
N TRP D 38 23.74 3.29 -25.78
CA TRP D 38 24.64 2.76 -24.77
C TRP D 38 24.22 3.15 -23.35
N ALA D 39 23.62 4.31 -23.16
CA ALA D 39 23.14 4.67 -21.84
C ALA D 39 21.98 3.76 -21.41
N ILE D 40 20.99 3.63 -22.29
CA ILE D 40 19.92 2.65 -22.11
C ILE D 40 20.48 1.29 -21.77
N PHE D 41 21.56 0.90 -22.47
CA PHE D 41 22.06 -0.48 -22.33
C PHE D 41 22.68 -0.71 -20.96
N PHE D 42 23.52 0.22 -20.50
CA PHE D 42 24.14 -0.02 -19.20
C PHE D 42 23.11 0.06 -18.10
N SER D 43 22.29 1.13 -18.13
CA SER D 43 21.25 1.27 -17.13
C SER D 43 20.37 0.02 -17.04
N LYS D 44 19.60 -0.25 -18.10
CA LYS D 44 18.67 -1.36 -18.05
C LYS D 44 19.37 -2.71 -17.90
N SER D 45 20.66 -2.81 -18.23
CA SER D 45 21.35 -4.08 -18.14
C SER D 45 21.65 -4.45 -16.69
N VAL D 46 22.14 -3.50 -15.90
CA VAL D 46 22.30 -3.80 -14.48
C VAL D 46 20.93 -3.97 -13.81
N GLU D 47 19.95 -3.14 -14.18
CA GLU D 47 18.60 -3.31 -13.65
C GLU D 47 18.10 -4.76 -13.81
N PHE D 48 18.15 -5.27 -15.04
CA PHE D 48 17.74 -6.66 -15.28
C PHE D 48 18.57 -7.62 -14.43
N PHE D 49 19.87 -7.37 -14.28
CA PHE D 49 20.66 -8.32 -13.50
C PHE D 49 20.17 -8.41 -12.05
N ASN D 50 20.01 -7.27 -11.37
CA ASN D 50 19.62 -7.31 -9.96
C ASN D 50 18.24 -7.90 -9.77
N GLN D 51 17.27 -7.52 -10.61
CA GLN D 51 15.94 -8.09 -10.48
C GLN D 51 15.96 -9.60 -10.68
N LYS D 52 16.64 -10.07 -11.72
CA LYS D 52 16.68 -11.51 -11.95
C LYS D 52 17.37 -12.23 -10.79
N ARG D 53 18.33 -11.59 -10.14
CA ARG D 53 18.95 -12.16 -8.94
C ARG D 53 17.92 -12.31 -7.82
N ARG D 54 17.22 -11.22 -7.49
CA ARG D 54 16.27 -11.25 -6.40
C ARG D 54 15.21 -12.32 -6.65
N LEU D 55 14.67 -12.36 -7.87
CA LEU D 55 13.64 -13.34 -8.23
C LEU D 55 14.16 -14.76 -8.09
N LYS D 56 15.31 -15.05 -8.67
CA LYS D 56 15.86 -16.40 -8.56
C LYS D 56 15.96 -16.83 -7.09
N ARG D 57 16.43 -15.92 -6.20
CA ARG D 57 16.58 -16.31 -4.80
C ARG D 57 15.21 -16.52 -4.14
N GLU D 58 14.25 -15.63 -4.43
CA GLU D 58 12.90 -15.72 -3.85
C GLU D 58 12.20 -17.01 -4.27
N GLN D 59 12.23 -17.31 -5.56
CA GLN D 59 11.60 -18.51 -6.08
C GLN D 59 12.24 -19.74 -5.47
N GLN D 60 13.56 -19.74 -5.33
CA GLN D 60 14.23 -20.86 -4.68
C GLN D 60 13.71 -21.04 -3.25
N LEU D 61 13.75 -19.98 -2.44
CA LEU D 61 13.31 -20.10 -1.06
C LEU D 61 11.86 -20.60 -0.98
N LEU D 62 11.03 -20.19 -1.94
CA LEU D 62 9.61 -20.54 -1.96
C LEU D 62 9.32 -21.91 -2.52
N ALA D 63 10.29 -22.59 -3.11
CA ALA D 63 9.95 -23.87 -3.70
C ALA D 63 9.72 -24.94 -2.65
N GLU D 64 10.15 -24.71 -1.41
CA GLU D 64 9.92 -25.67 -0.34
C GLU D 64 8.52 -25.57 0.25
N ALA D 65 7.81 -24.48 -0.02
CA ALA D 65 6.49 -24.26 0.55
C ALA D 65 5.53 -25.34 0.10
N ARG D 66 4.91 -26.00 1.07
CA ARG D 66 3.86 -26.98 0.87
C ARG D 66 2.45 -26.42 1.05
N SER D 67 2.30 -25.10 1.22
CA SER D 67 1.02 -24.48 1.52
C SER D 67 1.17 -22.97 1.44
N LEU D 68 0.04 -22.28 1.35
CA LEU D 68 0.08 -20.82 1.30
C LEU D 68 0.56 -20.24 2.63
N ASN D 69 0.27 -20.93 3.72
CA ASN D 69 0.76 -20.47 5.01
C ASN D 69 2.27 -20.52 5.04
N GLN D 70 2.83 -21.64 4.61
CA GLN D 70 4.27 -21.80 4.50
C GLN D 70 4.88 -20.73 3.62
N ALA D 71 4.27 -20.48 2.45
CA ALA D 71 4.83 -19.51 1.51
C ALA D 71 4.82 -18.12 2.11
N ASN D 72 3.73 -17.77 2.78
CA ASN D 72 3.68 -16.47 3.45
C ASN D 72 4.76 -16.36 4.52
N ASP D 73 4.96 -17.43 5.29
CA ASP D 73 6.05 -17.45 6.24
C ASP D 73 7.39 -17.19 5.56
N ILE D 74 7.65 -17.89 4.45
CA ILE D 74 8.94 -17.77 3.76
C ILE D 74 9.11 -16.39 3.14
N ALA D 75 8.07 -15.85 2.52
CA ALA D 75 8.21 -14.57 1.86
C ALA D 75 8.00 -13.41 2.79
N ALA D 76 7.76 -13.65 4.07
CA ALA D 76 7.37 -12.57 4.98
C ALA D 76 8.37 -11.42 4.93
N ASP D 77 9.66 -11.70 5.06
CA ASP D 77 10.66 -10.67 4.86
C ASP D 77 11.45 -11.03 3.60
N PHE D 78 11.06 -10.38 2.56
CA PHE D 78 11.43 -10.29 1.16
C PHE D 78 11.60 -8.83 0.81
N GLY D 79 10.65 -8.01 1.23
CA GLY D 79 10.71 -6.56 1.15
C GLY D 79 9.62 -5.92 0.32
N SER D 80 9.36 -4.64 0.60
CA SER D 80 8.23 -3.94 -0.01
C SER D 80 8.24 -4.07 -1.53
N LYS D 81 9.41 -4.04 -2.13
CA LYS D 81 9.52 -4.07 -3.58
C LYS D 81 9.60 -5.48 -4.16
N SER D 82 9.41 -6.51 -3.34
CA SER D 82 9.54 -7.87 -3.80
C SER D 82 8.37 -8.28 -4.68
N LEU D 83 8.67 -8.83 -5.86
CA LEU D 83 7.60 -9.27 -6.75
C LEU D 83 6.88 -10.53 -6.22
N SER D 84 7.63 -11.51 -5.70
CA SER D 84 6.99 -12.65 -5.04
C SER D 84 5.97 -12.19 -4.01
N LEU D 85 6.41 -11.33 -3.06
CA LEU D 85 5.54 -10.86 -1.99
C LEU D 85 4.30 -10.22 -2.55
N HIS D 86 4.45 -9.42 -3.62
CA HIS D 86 3.28 -8.83 -4.23
C HIS D 86 2.30 -9.90 -4.72
N LEU D 87 2.80 -10.94 -5.38
CA LEU D 87 1.89 -11.99 -5.84
C LEU D 87 1.13 -12.62 -4.66
N LEU D 88 1.87 -12.97 -3.60
CA LEU D 88 1.27 -13.63 -2.45
C LEU D 88 0.21 -12.74 -1.79
N ASN D 89 0.52 -11.46 -1.64
CA ASN D 89 -0.42 -10.51 -1.08
C ASN D 89 -1.64 -10.33 -1.94
N GLU D 90 -1.54 -10.57 -3.25
CA GLU D 90 -2.72 -10.49 -4.09
C GLU D 90 -3.65 -11.69 -3.85
N ALA D 91 -3.07 -12.91 -3.87
CA ALA D 91 -3.87 -14.09 -3.52
C ALA D 91 -4.57 -13.91 -2.17
N GLN D 92 -3.82 -13.44 -1.19
CA GLN D 92 -4.37 -13.17 0.11
C GLN D 92 -5.51 -12.15 0.02
N ASN D 93 -5.33 -11.10 -0.77
CA ASN D 93 -6.39 -10.10 -0.86
C ASN D 93 -7.65 -10.70 -1.46
N GLU D 94 -7.52 -11.63 -2.40
CA GLU D 94 -8.71 -12.20 -3.01
C GLU D 94 -9.43 -13.12 -2.01
N LEU D 95 -8.67 -13.96 -1.29
CA LEU D 95 -9.26 -14.70 -0.18
C LEU D 95 -10.02 -13.75 0.76
N GLU D 96 -9.42 -12.63 1.12
CA GLU D 96 -10.04 -11.79 2.13
C GLU D 96 -11.30 -11.12 1.60
N LEU D 97 -11.26 -10.63 0.37
CA LEU D 97 -12.47 -10.04 -0.20
C LEU D 97 -13.55 -11.08 -0.50
N SER D 98 -13.21 -12.36 -0.54
CA SER D 98 -14.14 -13.44 -0.83
C SER D 98 -14.75 -14.08 0.40
N GLU D 99 -14.35 -13.64 1.61
CA GLU D 99 -14.84 -14.25 2.83
C GLU D 99 -16.34 -14.24 2.85
N GLY D 100 -16.93 -15.35 3.28
CA GLY D 100 -18.36 -15.54 3.20
C GLY D 100 -18.82 -16.17 1.92
N SER D 101 -18.01 -16.12 0.86
CA SER D 101 -18.34 -16.87 -0.33
C SER D 101 -18.16 -18.34 -0.04
N ASP D 102 -19.08 -19.15 -0.53
CA ASP D 102 -18.88 -20.58 -0.52
C ASP D 102 -18.39 -21.13 -1.85
N ASP D 103 -18.15 -20.29 -2.85
CA ASP D 103 -17.80 -20.79 -4.19
C ASP D 103 -16.29 -20.74 -4.35
N ASN D 104 -15.64 -21.90 -4.24
CA ASN D 104 -14.19 -21.95 -4.34
C ASN D 104 -13.73 -21.85 -5.78
N GLU D 105 -14.47 -22.42 -6.74
CA GLU D 105 -14.13 -22.15 -8.15
C GLU D 105 -14.05 -20.65 -8.42
N GLY D 106 -15.03 -19.90 -7.93
CA GLY D 106 -15.04 -18.46 -8.12
C GLY D 106 -13.79 -17.78 -7.59
N ILE D 107 -13.29 -18.22 -6.46
CA ILE D 107 -12.05 -17.68 -5.90
C ILE D 107 -10.83 -18.04 -6.76
N MLY D 108 -10.84 -19.21 -7.38
CA MLY D 108 -9.68 -19.59 -8.16
CB MLY D 108 -9.71 -21.07 -8.48
CG MLY D 108 -9.67 -21.97 -7.25
CD MLY D 108 -10.00 -23.40 -7.65
CE MLY D 108 -10.40 -24.26 -6.46
NZ MLY D 108 -10.89 -25.63 -6.87
CH1 MLY D 108 -12.26 -25.51 -7.43
CH2 MLY D 108 -10.08 -26.19 -7.95
C MLY D 108 -9.68 -18.75 -9.42
O MLY D 108 -8.68 -18.09 -9.73
N GLU D 109 -10.84 -18.68 -10.09
CA GLU D 109 -10.97 -17.92 -11.32
C GLU D 109 -10.48 -16.48 -11.08
N ARG D 110 -11.12 -15.79 -10.12
CA ARG D 110 -10.74 -14.42 -9.81
C ARG D 110 -9.25 -14.31 -9.51
N THR D 111 -8.70 -15.24 -8.74
CA THR D 111 -7.29 -15.10 -8.37
C THR D 111 -6.40 -15.33 -9.57
N SER D 112 -6.74 -16.29 -10.41
CA SER D 112 -5.81 -16.57 -11.51
C SER D 112 -5.81 -15.40 -12.49
N PHE D 113 -7.02 -14.94 -12.85
CA PHE D 113 -7.21 -13.71 -13.62
C PHE D 113 -6.37 -12.57 -13.06
N ARG D 114 -6.34 -12.40 -11.73
CA ARG D 114 -5.60 -11.27 -11.20
C ARG D 114 -4.09 -11.47 -11.38
N LEU D 115 -3.58 -12.65 -11.01
CA LEU D 115 -2.14 -12.85 -11.02
C LEU D 115 -1.58 -12.78 -12.42
N GLU D 116 -2.23 -13.44 -13.38
CA GLU D 116 -1.80 -13.33 -14.76
C GLU D 116 -1.78 -11.86 -15.18
N ARG D 117 -2.85 -11.14 -14.85
CA ARG D 117 -2.92 -9.74 -15.26
C ARG D 117 -1.73 -8.96 -14.76
N ARG D 118 -1.19 -9.31 -13.57
CA ARG D 118 -0.04 -8.58 -13.03
C ARG D 118 1.25 -8.99 -13.70
N VAL D 119 1.43 -10.28 -13.94
CA VAL D 119 2.64 -10.70 -14.64
C VAL D 119 2.72 -9.97 -15.97
N ALA D 120 1.60 -9.92 -16.70
CA ALA D 120 1.56 -9.22 -17.97
C ALA D 120 1.89 -7.74 -17.81
N ALA D 121 1.50 -7.13 -16.70
CA ALA D 121 1.83 -5.71 -16.50
C ALA D 121 3.33 -5.53 -16.34
N VAL D 122 3.96 -6.41 -15.57
CA VAL D 122 5.36 -6.20 -15.19
C VAL D 122 6.26 -6.30 -16.42
N GLY D 123 5.98 -7.29 -17.29
CA GLY D 123 6.66 -7.37 -18.56
C GLY D 123 6.58 -6.06 -19.33
N ARG D 124 5.38 -5.48 -19.37
CA ARG D 124 5.20 -4.22 -20.08
C ARG D 124 6.11 -3.13 -19.52
N GLN D 125 6.22 -3.06 -18.20
CA GLN D 125 7.17 -2.15 -17.58
C GLN D 125 8.57 -2.30 -18.18
N MET D 126 9.08 -3.55 -18.20
CA MET D 126 10.42 -3.75 -18.73
C MET D 126 10.46 -3.46 -20.22
N GLY D 127 9.38 -3.77 -20.93
CA GLY D 127 9.31 -3.45 -22.34
C GLY D 127 9.58 -1.98 -22.61
N ARG D 128 9.34 -1.13 -21.60
CA ARG D 128 9.60 0.30 -21.74
C ARG D 128 10.98 0.55 -22.30
N GLY D 129 12.00 -0.09 -21.71
CA GLY D 129 13.37 0.16 -22.14
C GLY D 129 13.57 -0.03 -23.63
N ASN D 130 12.88 -1.01 -24.20
CA ASN D 130 13.10 -1.41 -25.59
C ASN D 130 12.29 -0.62 -26.59
N GLY D 131 11.58 0.43 -26.17
CA GLY D 131 10.88 1.19 -27.17
C GLY D 131 11.88 1.81 -28.14
N TYR D 132 12.78 2.62 -27.58
CA TYR D 132 13.65 3.46 -28.39
C TYR D 132 14.64 2.61 -29.18
N LEU D 133 15.27 1.64 -28.52
CA LEU D 133 16.14 0.70 -29.20
C LEU D 133 15.50 0.11 -30.44
N ALA D 134 14.17 -0.07 -30.43
CA ALA D 134 13.49 -0.59 -31.61
C ALA D 134 13.51 0.43 -32.73
N THR D 135 13.06 1.66 -32.44
CA THR D 135 13.04 2.69 -33.48
C THR D 135 14.45 3.10 -33.89
N ILE D 136 15.32 3.36 -32.92
CA ILE D 136 16.67 3.83 -33.21
C ILE D 136 17.37 2.91 -34.20
N GLY D 137 17.24 1.60 -34.00
CA GLY D 137 17.90 0.68 -34.89
C GLY D 137 17.20 0.54 -36.24
N ALA D 138 15.91 0.86 -36.29
CA ALA D 138 15.21 0.76 -37.56
C ALA D 138 15.39 2.02 -38.40
N ILE D 139 15.31 3.19 -37.77
CA ILE D 139 15.34 4.47 -38.48
C ILE D 139 16.76 4.89 -38.87
N SER D 140 17.74 4.67 -37.99
CA SER D 140 19.07 5.24 -38.20
C SER D 140 19.73 4.84 -39.53
N PRO D 141 19.53 3.66 -40.13
CA PRO D 141 20.13 3.46 -41.46
C PRO D 141 19.55 4.39 -42.51
N PHE D 142 18.24 4.62 -42.47
CA PHE D 142 17.64 5.51 -43.46
C PHE D 142 18.15 6.94 -43.30
N VAL D 143 18.29 7.43 -42.06
CA VAL D 143 18.99 8.69 -41.85
C VAL D 143 20.37 8.64 -42.47
N GLY D 144 21.13 7.57 -42.17
CA GLY D 144 22.41 7.40 -42.80
C GLY D 144 22.28 7.41 -44.31
N LEU D 145 21.27 6.71 -44.84
CA LEU D 145 20.96 6.76 -46.26
C LEU D 145 20.73 8.19 -46.71
N PHE D 146 19.93 8.94 -45.95
CA PHE D 146 19.67 10.32 -46.30
C PHE D 146 20.97 11.11 -46.34
N GLY D 147 21.87 10.84 -45.40
CA GLY D 147 23.13 11.54 -45.41
C GLY D 147 23.98 11.16 -46.60
N THR D 148 23.85 9.91 -47.05
CA THR D 148 24.63 9.49 -48.21
C THR D 148 24.07 10.10 -49.47
N VAL D 149 22.76 9.94 -49.71
CA VAL D 149 22.09 10.61 -50.82
C VAL D 149 22.47 12.08 -50.84
N TRP D 150 22.46 12.73 -49.68
CA TRP D 150 22.76 14.15 -49.66
C TRP D 150 24.19 14.40 -50.08
N GLY D 151 25.14 13.64 -49.51
CA GLY D 151 26.54 13.85 -49.81
C GLY D 151 26.81 13.77 -51.30
N ILE D 152 26.49 12.60 -51.88
CA ILE D 152 26.66 12.42 -53.31
C ILE D 152 25.90 13.48 -54.10
N MET D 153 24.73 13.89 -53.62
CA MET D 153 24.00 14.93 -54.35
C MET D 153 24.87 16.16 -54.47
N ASN D 154 25.39 16.64 -53.34
CA ASN D 154 26.24 17.82 -53.37
C ASN D 154 27.52 17.54 -54.17
N SER D 155 27.97 16.29 -54.18
CA SER D 155 29.09 15.91 -55.05
C SER D 155 28.80 16.31 -56.48
N PHE D 156 27.64 15.90 -57.00
CA PHE D 156 27.28 16.23 -58.38
C PHE D 156 27.12 17.73 -58.57
N ILE D 157 26.68 18.46 -57.53
CA ILE D 157 26.57 19.90 -57.62
C ILE D 157 27.94 20.52 -57.86
N GLY D 158 29.00 19.86 -57.40
CA GLY D 158 30.34 20.33 -57.69
C GLY D 158 30.71 20.19 -59.16
N ILE D 159 30.27 19.11 -59.82
CA ILE D 159 30.50 19.02 -61.25
C ILE D 159 29.80 20.17 -61.98
N ALA D 160 28.75 20.71 -61.38
CA ALA D 160 28.17 21.97 -61.84
C ALA D 160 29.02 23.15 -61.35
N GLN D 161 28.93 24.27 -62.08
CA GLN D 161 29.56 25.53 -61.72
C GLN D 161 31.07 25.47 -61.92
N THR D 162 31.61 24.26 -61.98
CA THR D 162 32.95 24.00 -62.47
C THR D 162 32.80 22.88 -63.49
N GLN D 163 32.93 23.18 -64.78
CA GLN D 163 32.46 22.22 -65.77
C GLN D 163 33.65 21.40 -66.24
N THR D 164 33.84 20.26 -65.57
CA THR D 164 34.76 19.17 -65.87
C THR D 164 34.32 18.00 -65.02
N THR D 165 34.66 16.78 -65.44
CA THR D 165 34.64 15.64 -64.53
C THR D 165 36.07 15.11 -64.44
N ASN D 166 36.70 15.33 -63.29
CA ASN D 166 37.97 14.69 -62.94
C ASN D 166 37.80 14.09 -61.55
N LEU D 167 38.84 13.43 -61.05
CA LEU D 167 38.63 12.34 -60.10
C LEU D 167 37.91 12.64 -58.76
N ALA D 168 38.38 13.40 -57.75
CA ALA D 168 39.27 14.59 -57.57
C ALA D 168 38.55 15.94 -57.66
N VAL D 169 37.40 16.08 -58.33
CA VAL D 169 36.42 17.08 -57.91
C VAL D 169 35.27 16.45 -57.15
N VAL D 170 35.08 15.12 -57.27
CA VAL D 170 33.98 14.44 -56.62
C VAL D 170 34.34 13.92 -55.22
N ALA D 171 35.65 13.82 -54.92
CA ALA D 171 36.10 13.12 -53.72
C ALA D 171 35.54 13.67 -52.41
N PRO D 172 35.47 14.99 -52.19
CA PRO D 172 34.90 15.45 -50.90
C PRO D 172 33.48 15.01 -50.67
N GLY D 173 32.61 15.21 -51.67
CA GLY D 173 31.23 14.84 -51.51
C GLY D 173 31.07 13.36 -51.26
N ILE D 174 31.85 12.54 -51.98
CA ILE D 174 31.64 11.11 -51.75
C ILE D 174 32.24 10.66 -50.41
N ALA D 175 33.32 11.29 -49.95
CA ALA D 175 33.81 10.98 -48.61
C ALA D 175 32.80 11.38 -47.54
N GLU D 176 32.08 12.47 -47.78
CA GLU D 176 30.96 12.88 -46.93
C GLU D 176 29.90 11.80 -46.86
N ALA D 177 29.39 11.41 -48.03
CA ALA D 177 28.36 10.39 -48.09
C ALA D 177 28.78 9.14 -47.35
N LEU D 178 30.00 8.68 -47.62
CA LEU D 178 30.50 7.47 -46.98
C LEU D 178 30.53 7.60 -45.47
N LEU D 179 31.00 8.75 -44.96
CA LEU D 179 30.96 8.97 -43.52
C LEU D 179 29.55 8.79 -42.98
N ALA D 180 28.56 9.35 -43.69
CA ALA D 180 27.19 9.24 -43.22
C ALA D 180 26.75 7.78 -43.13
N THR D 181 27.05 7.00 -44.16
CA THR D 181 26.76 5.57 -44.12
C THR D 181 27.41 4.89 -42.92
N ALA D 182 28.72 5.10 -42.75
CA ALA D 182 29.47 4.42 -41.69
C ALA D 182 28.87 4.69 -40.32
N ILE D 183 28.60 5.96 -40.03
CA ILE D 183 27.96 6.32 -38.76
C ILE D 183 26.56 5.73 -38.69
N GLY D 184 25.87 5.65 -39.82
CA GLY D 184 24.56 5.04 -39.83
C GLY D 184 24.59 3.59 -39.38
N LEU D 185 25.60 2.84 -39.79
CA LEU D 185 25.73 1.45 -39.35
C LEU D 185 26.18 1.38 -37.89
N VAL D 186 27.05 2.29 -37.46
CA VAL D 186 27.51 2.26 -36.07
C VAL D 186 26.38 2.63 -35.12
N ALA D 187 25.43 3.44 -35.56
CA ALA D 187 24.25 3.68 -34.73
C ALA D 187 23.20 2.59 -34.90
N ALA D 188 23.14 2.00 -36.08
CA ALA D 188 22.06 1.10 -36.41
C ALA D 188 22.25 -0.23 -35.70
N ILE D 189 23.32 -0.94 -36.02
CA ILE D 189 23.31 -2.35 -35.69
C ILE D 189 23.36 -2.59 -34.18
N PRO D 190 24.12 -1.81 -33.38
CA PRO D 190 24.12 -2.12 -31.94
C PRO D 190 22.78 -1.93 -31.28
N ALA D 191 22.00 -0.92 -31.66
CA ALA D 191 20.65 -0.80 -31.12
C ALA D 191 19.81 -2.00 -31.50
N VAL D 192 20.00 -2.52 -32.70
CA VAL D 192 19.22 -3.67 -33.14
C VAL D 192 19.53 -4.89 -32.28
N VAL D 193 20.82 -5.21 -32.14
CA VAL D 193 21.13 -6.42 -31.39
C VAL D 193 20.77 -6.26 -29.92
N ILE D 194 21.12 -5.12 -29.31
CA ILE D 194 20.77 -4.94 -27.92
C ILE D 194 19.25 -4.97 -27.75
N TYR D 195 18.51 -4.53 -28.76
CA TYR D 195 17.06 -4.70 -28.71
C TYR D 195 16.69 -6.17 -28.65
N ASN D 196 17.37 -7.02 -29.41
CA ASN D 196 16.99 -8.43 -29.43
C ASN D 196 17.39 -9.11 -28.12
N VAL D 197 18.63 -8.90 -27.69
CA VAL D 197 19.06 -9.42 -26.38
C VAL D 197 18.06 -9.03 -25.31
N PHE D 198 17.77 -7.72 -25.19
CA PHE D 198 16.86 -7.26 -24.15
C PHE D 198 15.48 -7.91 -24.25
N ALA D 199 14.96 -8.05 -25.48
CA ALA D 199 13.64 -8.68 -25.61
C ALA D 199 13.67 -10.11 -25.09
N ARG D 200 14.73 -10.88 -25.40
CA ARG D 200 14.78 -12.25 -24.92
C ARG D 200 14.96 -12.33 -23.39
N GLN D 201 15.80 -11.46 -22.82
CA GLN D 201 15.90 -11.42 -21.36
C GLN D 201 14.54 -11.08 -20.74
N ILE D 202 13.77 -10.19 -21.37
CA ILE D 202 12.45 -9.82 -20.86
C ILE D 202 11.51 -11.02 -20.89
N GLY D 203 11.50 -11.75 -22.01
CA GLY D 203 10.65 -12.93 -22.10
C GLY D 203 11.02 -14.00 -21.08
N GLY D 204 12.31 -14.14 -20.78
CA GLY D 204 12.70 -15.11 -19.78
C GLY D 204 12.40 -14.66 -18.36
N PHE D 205 12.42 -13.35 -18.13
CA PHE D 205 12.05 -12.84 -16.82
C PHE D 205 10.55 -12.99 -16.59
N LYS D 206 9.75 -12.58 -17.58
CA LYS D 206 8.32 -12.86 -17.56
C LYS D 206 8.04 -14.34 -17.30
N ALA D 207 8.83 -15.23 -17.91
CA ALA D 207 8.60 -16.65 -17.69
C ALA D 207 8.86 -17.05 -16.23
N MET D 208 9.99 -16.60 -15.67
CA MET D 208 10.30 -16.82 -14.26
C MET D 208 9.20 -16.30 -13.32
N LEU D 209 8.79 -15.04 -13.52
CA LEU D 209 7.68 -14.46 -12.75
C LEU D 209 6.40 -15.30 -12.89
N GLY D 210 6.14 -15.80 -14.09
CA GLY D 210 4.97 -16.62 -14.27
C GLY D 210 5.07 -17.94 -13.55
N ASP D 211 6.29 -18.44 -13.36
CA ASP D 211 6.48 -19.67 -12.59
C ASP D 211 6.18 -19.43 -11.12
N VAL D 212 6.68 -18.32 -10.56
CA VAL D 212 6.35 -17.99 -9.18
C VAL D 212 4.83 -17.83 -9.01
N ALA D 213 4.20 -17.03 -9.88
CA ALA D 213 2.77 -16.86 -9.79
C ALA D 213 2.05 -18.20 -9.90
N ALA D 214 2.53 -19.07 -10.77
CA ALA D 214 1.87 -20.36 -10.90
C ALA D 214 1.99 -21.17 -9.62
N GLN D 215 3.11 -21.02 -8.90
CA GLN D 215 3.25 -21.68 -7.60
C GLN D 215 2.21 -21.16 -6.61
N VAL D 216 2.02 -19.83 -6.57
CA VAL D 216 0.98 -19.26 -5.71
C VAL D 216 -0.40 -19.81 -6.06
N LEU D 217 -0.74 -19.87 -7.36
CA LEU D 217 -2.04 -20.40 -7.76
C LEU D 217 -2.21 -21.86 -7.38
N LEU D 218 -1.19 -22.68 -7.65
CA LEU D 218 -1.27 -24.08 -7.29
C LEU D 218 -1.54 -24.23 -5.81
N LEU D 219 -0.78 -23.49 -4.99
CA LEU D 219 -0.96 -23.54 -3.55
C LEU D 219 -2.38 -23.15 -3.15
N GLN D 220 -2.89 -22.03 -3.68
CA GLN D 220 -4.26 -21.66 -3.38
C GLN D 220 -5.24 -22.77 -3.74
N SER D 221 -5.22 -23.21 -5.00
CA SER D 221 -6.20 -24.16 -5.50
C SER D 221 -6.21 -25.42 -4.64
N ARG D 222 -5.01 -25.96 -4.40
CA ARG D 222 -4.92 -27.21 -3.66
C ARG D 222 -5.42 -27.02 -2.23
N ASP D 223 -5.07 -25.90 -1.60
CA ASP D 223 -5.44 -25.66 -0.19
C ASP D 223 -6.94 -25.45 -0.02
N LEU D 224 -7.58 -24.72 -0.94
CA LEU D 224 -9.04 -24.62 -0.90
C LEU D 224 -9.68 -26.00 -1.02
N ASP D 225 -9.17 -26.83 -1.95
CA ASP D 225 -9.75 -28.15 -2.12
C ASP D 225 -9.62 -28.98 -0.86
N LEU D 226 -8.49 -28.83 -0.14
CA LEU D 226 -8.30 -29.67 1.05
C LEU D 226 -9.10 -29.14 2.25
N GLU D 227 -9.23 -27.81 2.39
CA GLU D 227 -10.12 -27.27 3.41
C GLU D 227 -11.55 -27.68 3.13
N ALA D 228 -11.94 -27.74 1.86
CA ALA D 228 -13.32 -28.06 1.55
C ALA D 228 -13.61 -29.52 1.77
N SER D 229 -12.60 -30.38 1.59
CA SER D 229 -12.82 -31.81 1.82
C SER D 229 -12.83 -32.15 3.30
N ALA D 230 -12.01 -31.46 4.09
CA ALA D 230 -12.02 -31.68 5.54
C ALA D 230 -13.31 -31.18 6.18
N ALA D 231 -13.85 -30.06 5.68
CA ALA D 231 -15.10 -29.52 6.17
C ALA D 231 -16.31 -30.34 5.74
N ALA D 232 -16.13 -31.23 4.75
CA ALA D 232 -17.19 -32.09 4.23
C ALA D 232 -17.14 -33.47 4.89
N HIS D 233 -16.03 -34.19 4.71
CA HIS D 233 -15.83 -35.54 5.23
C HIS D 233 -14.73 -35.52 6.27
N PRO D 234 -15.03 -35.07 7.52
CA PRO D 234 -14.07 -35.04 8.63
C PRO D 234 -13.90 -36.41 9.30
N VAL E 12 21.69 40.78 19.34
CA VAL E 12 21.57 39.33 19.51
C VAL E 12 22.48 38.60 18.52
N TRP E 13 23.28 39.38 17.77
CA TRP E 13 24.13 38.81 16.73
C TRP E 13 25.56 38.63 17.22
N GLY E 14 26.27 39.73 17.45
CA GLY E 14 27.58 39.63 18.08
C GLY E 14 27.51 38.97 19.44
N MET E 15 26.39 39.18 20.15
CA MET E 15 26.18 38.66 21.49
C MET E 15 26.44 37.16 21.55
N TYR E 16 25.55 36.36 20.95
CA TYR E 16 25.72 34.91 20.92
C TYR E 16 27.01 34.49 20.23
N GLN E 17 27.69 35.41 19.55
CA GLN E 17 28.97 35.08 18.94
C GLN E 17 30.08 34.97 19.98
N HIS E 18 30.01 35.77 21.04
CA HIS E 18 31.08 35.86 22.03
C HIS E 18 30.85 35.00 23.28
N ALA E 19 29.77 34.22 23.32
CA ALA E 19 29.35 33.45 24.49
C ALA E 19 30.21 32.19 24.69
N ASP E 20 29.92 31.47 25.78
CA ASP E 20 30.63 30.24 26.10
C ASP E 20 30.09 29.09 25.26
N ILE E 21 30.94 28.07 25.05
CA ILE E 21 30.56 26.97 24.18
C ILE E 21 29.36 26.21 24.76
N VAL E 22 29.37 25.94 26.07
CA VAL E 22 28.24 25.25 26.68
C VAL E 22 26.97 26.06 26.55
N VAL E 23 27.04 27.36 26.87
CA VAL E 23 25.83 28.16 26.77
C VAL E 23 25.40 28.26 25.30
N LYS E 24 26.38 28.31 24.39
CA LYS E 24 26.04 28.26 22.97
C LYS E 24 25.29 26.98 22.63
N CYS E 25 25.61 25.89 23.33
CA CYS E 25 24.91 24.64 23.09
C CYS E 25 23.49 24.71 23.60
N VAL E 26 23.29 25.20 24.82
CA VAL E 26 21.92 25.30 25.34
C VAL E 26 21.08 26.19 24.42
N MET E 27 21.65 27.31 23.94
CA MET E 27 20.88 28.22 23.10
C MET E 27 20.49 27.57 21.78
N ILE E 28 21.46 26.95 21.09
CA ILE E 28 21.13 26.35 19.80
C ILE E 28 20.14 25.22 20.00
N GLY E 29 20.33 24.43 21.05
CA GLY E 29 19.37 23.38 21.34
C GLY E 29 17.97 23.92 21.59
N LEU E 30 17.85 24.98 22.40
CA LEU E 30 16.54 25.54 22.68
C LEU E 30 15.86 26.04 21.43
N ILE E 31 16.60 26.73 20.55
CA ILE E 31 15.96 27.28 19.35
C ILE E 31 15.56 26.16 18.39
N LEU E 32 16.34 25.08 18.32
CA LEU E 32 15.89 23.92 17.54
C LEU E 32 14.61 23.33 18.12
N ALA E 33 14.54 23.22 19.44
CA ALA E 33 13.30 22.81 20.07
C ALA E 33 12.15 23.68 19.57
N SER E 34 12.37 25.01 19.53
CA SER E 34 11.31 25.91 19.09
C SER E 34 10.89 25.63 17.64
N VAL E 35 11.86 25.47 16.76
CA VAL E 35 11.53 25.22 15.36
C VAL E 35 10.76 23.92 15.20
N VAL E 36 11.16 22.88 15.93
CA VAL E 36 10.43 21.62 15.86
C VAL E 36 8.98 21.81 16.32
N THR E 37 8.77 22.52 17.43
CA THR E 37 7.39 22.69 17.86
C THR E 37 6.57 23.37 16.77
N TRP E 38 7.11 24.43 16.16
CA TRP E 38 6.26 25.13 15.19
C TRP E 38 6.07 24.35 13.89
N ALA E 39 7.05 23.56 13.48
CA ALA E 39 6.84 22.69 12.33
C ALA E 39 5.71 21.71 12.60
N ILE E 40 5.82 20.98 13.72
CA ILE E 40 4.75 20.07 14.13
C ILE E 40 3.41 20.80 14.14
N PHE E 41 3.41 22.04 14.64
CA PHE E 41 2.17 22.77 14.78
C PHE E 41 1.51 23.04 13.43
N PHE E 42 2.27 23.54 12.46
CA PHE E 42 1.61 23.91 11.21
C PHE E 42 1.11 22.67 10.48
N SER E 43 1.95 21.64 10.35
CA SER E 43 1.50 20.47 9.62
C SER E 43 0.33 19.78 10.33
N LYS E 44 0.50 19.42 11.61
CA LYS E 44 -0.60 18.72 12.27
C LYS E 44 -1.83 19.61 12.39
N SER E 45 -1.67 20.94 12.41
CA SER E 45 -2.85 21.80 12.48
C SER E 45 -3.70 21.67 11.22
N VAL E 46 -3.10 21.79 10.03
CA VAL E 46 -3.93 21.65 8.84
C VAL E 46 -4.47 20.22 8.68
N GLU E 47 -3.64 19.23 9.02
CA GLU E 47 -4.12 17.85 8.95
C GLU E 47 -5.38 17.66 9.79
N PHE E 48 -5.35 18.06 11.06
CA PHE E 48 -6.54 17.90 11.89
C PHE E 48 -7.72 18.70 11.31
N PHE E 49 -7.45 19.90 10.79
CA PHE E 49 -8.54 20.69 10.20
C PHE E 49 -9.27 19.92 9.09
N ASN E 50 -8.50 19.35 8.16
CA ASN E 50 -9.09 18.66 7.02
C ASN E 50 -9.83 17.41 7.46
N GLN E 51 -9.20 16.59 8.31
CA GLN E 51 -9.85 15.35 8.75
C GLN E 51 -11.16 15.62 9.49
N LYS E 52 -11.16 16.59 10.42
CA LYS E 52 -12.40 16.83 11.14
C LYS E 52 -13.48 17.43 10.24
N ARG E 53 -13.10 18.26 9.25
CA ARG E 53 -14.10 18.68 8.27
C ARG E 53 -14.72 17.46 7.59
N ARG E 54 -13.87 16.58 7.05
CA ARG E 54 -14.36 15.43 6.31
C ARG E 54 -15.30 14.58 7.17
N LEU E 55 -14.87 14.24 8.39
CA LEU E 55 -15.65 13.37 9.25
C LEU E 55 -16.96 14.00 9.65
N LYS E 56 -16.96 15.29 9.97
CA LYS E 56 -18.21 15.96 10.35
C LYS E 56 -19.22 15.90 9.22
N ARG E 57 -18.78 16.17 7.98
CA ARG E 57 -19.65 16.00 6.82
C ARG E 57 -20.18 14.56 6.72
N GLU E 58 -19.30 13.57 6.92
CA GLU E 58 -19.73 12.18 6.80
C GLU E 58 -20.74 11.79 7.88
N GLN E 59 -20.54 12.25 9.11
CA GLN E 59 -21.45 11.93 10.19
C GLN E 59 -22.82 12.57 9.94
N GLN E 60 -22.83 13.81 9.46
CA GLN E 60 -24.10 14.43 9.11
C GLN E 60 -24.83 13.62 8.04
N LEU E 61 -24.14 13.24 6.96
CA LEU E 61 -24.81 12.50 5.89
C LEU E 61 -25.29 11.13 6.35
N LEU E 62 -24.52 10.48 7.22
CA LEU E 62 -24.91 9.13 7.65
C LEU E 62 -26.02 9.14 8.68
N ALA E 63 -26.27 10.27 9.35
CA ALA E 63 -27.40 10.30 10.27
C ALA E 63 -28.73 9.99 9.56
N GLU E 64 -28.79 10.07 8.23
CA GLU E 64 -30.05 9.80 7.55
C GLU E 64 -30.28 8.31 7.29
N ALA E 65 -29.24 7.49 7.34
CA ALA E 65 -29.39 6.06 7.08
C ALA E 65 -30.35 5.39 8.07
N ARG E 66 -31.33 4.69 7.52
CA ARG E 66 -32.22 3.86 8.33
C ARG E 66 -31.85 2.39 8.29
N SER E 67 -30.73 2.03 7.66
CA SER E 67 -30.22 0.66 7.68
C SER E 67 -28.77 0.65 7.19
N LEU E 68 -28.13 -0.54 7.23
CA LEU E 68 -26.71 -0.63 6.87
C LEU E 68 -26.53 -0.54 5.36
N ASN E 69 -27.45 -1.10 4.60
CA ASN E 69 -27.37 -0.95 3.15
C ASN E 69 -27.49 0.52 2.76
N GLN E 70 -28.50 1.21 3.30
CA GLN E 70 -28.66 2.63 2.99
C GLN E 70 -27.43 3.45 3.36
N ALA E 71 -26.77 3.09 4.47
CA ALA E 71 -25.54 3.75 4.88
C ALA E 71 -24.43 3.51 3.86
N ASN E 72 -24.34 2.25 3.38
CA ASN E 72 -23.35 1.93 2.37
C ASN E 72 -23.57 2.75 1.10
N ASP E 73 -24.82 2.89 0.65
CA ASP E 73 -25.03 3.73 -0.52
C ASP E 73 -24.65 5.18 -0.24
N ILE E 74 -24.98 5.68 0.95
CA ILE E 74 -24.62 7.06 1.28
C ILE E 74 -23.10 7.24 1.23
N ALA E 75 -22.35 6.27 1.74
CA ALA E 75 -20.92 6.40 1.88
C ALA E 75 -20.11 6.03 0.64
N ALA E 76 -20.74 5.51 -0.40
CA ALA E 76 -20.03 4.92 -1.54
C ALA E 76 -18.92 5.81 -2.07
N ASP E 77 -19.20 7.10 -2.25
CA ASP E 77 -18.23 8.04 -2.82
C ASP E 77 -17.53 8.89 -1.76
N PHE E 78 -17.55 8.49 -0.49
CA PHE E 78 -16.84 9.25 0.54
C PHE E 78 -15.36 9.35 0.25
N GLY E 79 -14.83 8.55 -0.66
CA GLY E 79 -13.40 8.65 -0.82
C GLY E 79 -12.66 7.50 -0.15
N SER E 80 -11.41 7.30 -0.62
CA SER E 80 -10.55 6.20 -0.21
C SER E 80 -9.96 6.41 1.18
N LYS E 81 -9.78 7.65 1.60
CA LYS E 81 -9.19 7.92 2.89
C LYS E 81 -10.26 8.07 3.97
N SER E 82 -11.52 7.82 3.63
CA SER E 82 -12.61 8.04 4.57
C SER E 82 -12.57 7.07 5.75
N LEU E 83 -12.64 7.61 6.96
CA LEU E 83 -12.70 6.75 8.14
C LEU E 83 -14.05 6.03 8.21
N SER E 84 -15.12 6.72 7.84
CA SER E 84 -16.45 6.12 7.86
C SER E 84 -16.53 4.89 6.97
N LEU E 85 -16.03 5.02 5.73
CA LEU E 85 -16.06 3.88 4.85
C LEU E 85 -15.30 2.72 5.46
N HIS E 86 -14.18 3.01 6.14
CA HIS E 86 -13.40 1.95 6.78
C HIS E 86 -14.23 1.23 7.83
N LEU E 87 -14.97 1.99 8.64
CA LEU E 87 -15.81 1.39 9.66
C LEU E 87 -16.91 0.52 9.04
N LEU E 88 -17.58 1.05 8.01
CA LEU E 88 -18.64 0.30 7.36
C LEU E 88 -18.11 -1.00 6.75
N ASN E 89 -16.98 -0.93 6.06
CA ASN E 89 -16.40 -2.13 5.44
C ASN E 89 -16.01 -3.14 6.50
N GLU E 90 -15.53 -2.68 7.65
CA GLU E 90 -15.22 -3.61 8.73
C GLU E 90 -16.47 -4.35 9.20
N ALA E 91 -17.57 -3.61 9.42
CA ALA E 91 -18.81 -4.24 9.88
C ALA E 91 -19.35 -5.24 8.86
N GLN E 92 -19.31 -4.88 7.58
CA GLN E 92 -19.71 -5.83 6.55
C GLN E 92 -18.82 -7.07 6.58
N ASN E 93 -17.53 -6.88 6.86
CA ASN E 93 -16.63 -8.01 6.89
C ASN E 93 -17.01 -8.98 8.00
N GLU E 94 -17.40 -8.44 9.15
CA GLU E 94 -17.84 -9.33 10.23
C GLU E 94 -19.08 -10.11 9.81
N LEU E 95 -20.03 -9.44 9.13
CA LEU E 95 -21.20 -10.16 8.63
C LEU E 95 -20.80 -11.30 7.69
N GLU E 96 -19.86 -11.04 6.77
CA GLU E 96 -19.51 -12.08 5.81
C GLU E 96 -18.77 -13.25 6.46
N LEU E 97 -17.89 -12.97 7.44
CA LEU E 97 -17.19 -14.06 8.11
C LEU E 97 -18.09 -14.92 8.97
N SER E 98 -19.16 -14.35 9.52
CA SER E 98 -20.07 -15.07 10.37
C SER E 98 -21.22 -15.66 9.60
N GLU E 99 -21.24 -15.48 8.29
CA GLU E 99 -22.28 -16.07 7.45
C GLU E 99 -22.39 -17.55 7.80
N GLY E 100 -23.61 -18.00 8.02
CA GLY E 100 -23.85 -19.36 8.43
C GLY E 100 -23.97 -19.54 9.92
N SER E 101 -23.68 -18.53 10.72
CA SER E 101 -23.85 -18.62 12.15
C SER E 101 -25.24 -18.14 12.54
N ASP E 102 -25.87 -18.89 13.45
CA ASP E 102 -27.18 -18.58 14.01
C ASP E 102 -27.13 -17.59 15.16
N ASP E 103 -25.96 -17.25 15.68
CA ASP E 103 -25.84 -16.49 16.92
C ASP E 103 -25.57 -15.03 16.59
N ASN E 104 -26.62 -14.21 16.72
CA ASN E 104 -26.45 -12.79 16.43
C ASN E 104 -25.79 -12.05 17.58
N GLU E 105 -25.94 -12.51 18.83
CA GLU E 105 -25.16 -11.94 19.93
C GLU E 105 -23.68 -11.95 19.57
N GLY E 106 -23.17 -13.09 19.10
CA GLY E 106 -21.76 -13.17 18.76
C GLY E 106 -21.35 -12.14 17.73
N ILE E 107 -22.13 -12.03 16.66
CA ILE E 107 -21.85 -11.10 15.59
C ILE E 107 -21.73 -9.68 16.15
N MLY E 108 -22.80 -9.21 16.82
CA MLY E 108 -22.79 -7.92 17.52
CB MLY E 108 -24.05 -7.78 18.37
CG MLY E 108 -25.37 -7.63 17.59
CD MLY E 108 -26.53 -7.73 18.56
CE MLY E 108 -27.86 -7.85 17.86
NZ MLY E 108 -28.98 -8.24 18.78
CH1 MLY E 108 -28.82 -9.64 19.19
CH2 MLY E 108 -28.83 -7.40 19.97
C MLY E 108 -21.53 -7.73 18.38
O MLY E 108 -20.76 -6.77 18.15
N GLU E 109 -21.27 -8.69 19.27
CA GLU E 109 -20.10 -8.61 20.14
C GLU E 109 -18.81 -8.42 19.31
N ARG E 110 -18.60 -9.33 18.36
CA ARG E 110 -17.39 -9.28 17.58
C ARG E 110 -17.27 -7.95 16.86
N THR E 111 -18.39 -7.42 16.38
CA THR E 111 -18.33 -6.19 15.62
C THR E 111 -17.98 -5.02 16.51
N SER E 112 -18.60 -4.91 17.68
CA SER E 112 -18.30 -3.73 18.48
C SER E 112 -16.82 -3.75 18.91
N PHE E 113 -16.37 -4.91 19.37
CA PHE E 113 -14.97 -5.10 19.70
C PHE E 113 -14.06 -4.63 18.58
N ARG E 114 -14.36 -5.01 17.34
CA ARG E 114 -13.48 -4.60 16.26
C ARG E 114 -13.47 -3.09 16.10
N LEU E 115 -14.68 -2.48 16.03
CA LEU E 115 -14.77 -1.05 15.70
C LEU E 115 -14.15 -0.19 16.79
N GLU E 116 -14.49 -0.45 18.05
CA GLU E 116 -13.89 0.32 19.12
C GLU E 116 -12.36 0.17 19.14
N ARG E 117 -11.82 -0.93 18.62
CA ARG E 117 -10.37 -1.00 18.56
C ARG E 117 -9.81 -0.19 17.40
N ARG E 118 -10.49 -0.22 16.25
CA ARG E 118 -10.10 0.65 15.14
C ARG E 118 -10.08 2.10 15.58
N VAL E 119 -11.15 2.53 16.27
CA VAL E 119 -11.17 3.88 16.82
C VAL E 119 -9.94 4.13 17.67
N ALA E 120 -9.68 3.22 18.61
CA ALA E 120 -8.52 3.42 19.47
C ALA E 120 -7.26 3.60 18.63
N ALA E 121 -7.08 2.74 17.62
CA ALA E 121 -5.88 2.80 16.81
C ALA E 121 -5.73 4.15 16.13
N VAL E 122 -6.83 4.69 15.58
CA VAL E 122 -6.75 6.00 14.93
C VAL E 122 -6.34 7.04 15.95
N GLY E 123 -6.92 6.97 17.16
CA GLY E 123 -6.51 7.89 18.18
C GLY E 123 -5.03 7.79 18.44
N ARG E 124 -4.52 6.57 18.54
CA ARG E 124 -3.10 6.38 18.80
C ARG E 124 -2.28 6.97 17.66
N GLN E 125 -2.73 6.77 16.42
CA GLN E 125 -1.97 7.27 15.28
C GLN E 125 -1.96 8.78 15.24
N MET E 126 -2.99 9.43 15.77
CA MET E 126 -2.93 10.88 15.83
C MET E 126 -2.12 11.35 17.03
N GLY E 127 -2.06 10.55 18.10
CA GLY E 127 -1.24 10.92 19.24
C GLY E 127 0.23 10.92 18.93
N ARG E 128 0.57 10.49 17.71
CA ARG E 128 1.94 10.42 17.26
C ARG E 128 2.49 11.81 17.00
N GLY E 129 3.65 12.10 17.58
CA GLY E 129 4.26 13.38 17.44
C GLY E 129 3.87 14.36 18.54
N ASN E 130 2.70 14.18 19.15
CA ASN E 130 2.39 14.96 20.32
C ASN E 130 3.33 14.60 21.46
N GLY E 131 3.90 13.40 21.43
CA GLY E 131 4.88 13.03 22.43
C GLY E 131 6.06 13.97 22.44
N TYR E 132 6.58 14.31 21.26
CA TYR E 132 7.74 15.20 21.16
C TYR E 132 7.46 16.57 21.76
N LEU E 133 6.25 17.08 21.54
CA LEU E 133 5.83 18.32 22.19
C LEU E 133 5.81 18.15 23.70
N ALA E 134 5.23 17.05 24.17
CA ALA E 134 5.21 16.80 25.61
C ALA E 134 6.62 16.76 26.19
N THR E 135 7.55 16.10 25.49
CA THR E 135 8.91 15.99 25.99
C THR E 135 9.63 17.33 25.96
N ILE E 136 9.48 18.07 24.86
CA ILE E 136 10.12 19.39 24.76
C ILE E 136 9.58 20.31 25.83
N GLY E 137 8.26 20.36 25.98
CA GLY E 137 7.69 21.15 27.06
C GLY E 137 8.14 20.67 28.42
N ALA E 138 8.51 19.39 28.53
CA ALA E 138 8.96 18.88 29.80
C ALA E 138 10.37 19.38 30.13
N ILE E 139 11.32 19.20 29.21
CA ILE E 139 12.72 19.43 29.55
C ILE E 139 13.24 20.82 29.19
N SER E 140 12.48 21.62 28.43
CA SER E 140 13.00 22.95 28.06
C SER E 140 13.24 23.83 29.28
N PRO E 141 12.37 23.88 30.27
CA PRO E 141 12.75 24.64 31.47
C PRO E 141 14.00 24.08 32.15
N PHE E 142 14.18 22.77 32.18
CA PHE E 142 15.41 22.26 32.77
C PHE E 142 16.64 22.74 32.00
N VAL E 143 16.55 22.82 30.67
CA VAL E 143 17.71 23.23 29.88
C VAL E 143 17.97 24.72 30.05
N GLY E 144 16.93 25.54 29.90
CA GLY E 144 17.08 26.95 30.17
C GLY E 144 17.62 27.21 31.55
N LEU E 145 17.02 26.57 32.55
CA LEU E 145 17.46 26.70 33.92
C LEU E 145 18.91 26.26 34.09
N PHE E 146 19.31 25.18 33.42
CA PHE E 146 20.72 24.81 33.37
C PHE E 146 21.57 25.93 32.81
N GLY E 147 21.12 26.50 31.68
CA GLY E 147 21.84 27.62 31.09
C GLY E 147 22.06 28.72 32.09
N THR E 148 21.00 29.14 32.80
CA THR E 148 21.16 30.25 33.73
C THR E 148 22.08 29.88 34.88
N VAL E 149 21.93 28.65 35.43
CA VAL E 149 22.80 28.16 36.49
C VAL E 149 24.25 28.21 36.05
N TRP E 150 24.49 27.78 34.81
CA TRP E 150 25.83 27.84 34.24
C TRP E 150 26.30 29.27 34.12
N GLY E 151 25.42 30.18 33.69
CA GLY E 151 25.77 31.57 33.51
C GLY E 151 26.23 32.25 34.78
N ILE E 152 25.40 32.19 35.82
CA ILE E 152 25.77 32.77 37.10
C ILE E 152 26.99 32.06 37.70
N MET E 153 27.10 30.75 37.48
CA MET E 153 28.32 30.08 37.90
C MET E 153 29.54 30.74 37.26
N ASN E 154 29.48 30.96 35.94
CA ASN E 154 30.61 31.54 35.24
C ASN E 154 30.87 32.99 35.62
N SER E 155 29.83 33.76 35.90
CA SER E 155 30.07 35.13 36.36
C SER E 155 30.79 35.11 37.71
N PHE E 156 30.41 34.18 38.61
CA PHE E 156 31.11 34.09 39.90
C PHE E 156 32.54 33.61 39.74
N ILE E 157 32.80 32.72 38.76
CA ILE E 157 34.17 32.39 38.42
C ILE E 157 34.88 33.62 37.87
N GLY E 158 34.14 34.48 37.18
CA GLY E 158 34.71 35.69 36.61
C GLY E 158 35.24 36.67 37.63
N ILE E 159 34.50 36.88 38.72
CA ILE E 159 34.97 37.88 39.69
C ILE E 159 36.35 37.55 40.22
N ALA E 160 36.67 36.27 40.35
CA ALA E 160 37.96 35.87 40.86
C ALA E 160 38.52 34.82 39.94
N GLN E 161 39.62 35.11 39.24
CA GLN E 161 40.55 36.18 39.56
C GLN E 161 40.15 37.52 38.97
N THR E 162 41.06 38.49 39.11
CA THR E 162 40.87 39.93 39.10
C THR E 162 40.29 40.36 40.44
N GLN E 163 39.66 39.41 41.14
CA GLN E 163 39.42 39.44 42.59
C GLN E 163 38.79 40.76 43.06
N THR E 164 38.03 41.43 42.21
CA THR E 164 37.35 42.66 42.59
C THR E 164 35.84 42.44 42.46
N THR E 165 35.06 43.26 43.15
CA THR E 165 33.61 43.13 43.08
C THR E 165 33.03 43.96 41.94
N ASN E 166 32.92 45.27 42.14
CA ASN E 166 32.36 46.19 41.13
C ASN E 166 31.12 45.59 40.48
N LEU E 167 30.98 45.78 39.18
CA LEU E 167 29.87 45.20 38.44
C LEU E 167 30.28 44.66 37.07
N ALA E 168 31.07 45.44 36.33
CA ALA E 168 31.16 45.24 34.89
C ALA E 168 31.59 43.83 34.49
N VAL E 169 32.35 43.12 35.32
CA VAL E 169 32.66 41.73 34.98
C VAL E 169 31.59 40.77 35.51
N VAL E 170 30.79 41.21 36.47
CA VAL E 170 29.68 40.41 36.99
C VAL E 170 28.47 40.49 36.06
N ALA E 171 28.33 41.62 35.36
CA ALA E 171 27.19 41.85 34.46
C ALA E 171 27.11 40.87 33.30
N PRO E 172 28.20 40.52 32.61
CA PRO E 172 28.06 39.62 31.44
C PRO E 172 27.49 38.25 31.78
N GLY E 173 27.97 37.62 32.85
CA GLY E 173 27.41 36.35 33.24
C GLY E 173 25.94 36.47 33.56
N ILE E 174 25.56 37.59 34.18
CA ILE E 174 24.14 37.81 34.46
C ILE E 174 23.37 37.90 33.15
N ALA E 175 23.94 38.62 32.17
CA ALA E 175 23.29 38.78 30.87
C ALA E 175 23.05 37.43 30.20
N GLU E 176 24.06 36.56 30.20
CA GLU E 176 23.91 35.26 29.53
C GLU E 176 22.94 34.34 30.29
N ALA E 177 23.02 34.32 31.62
CA ALA E 177 22.04 33.55 32.37
C ALA E 177 20.62 33.99 32.03
N LEU E 178 20.36 35.31 32.11
CA LEU E 178 19.01 35.79 31.78
C LEU E 178 18.61 35.38 30.37
N LEU E 179 19.55 35.43 29.42
CA LEU E 179 19.26 34.97 28.08
C LEU E 179 18.80 33.51 28.06
N ALA E 180 19.48 32.65 28.85
CA ALA E 180 19.11 31.25 28.91
C ALA E 180 17.70 31.07 29.44
N THR E 181 17.35 31.82 30.49
CA THR E 181 15.98 31.76 30.98
C THR E 181 15.00 32.16 29.90
N ALA E 182 15.26 33.29 29.24
CA ALA E 182 14.34 33.79 28.23
C ALA E 182 14.12 32.79 27.12
N ILE E 183 15.19 32.27 26.54
CA ILE E 183 15.03 31.33 25.44
C ILE E 183 14.40 30.04 25.93
N GLY E 184 14.71 29.64 27.16
CA GLY E 184 14.03 28.49 27.74
C GLY E 184 12.52 28.69 27.79
N LEU E 185 12.07 29.88 28.18
CA LEU E 185 10.65 30.19 28.20
C LEU E 185 10.07 30.16 26.80
N VAL E 186 10.76 30.77 25.85
CA VAL E 186 10.27 30.79 24.47
C VAL E 186 10.17 29.39 23.90
N ALA E 187 11.02 28.47 24.35
CA ALA E 187 10.87 27.10 23.87
C ALA E 187 9.77 26.36 24.64
N ALA E 188 9.73 26.52 25.96
CA ALA E 188 8.87 25.69 26.80
C ALA E 188 7.40 26.05 26.63
N ILE E 189 7.07 27.34 26.74
CA ILE E 189 5.66 27.73 26.81
C ILE E 189 4.88 27.30 25.58
N PRO E 190 5.31 27.62 24.36
CA PRO E 190 4.51 27.17 23.21
C PRO E 190 4.43 25.67 23.06
N ALA E 191 5.46 24.94 23.45
CA ALA E 191 5.43 23.50 23.36
C ALA E 191 4.35 22.89 24.28
N VAL E 192 4.27 23.34 25.53
CA VAL E 192 3.25 22.78 26.41
C VAL E 192 1.86 23.22 25.97
N VAL E 193 1.69 24.49 25.59
CA VAL E 193 0.36 24.95 25.21
C VAL E 193 -0.12 24.17 23.98
N ILE E 194 0.75 24.07 22.99
CA ILE E 194 0.38 23.32 21.80
C ILE E 194 0.11 21.86 22.15
N TYR E 195 0.92 21.27 23.03
CA TYR E 195 0.67 19.89 23.40
C TYR E 195 -0.73 19.71 23.96
N ASN E 196 -1.16 20.63 24.82
CA ASN E 196 -2.49 20.54 25.41
C ASN E 196 -3.59 20.75 24.38
N VAL E 197 -3.44 21.76 23.53
CA VAL E 197 -4.43 22.00 22.47
C VAL E 197 -4.58 20.76 21.58
N PHE E 198 -3.46 20.17 21.17
CA PHE E 198 -3.57 18.99 20.31
C PHE E 198 -4.14 17.80 21.05
N ALA E 199 -3.80 17.63 22.33
CA ALA E 199 -4.38 16.50 23.06
C ALA E 199 -5.90 16.65 23.15
N ARG E 200 -6.38 17.88 23.32
CA ARG E 200 -7.81 18.13 23.37
C ARG E 200 -8.47 17.88 22.02
N GLN E 201 -7.87 18.40 20.94
CA GLN E 201 -8.40 18.13 19.62
C GLN E 201 -8.48 16.63 19.33
N ILE E 202 -7.43 15.88 19.69
CA ILE E 202 -7.39 14.43 19.48
C ILE E 202 -8.50 13.77 20.25
N GLY E 203 -8.70 14.21 21.50
CA GLY E 203 -9.82 13.66 22.26
C GLY E 203 -11.13 13.85 21.55
N GLY E 204 -11.39 15.08 21.08
CA GLY E 204 -12.64 15.37 20.41
C GLY E 204 -12.82 14.58 19.12
N PHE E 205 -11.74 14.42 18.37
CA PHE E 205 -11.84 13.65 17.14
C PHE E 205 -12.14 12.20 17.44
N LYS E 206 -11.50 11.64 18.46
CA LYS E 206 -11.74 10.26 18.85
C LYS E 206 -13.20 10.07 19.29
N ALA E 207 -13.76 11.05 20.01
CA ALA E 207 -15.18 10.97 20.40
C ALA E 207 -16.10 10.99 19.17
N MET E 208 -15.86 11.91 18.24
CA MET E 208 -16.65 11.95 17.01
C MET E 208 -16.54 10.64 16.23
N LEU E 209 -15.33 10.11 16.13
CA LEU E 209 -15.16 8.86 15.41
C LEU E 209 -15.91 7.74 16.10
N GLY E 210 -15.84 7.71 17.43
CA GLY E 210 -16.63 6.74 18.15
C GLY E 210 -18.12 6.92 17.93
N ASP E 211 -18.56 8.17 17.68
CA ASP E 211 -19.98 8.43 17.38
C ASP E 211 -20.39 7.85 16.04
N VAL E 212 -19.53 8.02 15.03
CA VAL E 212 -19.78 7.38 13.74
C VAL E 212 -19.81 5.86 13.89
N ALA E 213 -18.85 5.32 14.63
CA ALA E 213 -18.80 3.89 14.89
C ALA E 213 -20.09 3.41 15.53
N ALA E 214 -20.57 4.15 16.53
CA ALA E 214 -21.79 3.74 17.20
C ALA E 214 -22.95 3.72 16.23
N GLN E 215 -23.01 4.71 15.33
CA GLN E 215 -24.05 4.64 14.30
C GLN E 215 -23.98 3.32 13.53
N VAL E 216 -22.76 2.93 13.14
CA VAL E 216 -22.58 1.68 12.38
C VAL E 216 -23.09 0.48 13.20
N LEU E 217 -22.71 0.42 14.47
CA LEU E 217 -23.14 -0.65 15.36
C LEU E 217 -24.67 -0.70 15.49
N LEU E 218 -25.31 0.45 15.73
CA LEU E 218 -26.75 0.46 15.91
C LEU E 218 -27.46 -0.04 14.66
N LEU E 219 -27.04 0.44 13.48
CA LEU E 219 -27.64 -0.04 12.24
C LEU E 219 -27.48 -1.54 12.09
N GLN E 220 -26.28 -2.05 12.36
CA GLN E 220 -26.09 -3.50 12.28
C GLN E 220 -26.98 -4.27 13.28
N SER E 221 -27.04 -3.80 14.52
CA SER E 221 -27.84 -4.43 15.56
C SER E 221 -29.30 -4.51 15.14
N ARG E 222 -29.86 -3.37 14.71
CA ARG E 222 -31.26 -3.31 14.33
C ARG E 222 -31.54 -4.21 13.15
N ASP E 223 -30.66 -4.20 12.16
CA ASP E 223 -30.89 -5.05 10.99
C ASP E 223 -30.87 -6.52 11.35
N LEU E 224 -29.93 -6.96 12.20
CA LEU E 224 -29.92 -8.35 12.63
C LEU E 224 -31.23 -8.72 13.34
N ASP E 225 -31.70 -7.87 14.25
CA ASP E 225 -32.91 -8.19 15.00
C ASP E 225 -34.14 -8.20 14.10
N LEU E 226 -34.21 -7.27 13.15
CA LEU E 226 -35.37 -7.21 12.26
C LEU E 226 -35.39 -8.39 11.30
N GLU E 227 -34.23 -8.80 10.78
CA GLU E 227 -34.18 -10.01 9.95
C GLU E 227 -34.57 -11.25 10.74
N ALA E 228 -34.10 -11.35 11.97
CA ALA E 228 -34.48 -12.48 12.81
C ALA E 228 -35.98 -12.49 13.08
N SER E 229 -36.58 -11.31 13.31
CA SER E 229 -38.02 -11.25 13.60
C SER E 229 -38.86 -11.55 12.36
N ALA E 230 -38.41 -11.07 11.20
CA ALA E 230 -39.13 -11.35 9.96
C ALA E 230 -39.02 -12.82 9.58
N ALA E 231 -37.95 -13.50 10.03
CA ALA E 231 -37.91 -14.94 9.77
C ALA E 231 -38.77 -15.71 10.77
N ALA E 232 -38.78 -15.28 12.04
CA ALA E 232 -39.53 -16.01 13.06
C ALA E 232 -41.02 -15.91 12.85
N HIS E 233 -41.51 -14.70 12.59
CA HIS E 233 -42.93 -14.42 12.36
C HIS E 233 -43.07 -13.95 10.92
N PRO E 234 -43.08 -14.89 9.95
CA PRO E 234 -43.16 -14.56 8.51
C PRO E 234 -44.52 -14.03 8.09
N GLN F 7 29.75 29.80 -63.84
CA GLN F 7 29.00 30.35 -64.96
C GLN F 7 27.53 29.94 -64.93
N THR F 8 27.29 28.67 -64.60
CA THR F 8 25.95 28.12 -64.46
C THR F 8 25.32 28.47 -63.11
N ASP F 9 23.98 28.46 -63.08
CA ASP F 9 23.18 28.86 -61.92
C ASP F 9 22.63 27.64 -61.18
N LEU F 10 23.07 27.44 -59.95
CA LEU F 10 22.57 26.39 -59.07
C LEU F 10 21.95 27.03 -57.85
N SER F 11 20.64 26.90 -57.70
CA SER F 11 19.91 27.46 -56.57
C SER F 11 18.65 26.63 -56.39
N VAL F 12 18.01 26.78 -55.23
CA VAL F 12 16.80 26.00 -54.97
C VAL F 12 15.83 26.13 -56.13
N TRP F 13 15.52 27.38 -56.51
CA TRP F 13 14.65 27.65 -57.65
C TRP F 13 15.27 27.20 -58.97
N GLY F 14 16.59 27.37 -59.14
CA GLY F 14 17.24 26.97 -60.39
C GLY F 14 17.17 25.47 -60.64
N MET F 15 17.45 24.68 -59.59
CA MET F 15 17.35 23.22 -59.69
C MET F 15 15.91 22.78 -59.92
N TYR F 16 14.97 23.35 -59.15
CA TYR F 16 13.58 23.01 -59.41
C TYR F 16 13.24 23.29 -60.86
N GLN F 17 13.86 24.30 -61.46
CA GLN F 17 13.77 24.47 -62.90
C GLN F 17 14.57 23.40 -63.64
N HIS F 18 15.40 22.62 -62.95
CA HIS F 18 16.09 21.51 -63.58
C HIS F 18 15.39 20.15 -63.46
N ALA F 19 14.17 20.09 -62.94
CA ALA F 19 13.45 18.82 -62.87
C ALA F 19 12.28 18.71 -63.85
N ASP F 20 11.95 17.48 -64.22
CA ASP F 20 10.87 17.16 -65.14
C ASP F 20 9.52 17.24 -64.41
N ILE F 21 8.41 17.15 -65.18
CA ILE F 21 7.06 17.27 -64.63
C ILE F 21 6.72 16.05 -63.76
N VAL F 22 7.09 14.84 -64.19
CA VAL F 22 6.85 13.65 -63.39
C VAL F 22 7.55 13.79 -62.03
N VAL F 23 8.81 14.20 -62.06
CA VAL F 23 9.63 14.32 -60.84
C VAL F 23 9.11 15.45 -59.96
N LYS F 24 8.69 16.56 -60.58
CA LYS F 24 8.11 17.66 -59.82
C LYS F 24 6.87 17.21 -59.06
N CYS F 25 5.96 16.51 -59.74
CA CYS F 25 4.83 15.91 -59.05
C CYS F 25 5.28 15.07 -57.86
N VAL F 26 6.25 14.18 -58.07
CA VAL F 26 6.72 13.34 -56.98
C VAL F 26 7.11 14.19 -55.76
N MET F 27 7.91 15.24 -55.99
CA MET F 27 8.39 16.03 -54.85
C MET F 27 7.24 16.74 -54.12
N ILE F 28 6.37 17.46 -54.84
CA ILE F 28 5.34 18.19 -54.10
C ILE F 28 4.38 17.22 -53.42
N GLY F 29 4.05 16.11 -54.08
CA GLY F 29 3.21 15.11 -53.45
C GLY F 29 3.81 14.59 -52.17
N LEU F 30 5.12 14.30 -52.16
CA LEU F 30 5.75 13.84 -50.92
C LEU F 30 5.69 14.92 -49.86
N ILE F 31 5.86 16.18 -50.24
CA ILE F 31 5.75 17.25 -49.27
C ILE F 31 4.38 17.25 -48.62
N LEU F 32 3.33 17.12 -49.45
CA LEU F 32 1.96 17.12 -48.93
C LEU F 32 1.73 15.91 -48.02
N ALA F 33 2.21 14.74 -48.44
CA ALA F 33 2.18 13.55 -47.61
C ALA F 33 2.73 13.87 -46.23
N SER F 34 3.87 14.55 -46.20
CA SER F 34 4.46 14.98 -44.93
C SER F 34 3.49 15.87 -44.14
N VAL F 35 2.80 16.78 -44.83
CA VAL F 35 1.87 17.69 -44.15
C VAL F 35 0.72 16.92 -43.50
N VAL F 36 0.14 15.94 -44.20
CA VAL F 36 -0.90 15.12 -43.56
C VAL F 36 -0.31 14.35 -42.38
N THR F 37 0.94 13.87 -42.48
CA THR F 37 1.57 13.18 -41.36
C THR F 37 1.54 14.06 -40.11
N TRP F 38 1.98 15.31 -40.25
CA TRP F 38 2.04 16.16 -39.06
C TRP F 38 0.65 16.57 -38.57
N ALA F 39 -0.30 16.74 -39.49
CA ALA F 39 -1.68 17.01 -39.09
C ALA F 39 -2.23 15.88 -38.21
N ILE F 40 -2.19 14.64 -38.72
CA ILE F 40 -2.60 13.48 -37.92
C ILE F 40 -1.92 13.53 -36.56
N PHE F 41 -0.60 13.79 -36.55
CA PHE F 41 0.15 13.76 -35.30
C PHE F 41 -0.40 14.75 -34.29
N PHE F 42 -0.55 16.01 -34.70
CA PHE F 42 -0.93 17.03 -33.73
C PHE F 42 -2.34 16.81 -33.21
N SER F 43 -3.30 16.51 -34.08
CA SER F 43 -4.67 16.31 -33.60
C SER F 43 -4.79 15.06 -32.71
N LYS F 44 -4.29 13.91 -33.21
CA LYS F 44 -4.42 12.67 -32.45
C LYS F 44 -3.58 12.67 -31.17
N SER F 45 -2.50 13.45 -31.13
CA SER F 45 -1.64 13.49 -29.96
C SER F 45 -2.35 14.09 -28.75
N VAL F 46 -2.97 15.26 -28.93
CA VAL F 46 -3.69 15.92 -27.83
C VAL F 46 -4.95 15.14 -27.43
N GLU F 47 -5.69 14.63 -28.42
CA GLU F 47 -6.87 13.81 -28.10
C GLU F 47 -6.47 12.62 -27.22
N PHE F 48 -5.44 11.89 -27.64
CA PHE F 48 -4.87 10.82 -26.84
C PHE F 48 -4.56 11.25 -25.42
N PHE F 49 -3.85 12.38 -25.26
CA PHE F 49 -3.48 12.80 -23.92
C PHE F 49 -4.72 13.02 -23.04
N ASN F 50 -5.78 13.61 -23.62
CA ASN F 50 -7.02 13.86 -22.87
C ASN F 50 -7.66 12.56 -22.39
N GLN F 51 -7.84 11.61 -23.32
CA GLN F 51 -8.45 10.35 -22.91
C GLN F 51 -7.62 9.67 -21.84
N LYS F 52 -6.30 9.70 -21.97
CA LYS F 52 -5.50 8.99 -20.97
C LYS F 52 -5.65 9.61 -19.58
N ARG F 53 -5.60 10.95 -19.49
CA ARG F 53 -5.71 11.56 -18.16
C ARG F 53 -7.11 11.34 -17.55
N ARG F 54 -8.15 11.40 -18.39
CA ARG F 54 -9.51 11.10 -17.92
C ARG F 54 -9.62 9.68 -17.37
N LEU F 55 -9.14 8.68 -18.12
CA LEU F 55 -9.24 7.31 -17.65
C LEU F 55 -8.45 7.12 -16.36
N LYS F 56 -7.27 7.74 -16.26
CA LYS F 56 -6.47 7.59 -15.04
C LYS F 56 -7.24 8.08 -13.82
N ARG F 57 -7.87 9.26 -13.93
CA ARG F 57 -8.61 9.77 -12.79
C ARG F 57 -9.80 8.87 -12.47
N GLU F 58 -10.54 8.45 -13.49
CA GLU F 58 -11.68 7.56 -13.26
C GLU F 58 -11.24 6.27 -12.56
N GLN F 59 -10.10 5.74 -12.96
CA GLN F 59 -9.60 4.51 -12.35
C GLN F 59 -9.15 4.75 -10.90
N GLN F 60 -8.67 5.95 -10.58
CA GLN F 60 -8.30 6.23 -9.20
C GLN F 60 -9.53 6.14 -8.29
N LEU F 61 -10.56 6.93 -8.59
CA LEU F 61 -11.78 6.99 -7.78
C LEU F 61 -12.41 5.60 -7.59
N LEU F 62 -12.28 4.72 -8.59
CA LEU F 62 -12.80 3.37 -8.54
C LEU F 62 -11.87 2.37 -7.84
N ALA F 63 -10.61 2.72 -7.60
CA ALA F 63 -9.64 1.72 -7.12
C ALA F 63 -10.09 0.99 -5.85
N GLU F 64 -10.80 1.66 -4.94
CA GLU F 64 -11.15 1.00 -3.68
C GLU F 64 -12.56 0.42 -3.65
N ALA F 65 -13.31 0.50 -4.75
CA ALA F 65 -14.69 0.04 -4.73
C ALA F 65 -14.78 -1.42 -4.31
N ARG F 66 -15.58 -1.69 -3.30
CA ARG F 66 -15.77 -3.04 -2.80
C ARG F 66 -17.02 -3.73 -3.34
N SER F 67 -17.71 -3.13 -4.33
CA SER F 67 -18.82 -3.81 -4.98
C SER F 67 -19.27 -2.99 -6.17
N LEU F 68 -20.12 -3.61 -6.99
CA LEU F 68 -20.59 -2.97 -8.21
C LEU F 68 -21.55 -1.84 -7.88
N ASN F 69 -22.34 -1.98 -6.81
CA ASN F 69 -23.14 -0.87 -6.34
C ASN F 69 -22.27 0.33 -6.01
N GLN F 70 -21.18 0.11 -5.26
CA GLN F 70 -20.30 1.21 -4.87
C GLN F 70 -19.60 1.80 -6.08
N ALA F 71 -19.23 0.97 -7.04
CA ALA F 71 -18.60 1.45 -8.27
C ALA F 71 -19.57 2.32 -9.07
N ASN F 72 -20.82 1.87 -9.19
CA ASN F 72 -21.84 2.65 -9.88
C ASN F 72 -22.09 3.99 -9.20
N ASP F 73 -22.12 4.01 -7.87
CA ASP F 73 -22.29 5.29 -7.18
C ASP F 73 -21.06 6.18 -7.38
N ILE F 74 -19.86 5.61 -7.37
CA ILE F 74 -18.66 6.40 -7.62
C ILE F 74 -18.69 6.97 -9.03
N ALA F 75 -19.05 6.15 -9.99
CA ALA F 75 -19.03 6.59 -11.37
C ALA F 75 -20.29 7.34 -11.77
N ALA F 76 -21.23 7.56 -10.86
CA ALA F 76 -22.54 8.10 -11.21
C ALA F 76 -22.41 9.33 -12.09
N ASP F 77 -21.61 10.32 -11.67
CA ASP F 77 -21.33 11.40 -12.62
C ASP F 77 -19.85 11.35 -12.95
N PHE F 78 -19.53 10.64 -14.03
CA PHE F 78 -18.22 10.67 -14.67
C PHE F 78 -18.25 11.43 -15.97
N GLY F 79 -19.43 11.82 -16.43
CA GLY F 79 -19.67 12.34 -17.77
C GLY F 79 -20.26 11.25 -18.65
N SER F 80 -20.98 11.68 -19.68
CA SER F 80 -21.70 10.72 -20.51
C SER F 80 -20.75 9.89 -21.37
N LYS F 81 -19.60 10.46 -21.75
CA LYS F 81 -18.65 9.80 -22.62
C LYS F 81 -17.59 8.98 -21.86
N SER F 82 -17.70 8.85 -20.54
CA SER F 82 -16.69 8.13 -19.78
C SER F 82 -16.66 6.66 -20.18
N LEU F 83 -15.45 6.15 -20.38
CA LEU F 83 -15.31 4.74 -20.72
C LEU F 83 -15.63 3.84 -19.54
N SER F 84 -15.27 4.24 -18.33
CA SER F 84 -15.58 3.42 -17.15
C SER F 84 -17.08 3.25 -16.97
N LEU F 85 -17.81 4.35 -17.12
CA LEU F 85 -19.26 4.29 -16.98
C LEU F 85 -19.87 3.37 -18.03
N HIS F 86 -19.34 3.37 -19.26
CA HIS F 86 -19.90 2.46 -20.26
C HIS F 86 -19.73 1.00 -19.86
N LEU F 87 -18.54 0.64 -19.35
CA LEU F 87 -18.31 -0.72 -18.90
C LEU F 87 -19.24 -1.10 -17.74
N LEU F 88 -19.30 -0.23 -16.73
CA LEU F 88 -20.15 -0.49 -15.58
C LEU F 88 -21.60 -0.67 -16.00
N ASN F 89 -22.07 0.20 -16.89
CA ASN F 89 -23.44 0.13 -17.37
C ASN F 89 -23.68 -1.10 -18.20
N GLU F 90 -22.65 -1.61 -18.89
CA GLU F 90 -22.86 -2.85 -19.61
C GLU F 90 -23.13 -4.00 -18.63
N ALA F 91 -22.34 -4.09 -17.55
CA ALA F 91 -22.58 -5.13 -16.55
C ALA F 91 -23.95 -4.96 -15.87
N GLN F 92 -24.31 -3.74 -15.51
CA GLN F 92 -25.62 -3.49 -14.92
C GLN F 92 -26.74 -3.89 -15.88
N ASN F 93 -26.52 -3.64 -17.17
CA ASN F 93 -27.52 -4.00 -18.15
C ASN F 93 -27.69 -5.52 -18.18
N GLU F 94 -26.58 -6.25 -18.09
CA GLU F 94 -26.66 -7.70 -18.09
C GLU F 94 -27.40 -8.20 -16.86
N LEU F 95 -27.10 -7.67 -15.68
CA LEU F 95 -27.86 -8.09 -14.51
C LEU F 95 -29.36 -7.85 -14.70
N GLU F 96 -29.74 -6.68 -15.23
CA GLU F 96 -31.16 -6.36 -15.39
C GLU F 96 -31.83 -7.24 -16.43
N LEU F 97 -31.14 -7.51 -17.54
CA LEU F 97 -31.72 -8.35 -18.58
C LEU F 97 -31.89 -9.77 -18.07
N SER F 98 -31.05 -10.18 -17.13
CA SER F 98 -31.05 -11.51 -16.57
C SER F 98 -31.89 -11.63 -15.31
N GLU F 99 -32.56 -10.54 -14.89
CA GLU F 99 -33.34 -10.57 -13.67
C GLU F 99 -34.29 -11.74 -13.71
N GLY F 100 -34.30 -12.52 -12.65
CA GLY F 100 -35.13 -13.70 -12.59
C GLY F 100 -34.41 -15.00 -12.85
N SER F 101 -33.14 -14.94 -13.24
CA SER F 101 -32.35 -16.12 -13.51
C SER F 101 -31.57 -16.57 -12.29
N ASP F 102 -31.59 -17.88 -12.05
CA ASP F 102 -30.82 -18.46 -10.96
C ASP F 102 -29.35 -18.73 -11.30
N ASP F 103 -28.93 -18.59 -12.58
CA ASP F 103 -27.61 -19.07 -13.01
C ASP F 103 -26.64 -17.91 -13.05
N ASN F 104 -25.72 -17.87 -12.08
CA ASN F 104 -24.78 -16.77 -12.03
C ASN F 104 -23.63 -16.99 -13.01
N GLU F 105 -23.30 -18.25 -13.30
CA GLU F 105 -22.35 -18.59 -14.35
C GLU F 105 -22.74 -17.94 -15.67
N GLY F 106 -24.01 -18.08 -16.07
CA GLY F 106 -24.45 -17.49 -17.32
C GLY F 106 -24.23 -15.97 -17.34
N ILE F 107 -24.61 -15.32 -16.25
CA ILE F 107 -24.41 -13.89 -16.09
C ILE F 107 -22.92 -13.53 -16.25
N MLY F 108 -22.09 -14.15 -15.43
CA MLY F 108 -20.66 -14.00 -15.48
CB MLY F 108 -19.99 -14.99 -14.52
CG MLY F 108 -20.13 -14.67 -13.02
CD MLY F 108 -19.47 -15.79 -12.20
CE MLY F 108 -19.80 -15.73 -10.73
NZ MLY F 108 -19.41 -17.00 -10.02
CH1 MLY F 108 -20.30 -18.05 -10.53
CH2 MLY F 108 -18.02 -17.36 -10.31
C MLY F 108 -20.11 -14.19 -16.90
O MLY F 108 -19.27 -13.41 -17.35
N GLU F 109 -20.61 -15.19 -17.63
CA GLU F 109 -20.10 -15.41 -18.96
C GLU F 109 -20.54 -14.26 -19.85
N ARG F 110 -21.85 -14.01 -19.84
CA ARG F 110 -22.38 -13.01 -20.76
C ARG F 110 -21.69 -11.68 -20.56
N THR F 111 -21.51 -11.28 -19.30
CA THR F 111 -20.94 -9.98 -19.00
C THR F 111 -19.50 -9.91 -19.51
N SER F 112 -18.71 -10.95 -19.26
CA SER F 112 -17.33 -10.89 -19.70
C SER F 112 -17.27 -10.85 -21.21
N PHE F 113 -18.08 -11.69 -21.87
CA PHE F 113 -18.14 -11.67 -23.32
C PHE F 113 -18.40 -10.25 -23.80
N ARG F 114 -19.35 -9.57 -23.18
CA ARG F 114 -19.64 -8.20 -23.59
C ARG F 114 -18.44 -7.30 -23.38
N LEU F 115 -17.86 -7.32 -22.17
CA LEU F 115 -16.84 -6.33 -21.86
C LEU F 115 -15.62 -6.52 -22.74
N GLU F 116 -15.17 -7.77 -22.88
CA GLU F 116 -14.02 -8.04 -23.73
C GLU F 116 -14.30 -7.53 -25.15
N ARG F 117 -15.54 -7.66 -25.60
CA ARG F 117 -15.90 -7.18 -26.92
C ARG F 117 -15.81 -5.65 -26.97
N ARG F 118 -16.33 -4.98 -25.93
N ARG F 118 -16.37 -4.97 -25.96
CA ARG F 118 -16.39 -3.52 -25.92
CA ARG F 118 -16.40 -3.51 -25.96
C ARG F 118 -14.99 -2.93 -25.93
C ARG F 118 -14.99 -2.93 -25.93
N VAL F 119 -14.12 -3.46 -25.07
CA VAL F 119 -12.73 -3.01 -25.06
C VAL F 119 -12.13 -3.15 -26.45
N ALA F 120 -12.36 -4.30 -27.10
CA ALA F 120 -11.82 -4.47 -28.44
C ALA F 120 -12.31 -3.35 -29.37
N ALA F 121 -13.61 -3.01 -29.27
CA ALA F 121 -14.15 -1.96 -30.12
C ALA F 121 -13.42 -0.65 -29.90
N VAL F 122 -13.20 -0.30 -28.63
CA VAL F 122 -12.52 0.97 -28.33
C VAL F 122 -11.11 0.95 -28.92
N GLY F 123 -10.41 -0.19 -28.78
CA GLY F 123 -9.08 -0.28 -29.34
C GLY F 123 -9.10 -0.03 -30.83
N ARG F 124 -10.07 -0.64 -31.53
CA ARG F 124 -10.16 -0.45 -32.97
C ARG F 124 -10.42 1.02 -33.33
N GLN F 125 -11.20 1.71 -32.50
CA GLN F 125 -11.52 3.09 -32.85
C GLN F 125 -10.34 4.01 -32.66
N MET F 126 -9.32 3.58 -31.93
CA MET F 126 -8.19 4.45 -31.73
C MET F 126 -7.17 4.35 -32.85
N GLY F 127 -7.28 3.36 -33.73
CA GLY F 127 -6.32 3.23 -34.79
C GLY F 127 -6.72 3.91 -36.08
N ARG F 128 -7.63 4.89 -36.02
CA ARG F 128 -8.25 5.47 -37.20
C ARG F 128 -7.25 5.97 -38.25
N GLY F 129 -6.48 7.00 -37.91
CA GLY F 129 -5.56 7.59 -38.87
C GLY F 129 -4.29 6.80 -39.10
N ASN F 130 -3.96 5.88 -38.19
CA ASN F 130 -2.69 5.17 -38.25
C ASN F 130 -2.50 4.36 -39.53
N GLY F 131 -3.59 3.87 -40.12
CA GLY F 131 -3.47 3.16 -41.39
C GLY F 131 -2.84 4.00 -42.49
N TYR F 132 -3.06 5.32 -42.41
N TYR F 132 -3.00 5.32 -42.44
CA TYR F 132 -2.42 6.26 -43.33
CA TYR F 132 -2.28 6.06 -43.47
C TYR F 132 -0.93 6.39 -43.01
C TYR F 132 -0.93 6.60 -43.02
N LEU F 133 -0.59 6.56 -41.73
CA LEU F 133 0.80 6.78 -41.36
C LEU F 133 1.65 5.61 -41.79
N ALA F 134 1.25 4.42 -41.38
CA ALA F 134 1.95 3.20 -41.78
C ALA F 134 2.07 3.14 -43.28
N THR F 135 1.03 3.55 -43.99
CA THR F 135 1.08 3.47 -45.44
C THR F 135 2.06 4.49 -46.02
N ILE F 136 1.98 5.76 -45.61
CA ILE F 136 2.92 6.71 -46.22
C ILE F 136 4.33 6.36 -45.81
N GLY F 137 4.54 6.08 -44.52
CA GLY F 137 5.86 5.67 -44.07
C GLY F 137 6.38 4.45 -44.81
N ALA F 138 5.48 3.59 -45.31
CA ALA F 138 5.96 2.44 -46.08
C ALA F 138 6.35 2.85 -47.49
N ILE F 139 5.48 3.58 -48.20
CA ILE F 139 5.74 3.80 -49.63
C ILE F 139 6.45 5.11 -49.92
N SER F 140 6.59 5.98 -48.93
CA SER F 140 7.20 7.28 -49.18
C SER F 140 8.64 7.17 -49.70
N PRO F 141 9.53 6.31 -49.17
CA PRO F 141 10.84 6.21 -49.82
C PRO F 141 10.76 5.71 -51.26
N PHE F 142 9.86 4.74 -51.53
CA PHE F 142 9.81 4.15 -52.86
C PHE F 142 9.28 5.14 -53.90
N VAL F 143 8.26 5.93 -53.54
CA VAL F 143 7.87 7.08 -54.36
C VAL F 143 9.10 7.94 -54.66
N GLY F 144 9.87 8.26 -53.61
CA GLY F 144 11.10 8.99 -53.83
C GLY F 144 12.00 8.29 -54.82
N LEU F 145 12.18 6.97 -54.64
CA LEU F 145 13.00 6.18 -55.55
C LEU F 145 12.49 6.28 -56.98
N PHE F 146 11.16 6.23 -57.15
CA PHE F 146 10.60 6.39 -58.48
C PHE F 146 11.14 7.66 -59.11
N GLY F 147 11.01 8.77 -58.38
CA GLY F 147 11.47 10.04 -58.90
C GLY F 147 12.89 9.98 -59.40
N THR F 148 13.79 9.45 -58.57
CA THR F 148 15.20 9.48 -58.94
C THR F 148 15.47 8.61 -60.17
N VAL F 149 14.83 7.43 -60.23
CA VAL F 149 15.03 6.58 -61.41
C VAL F 149 14.59 7.33 -62.66
N TRP F 150 13.40 7.94 -62.58
CA TRP F 150 12.88 8.66 -63.73
C TRP F 150 13.86 9.75 -64.11
N GLY F 151 14.39 10.46 -63.10
CA GLY F 151 15.32 11.53 -63.37
C GLY F 151 16.55 11.02 -64.11
N ILE F 152 17.21 10.00 -63.55
CA ILE F 152 18.41 9.50 -64.19
C ILE F 152 18.10 8.91 -65.56
N MET F 153 16.93 8.31 -65.72
CA MET F 153 16.55 7.82 -67.04
C MET F 153 16.63 8.95 -68.06
N ASN F 154 16.09 10.11 -67.71
CA ASN F 154 16.10 11.25 -68.61
C ASN F 154 17.53 11.73 -68.89
N SER F 155 18.38 11.68 -67.86
CA SER F 155 19.77 12.05 -68.04
C SER F 155 20.40 11.16 -69.09
N PHE F 156 20.13 9.86 -69.05
CA PHE F 156 20.74 9.02 -70.05
C PHE F 156 20.15 9.29 -71.42
N ILE F 157 18.90 9.73 -71.49
CA ILE F 157 18.37 10.19 -72.77
C ILE F 157 19.10 11.44 -73.24
N GLY F 158 19.44 12.33 -72.30
CA GLY F 158 20.19 13.52 -72.65
C GLY F 158 21.59 13.19 -73.13
N ILE F 159 22.28 12.32 -72.40
CA ILE F 159 23.63 11.88 -72.75
C ILE F 159 23.64 11.22 -74.12
N ALA F 160 22.56 10.57 -74.50
CA ALA F 160 22.54 9.87 -75.78
C ALA F 160 22.25 10.80 -76.94
N GLN F 161 21.52 11.89 -76.70
CA GLN F 161 21.28 12.87 -77.74
C GLN F 161 22.44 13.84 -77.90
N THR F 162 23.10 14.19 -76.80
CA THR F 162 23.73 15.50 -76.68
C THR F 162 24.94 15.75 -77.60
N GLN F 163 25.81 14.78 -77.93
CA GLN F 163 26.11 13.56 -77.21
C GLN F 163 27.56 13.75 -76.77
N THR F 164 28.15 12.79 -76.04
CA THR F 164 29.51 12.92 -75.48
C THR F 164 29.49 14.13 -74.55
N THR F 165 30.34 15.15 -74.78
CA THR F 165 30.09 16.50 -74.28
C THR F 165 29.95 16.60 -72.76
N ASN F 166 31.07 16.56 -72.03
CA ASN F 166 30.98 16.64 -70.58
C ASN F 166 30.19 15.45 -70.08
N LEU F 167 28.95 15.69 -69.66
CA LEU F 167 28.17 15.11 -68.57
C LEU F 167 28.36 15.92 -67.31
N ALA F 168 29.31 16.87 -67.30
CA ALA F 168 29.14 18.09 -66.52
C ALA F 168 27.89 18.86 -66.94
N VAL F 169 27.42 18.64 -68.17
CA VAL F 169 26.22 19.32 -68.66
C VAL F 169 24.97 18.62 -68.17
N VAL F 170 25.03 17.32 -67.89
CA VAL F 170 23.88 16.57 -67.41
C VAL F 170 23.88 16.42 -65.88
N ALA F 171 24.91 16.97 -65.21
CA ALA F 171 25.05 16.84 -63.77
C ALA F 171 23.86 17.39 -62.98
N PRO F 172 23.32 18.58 -63.29
CA PRO F 172 22.21 19.11 -62.47
C PRO F 172 21.00 18.22 -62.46
N GLY F 173 20.62 17.66 -63.60
CA GLY F 173 19.50 16.75 -63.61
C GLY F 173 19.70 15.60 -62.65
N ILE F 174 20.93 15.07 -62.58
CA ILE F 174 21.26 14.00 -61.64
C ILE F 174 21.13 14.48 -60.20
N ALA F 175 21.65 15.69 -59.92
CA ALA F 175 21.54 16.22 -58.56
C ALA F 175 20.07 16.31 -58.11
N GLU F 176 19.21 16.89 -58.98
CA GLU F 176 17.79 17.03 -58.66
C GLU F 176 17.12 15.66 -58.48
N ALA F 177 17.44 14.69 -59.36
CA ALA F 177 16.90 13.36 -59.19
C ALA F 177 17.24 12.79 -57.81
N LEU F 178 18.50 12.85 -57.38
CA LEU F 178 18.85 12.38 -56.04
C LEU F 178 18.03 13.11 -54.96
N LEU F 179 17.77 14.40 -55.20
CA LEU F 179 16.96 15.17 -54.26
C LEU F 179 15.60 14.50 -54.04
N ALA F 180 15.06 13.87 -55.08
CA ALA F 180 13.77 13.19 -54.92
C ALA F 180 13.81 12.08 -53.84
N THR F 181 14.87 11.26 -53.86
CA THR F 181 15.05 10.25 -52.82
C THR F 181 15.23 10.88 -51.45
N ALA F 182 16.04 11.95 -51.34
CA ALA F 182 16.20 12.59 -50.04
C ALA F 182 14.83 12.99 -49.47
N ILE F 183 14.00 13.62 -50.31
CA ILE F 183 12.69 14.05 -49.84
C ILE F 183 11.83 12.85 -49.47
N GLY F 184 11.95 11.77 -50.23
CA GLY F 184 11.22 10.56 -49.86
C GLY F 184 11.59 10.03 -48.48
N LEU F 185 12.88 9.95 -48.16
CA LEU F 185 13.26 9.52 -46.83
C LEU F 185 12.78 10.49 -45.77
N VAL F 186 12.91 11.79 -46.04
CA VAL F 186 12.53 12.81 -45.07
C VAL F 186 11.03 12.73 -44.79
N ALA F 187 10.24 12.32 -45.77
CA ALA F 187 8.83 12.13 -45.52
C ALA F 187 8.58 10.81 -44.78
N ALA F 188 9.30 9.75 -45.14
CA ALA F 188 9.00 8.41 -44.65
C ALA F 188 9.35 8.27 -43.18
N ILE F 189 10.56 8.70 -42.81
CA ILE F 189 11.07 8.41 -41.46
C ILE F 189 10.12 8.93 -40.38
N PRO F 190 9.72 10.21 -40.37
CA PRO F 190 8.82 10.68 -39.30
C PRO F 190 7.49 9.97 -39.28
N ALA F 191 6.98 9.55 -40.45
CA ALA F 191 5.77 8.76 -40.46
C ALA F 191 5.99 7.47 -39.70
N VAL F 192 7.15 6.83 -39.91
CA VAL F 192 7.43 5.57 -39.24
C VAL F 192 7.55 5.77 -37.73
N VAL F 193 8.28 6.79 -37.28
CA VAL F 193 8.44 6.92 -35.85
C VAL F 193 7.15 7.38 -35.18
N ILE F 194 6.42 8.31 -35.81
CA ILE F 194 5.14 8.71 -35.22
C ILE F 194 4.23 7.51 -35.09
N TYR F 195 4.19 6.67 -36.13
CA TYR F 195 3.39 5.44 -36.07
C TYR F 195 3.80 4.59 -34.87
N ASN F 196 5.12 4.45 -34.62
CA ASN F 196 5.57 3.64 -33.51
C ASN F 196 5.10 4.21 -32.17
N VAL F 197 5.29 5.52 -31.96
CA VAL F 197 4.86 6.14 -30.70
C VAL F 197 3.37 5.96 -30.48
N PHE F 198 2.57 6.13 -31.53
CA PHE F 198 1.14 5.93 -31.36
C PHE F 198 0.82 4.47 -31.05
N ALA F 199 1.57 3.52 -31.60
CA ALA F 199 1.33 2.12 -31.26
C ALA F 199 1.64 1.82 -29.79
N ARG F 200 2.73 2.36 -29.24
CA ARG F 200 3.00 2.18 -27.82
C ARG F 200 1.92 2.83 -26.97
N GLN F 201 1.43 4.01 -27.39
CA GLN F 201 0.41 4.69 -26.59
C GLN F 201 -0.92 3.93 -26.63
N ILE F 202 -1.30 3.45 -27.81
CA ILE F 202 -2.52 2.67 -27.94
C ILE F 202 -2.43 1.41 -27.10
N GLY F 203 -1.29 0.73 -27.13
CA GLY F 203 -1.11 -0.45 -26.30
C GLY F 203 -1.27 -0.16 -24.83
N GLY F 204 -0.66 0.93 -24.35
CA GLY F 204 -0.79 1.28 -22.95
C GLY F 204 -2.20 1.65 -22.56
N PHE F 205 -2.91 2.36 -23.43
CA PHE F 205 -4.28 2.73 -23.14
C PHE F 205 -5.21 1.53 -23.16
N LYS F 206 -5.08 0.67 -24.17
CA LYS F 206 -5.78 -0.61 -24.15
C LYS F 206 -5.56 -1.32 -22.82
N ALA F 207 -4.30 -1.42 -22.39
CA ALA F 207 -4.01 -2.11 -21.13
C ALA F 207 -4.76 -1.46 -19.96
N MET F 208 -4.73 -0.13 -19.89
CA MET F 208 -5.43 0.59 -18.84
C MET F 208 -6.94 0.30 -18.88
N LEU F 209 -7.51 0.37 -20.09
CA LEU F 209 -8.93 0.13 -20.28
C LEU F 209 -9.30 -1.30 -19.87
N GLY F 210 -8.49 -2.27 -20.28
CA GLY F 210 -8.71 -3.65 -19.88
C GLY F 210 -8.60 -3.87 -18.39
N ASP F 211 -7.79 -3.05 -17.71
CA ASP F 211 -7.69 -3.14 -16.25
C ASP F 211 -8.99 -2.67 -15.59
N VAL F 212 -9.55 -1.56 -16.07
CA VAL F 212 -10.85 -1.12 -15.58
C VAL F 212 -11.92 -2.19 -15.86
N ALA F 213 -11.91 -2.73 -17.08
CA ALA F 213 -12.88 -3.76 -17.41
C ALA F 213 -12.74 -4.95 -16.45
N ALA F 214 -11.49 -5.32 -16.14
CA ALA F 214 -11.26 -6.45 -15.25
C ALA F 214 -11.81 -6.19 -13.87
N GLN F 215 -11.70 -4.94 -13.40
CA GLN F 215 -12.29 -4.62 -12.11
C GLN F 215 -13.81 -4.78 -12.13
N VAL F 216 -14.45 -4.34 -13.23
CA VAL F 216 -15.90 -4.54 -13.35
C VAL F 216 -16.25 -6.02 -13.24
N LEU F 217 -15.55 -6.88 -13.97
CA LEU F 217 -15.86 -8.30 -13.91
C LEU F 217 -15.62 -8.89 -12.53
N LEU F 218 -14.50 -8.53 -11.88
CA LEU F 218 -14.23 -9.07 -10.55
C LEU F 218 -15.30 -8.68 -9.55
N LEU F 219 -15.71 -7.41 -9.57
CA LEU F 219 -16.78 -6.95 -8.71
C LEU F 219 -18.08 -7.70 -8.98
N GLN F 220 -18.46 -7.85 -10.26
CA GLN F 220 -19.70 -8.58 -10.53
C GLN F 220 -19.62 -10.03 -10.03
N SER F 221 -18.48 -10.71 -10.28
CA SER F 221 -18.30 -12.10 -9.90
C SER F 221 -18.39 -12.28 -8.39
N ARG F 222 -17.62 -11.47 -7.66
CA ARG F 222 -17.63 -11.54 -6.20
C ARG F 222 -19.04 -11.24 -5.66
N ASP F 223 -19.73 -10.27 -6.27
CA ASP F 223 -21.08 -9.90 -5.82
C ASP F 223 -22.06 -11.06 -5.98
N LEU F 224 -22.06 -11.69 -7.16
CA LEU F 224 -22.95 -12.80 -7.41
C LEU F 224 -22.70 -13.92 -6.41
N ASP F 225 -21.43 -14.20 -6.15
CA ASP F 225 -21.13 -15.31 -5.24
C ASP F 225 -21.56 -14.98 -3.82
N LEU F 226 -21.35 -13.74 -3.38
CA LEU F 226 -21.77 -13.39 -2.03
C LEU F 226 -23.28 -13.36 -1.91
N GLU F 227 -23.99 -12.91 -2.96
CA GLU F 227 -25.44 -12.99 -2.95
C GLU F 227 -25.87 -14.45 -2.83
N ALA F 228 -25.23 -15.32 -3.61
CA ALA F 228 -25.63 -16.72 -3.60
C ALA F 228 -25.40 -17.36 -2.23
N SER F 229 -24.26 -17.07 -1.59
CA SER F 229 -23.98 -17.64 -0.28
C SER F 229 -24.87 -17.04 0.79
N ALA F 230 -25.20 -15.75 0.67
CA ALA F 230 -26.16 -15.15 1.59
C ALA F 230 -27.58 -15.66 1.36
N ALA F 231 -27.88 -16.20 0.19
CA ALA F 231 -29.20 -16.77 -0.03
C ALA F 231 -29.32 -18.15 0.61
N ALA F 232 -28.25 -18.93 0.62
CA ALA F 232 -28.31 -20.25 1.20
C ALA F 232 -28.38 -20.19 2.74
N HIS F 233 -27.43 -19.50 3.38
CA HIS F 233 -27.23 -19.69 4.80
C HIS F 233 -28.31 -19.11 5.72
N PRO F 234 -28.68 -17.80 5.65
CA PRO F 234 -29.39 -17.19 6.78
C PRO F 234 -30.77 -17.75 7.10
N VAL F 235 -31.38 -17.23 8.16
CA VAL F 235 -32.73 -17.58 8.59
C VAL F 235 -33.25 -16.44 9.45
N LEU G 10 13.05 7.43 -80.19
CA LEU G 10 13.15 7.09 -78.77
C LEU G 10 11.84 7.43 -78.03
N SER G 11 11.97 8.23 -76.98
CA SER G 11 10.95 8.50 -75.95
C SER G 11 10.55 7.17 -75.29
N VAL G 12 9.33 7.06 -74.77
CA VAL G 12 8.99 5.91 -73.93
C VAL G 12 8.54 4.72 -74.79
N TRP G 13 7.74 4.97 -75.83
CA TRP G 13 7.34 3.87 -76.71
C TRP G 13 8.52 3.41 -77.56
N GLY G 14 9.42 4.33 -77.91
CA GLY G 14 10.66 3.92 -78.54
C GLY G 14 11.56 3.15 -77.61
N MET G 15 11.53 3.46 -76.31
CA MET G 15 12.32 2.70 -75.34
C MET G 15 11.78 1.30 -75.12
N TYR G 16 10.46 1.09 -75.20
CA TYR G 16 9.94 -0.28 -75.21
C TYR G 16 10.21 -0.98 -76.55
N GLN G 17 9.83 -0.32 -77.65
CA GLN G 17 9.76 -0.97 -78.96
C GLN G 17 11.12 -1.51 -79.38
N HIS G 18 12.18 -0.81 -79.03
CA HIS G 18 13.54 -1.31 -79.16
C HIS G 18 14.04 -1.61 -77.75
N ALA G 19 14.17 -2.88 -77.43
CA ALA G 19 14.56 -3.30 -76.09
C ALA G 19 14.98 -4.76 -76.19
N ASP G 20 15.52 -5.27 -75.09
CA ASP G 20 15.92 -6.66 -75.07
C ASP G 20 14.68 -7.52 -74.91
N ILE G 21 14.76 -8.77 -75.37
CA ILE G 21 13.60 -9.66 -75.29
C ILE G 21 13.19 -9.89 -73.84
N VAL G 22 14.16 -10.13 -72.97
CA VAL G 22 13.87 -10.29 -71.55
C VAL G 22 13.28 -9.00 -70.97
N VAL G 23 13.86 -7.85 -71.34
CA VAL G 23 13.40 -6.59 -70.77
C VAL G 23 11.96 -6.31 -71.18
N LYS G 24 11.61 -6.55 -72.45
CA LYS G 24 10.23 -6.43 -72.90
C LYS G 24 9.30 -7.28 -72.04
N CYS G 25 9.69 -8.53 -71.81
CA CYS G 25 8.88 -9.42 -70.98
C CYS G 25 8.66 -8.83 -69.59
N VAL G 26 9.73 -8.37 -68.94
CA VAL G 26 9.58 -7.76 -67.62
C VAL G 26 8.59 -6.62 -67.66
N MET G 27 8.74 -5.73 -68.64
CA MET G 27 7.88 -4.55 -68.69
C MET G 27 6.42 -4.95 -68.88
N ILE G 28 6.15 -5.86 -69.82
CA ILE G 28 4.76 -6.23 -70.09
C ILE G 28 4.15 -6.94 -68.89
N GLY G 29 4.90 -7.84 -68.26
CA GLY G 29 4.38 -8.50 -67.07
C GLY G 29 4.05 -7.51 -65.97
N LEU G 30 4.94 -6.56 -65.72
CA LEU G 30 4.70 -5.57 -64.68
C LEU G 30 3.44 -4.77 -64.98
N ILE G 31 3.20 -4.50 -66.27
CA ILE G 31 2.00 -3.75 -66.64
C ILE G 31 0.75 -4.57 -66.42
N LEU G 32 0.82 -5.87 -66.67
CA LEU G 32 -0.31 -6.74 -66.33
C LEU G 32 -0.56 -6.76 -64.83
N ALA G 33 0.50 -6.85 -64.03
CA ALA G 33 0.35 -6.75 -62.58
C ALA G 33 -0.44 -5.51 -62.19
N SER G 34 -0.10 -4.36 -62.77
CA SER G 34 -0.86 -3.16 -62.48
C SER G 34 -2.33 -3.33 -62.86
N VAL G 35 -2.58 -3.97 -64.01
CA VAL G 35 -3.95 -4.13 -64.49
C VAL G 35 -4.77 -5.00 -63.56
N VAL G 36 -4.22 -6.13 -63.12
CA VAL G 36 -4.95 -6.96 -62.15
C VAL G 36 -5.13 -6.21 -60.84
N THR G 37 -4.13 -5.42 -60.42
CA THR G 37 -4.28 -4.59 -59.20
C THR G 37 -5.54 -3.74 -59.28
N TRP G 38 -5.71 -3.01 -60.39
CA TRP G 38 -6.84 -2.09 -60.48
C TRP G 38 -8.15 -2.84 -60.70
N ALA G 39 -8.10 -3.98 -61.38
CA ALA G 39 -9.31 -4.79 -61.50
C ALA G 39 -9.82 -5.23 -60.13
N ILE G 40 -8.93 -5.87 -59.34
CA ILE G 40 -9.24 -6.29 -57.98
C ILE G 40 -9.78 -5.12 -57.15
N PHE G 41 -9.14 -3.96 -57.25
CA PHE G 41 -9.59 -2.82 -56.47
C PHE G 41 -11.02 -2.46 -56.83
N PHE G 42 -11.28 -2.29 -58.13
CA PHE G 42 -12.58 -1.77 -58.55
C PHE G 42 -13.70 -2.75 -58.18
N SER G 43 -13.50 -4.04 -58.43
CA SER G 43 -14.57 -4.97 -58.09
C SER G 43 -14.80 -5.06 -56.57
N LYS G 44 -13.73 -5.31 -55.79
CA LYS G 44 -13.95 -5.54 -54.36
C LYS G 44 -14.43 -4.31 -53.59
N SER G 45 -14.12 -3.10 -54.05
CA SER G 45 -14.49 -1.92 -53.26
C SER G 45 -16.02 -1.78 -53.12
N VAL G 46 -16.76 -1.88 -54.23
CA VAL G 46 -18.20 -1.73 -54.14
C VAL G 46 -18.83 -2.87 -53.34
N GLU G 47 -18.27 -4.08 -53.45
CA GLU G 47 -18.72 -5.18 -52.60
C GLU G 47 -18.65 -4.78 -51.13
N PHE G 48 -17.44 -4.53 -50.61
CA PHE G 48 -17.35 -4.18 -49.19
C PHE G 48 -18.33 -3.07 -48.82
N PHE G 49 -18.54 -2.09 -49.71
CA PHE G 49 -19.45 -1.00 -49.35
C PHE G 49 -20.89 -1.51 -49.21
N ASN G 50 -21.35 -2.34 -50.15
CA ASN G 50 -22.73 -2.84 -50.07
C ASN G 50 -22.93 -3.82 -48.92
N GLN G 51 -22.09 -4.85 -48.83
CA GLN G 51 -22.25 -5.79 -47.73
C GLN G 51 -22.12 -5.09 -46.40
N LYS G 52 -21.17 -4.17 -46.27
CA LYS G 52 -21.00 -3.46 -45.01
C LYS G 52 -22.26 -2.66 -44.67
N ARG G 53 -22.83 -1.96 -45.65
CA ARG G 53 -24.05 -1.20 -45.36
C ARG G 53 -25.18 -2.13 -44.93
N ARG G 54 -25.31 -3.27 -45.62
CA ARG G 54 -26.37 -4.20 -45.31
C ARG G 54 -26.25 -4.72 -43.89
N LEU G 55 -25.06 -5.18 -43.54
CA LEU G 55 -24.84 -5.71 -42.20
C LEU G 55 -25.00 -4.63 -41.14
N LYS G 56 -24.64 -3.37 -41.44
CA LYS G 56 -24.90 -2.36 -40.44
C LYS G 56 -26.40 -2.18 -40.21
N ARG G 57 -27.19 -2.26 -41.28
CA ARG G 57 -28.64 -2.12 -41.14
C ARG G 57 -29.22 -3.28 -40.34
N GLU G 58 -28.88 -4.51 -40.73
CA GLU G 58 -29.28 -5.70 -39.96
C GLU G 58 -28.91 -5.58 -38.50
N GLN G 59 -27.70 -5.12 -38.22
CA GLN G 59 -27.24 -5.02 -36.85
C GLN G 59 -28.11 -4.06 -36.04
N GLN G 60 -28.37 -2.88 -36.58
CA GLN G 60 -29.22 -1.94 -35.85
C GLN G 60 -30.60 -2.54 -35.62
N LEU G 61 -31.19 -3.14 -36.66
CA LEU G 61 -32.51 -3.73 -36.51
C LEU G 61 -32.52 -4.82 -35.43
N LEU G 62 -31.44 -5.57 -35.30
CA LEU G 62 -31.41 -6.61 -34.29
C LEU G 62 -31.09 -6.07 -32.90
N ALA G 63 -30.52 -4.87 -32.79
CA ALA G 63 -30.18 -4.33 -31.47
C ALA G 63 -31.40 -4.22 -30.56
N GLU G 64 -32.58 -4.04 -31.15
CA GLU G 64 -33.81 -3.92 -30.40
C GLU G 64 -34.40 -5.27 -29.96
N ALA G 65 -33.86 -6.38 -30.44
CA ALA G 65 -34.39 -7.69 -30.06
C ALA G 65 -33.98 -7.99 -28.63
N ARG G 66 -34.97 -8.24 -27.77
CA ARG G 66 -34.69 -8.64 -26.40
C ARG G 66 -34.86 -10.13 -26.12
N SER G 67 -35.32 -10.92 -27.09
CA SER G 67 -35.68 -12.31 -26.80
C SER G 67 -34.82 -13.30 -27.57
N LEU G 68 -34.84 -13.26 -28.91
CA LEU G 68 -34.34 -14.25 -29.88
C LEU G 68 -35.41 -15.02 -30.63
N ASN G 69 -36.62 -15.11 -30.11
CA ASN G 69 -37.74 -15.24 -31.03
C ASN G 69 -37.98 -13.91 -31.72
N GLN G 70 -37.79 -12.83 -30.96
CA GLN G 70 -37.98 -11.50 -31.52
C GLN G 70 -36.93 -11.22 -32.58
N ALA G 71 -35.68 -11.67 -32.37
CA ALA G 71 -34.60 -11.49 -33.35
C ALA G 71 -34.91 -12.23 -34.64
N ASN G 72 -35.41 -13.46 -34.54
CA ASN G 72 -35.82 -14.23 -35.71
C ASN G 72 -36.95 -13.55 -36.47
N ASP G 73 -37.91 -12.95 -35.75
CA ASP G 73 -38.98 -12.23 -36.45
C ASP G 73 -38.42 -11.01 -37.17
N ILE G 74 -37.50 -10.28 -36.52
CA ILE G 74 -36.88 -9.11 -37.15
C ILE G 74 -36.09 -9.53 -38.39
N ALA G 75 -35.38 -10.64 -38.31
CA ALA G 75 -34.51 -11.05 -39.41
C ALA G 75 -35.23 -11.83 -40.50
N ALA G 76 -36.51 -12.16 -40.29
CA ALA G 76 -37.25 -13.05 -41.17
C ALA G 76 -37.10 -12.65 -42.65
N ASP G 77 -37.25 -11.37 -42.94
CA ASP G 77 -37.20 -10.86 -44.31
C ASP G 77 -35.85 -10.28 -44.69
N PHE G 78 -34.81 -10.48 -43.89
CA PHE G 78 -33.49 -9.94 -44.22
C PHE G 78 -33.00 -10.40 -45.60
N GLY G 79 -33.61 -11.43 -46.18
CA GLY G 79 -33.15 -12.01 -47.43
C GLY G 79 -32.41 -13.32 -47.20
N SER G 80 -32.38 -14.13 -48.25
CA SER G 80 -31.81 -15.48 -48.13
C SER G 80 -30.30 -15.45 -47.97
N LYS G 81 -29.64 -14.44 -48.52
CA LYS G 81 -28.19 -14.35 -48.45
C LYS G 81 -27.68 -13.51 -47.29
N SER G 82 -28.57 -13.06 -46.39
CA SER G 82 -28.15 -12.24 -45.27
C SER G 82 -27.23 -13.01 -44.33
N LEU G 83 -26.15 -12.37 -43.91
CA LEU G 83 -25.24 -13.02 -42.96
C LEU G 83 -25.87 -13.15 -41.59
N SER G 84 -26.62 -12.12 -41.16
CA SER G 84 -27.30 -12.20 -39.89
C SER G 84 -28.28 -13.36 -39.87
N LEU G 85 -29.05 -13.49 -40.95
CA LEU G 85 -30.02 -14.57 -41.05
C LEU G 85 -29.32 -15.92 -41.01
N HIS G 86 -28.13 -16.03 -41.63
CA HIS G 86 -27.42 -17.30 -41.54
C HIS G 86 -27.02 -17.59 -40.12
N LEU G 87 -26.50 -16.60 -39.40
CA LEU G 87 -26.09 -16.82 -38.01
C LEU G 87 -27.29 -17.23 -37.13
N LEU G 88 -28.40 -16.49 -37.22
CA LEU G 88 -29.60 -16.85 -36.47
C LEU G 88 -30.07 -18.25 -36.81
N ASN G 89 -30.05 -18.60 -38.10
CA ASN G 89 -30.47 -19.93 -38.53
C ASN G 89 -29.56 -21.01 -37.97
N GLU G 90 -28.27 -20.72 -37.85
CA GLU G 90 -27.37 -21.72 -37.28
C GLU G 90 -27.74 -21.98 -35.82
N ALA G 91 -27.99 -20.90 -35.07
CA ALA G 91 -28.40 -21.05 -33.67
C ALA G 91 -29.74 -21.78 -33.53
N GLN G 92 -30.68 -21.48 -34.43
CA GLN G 92 -31.98 -22.15 -34.45
C GLN G 92 -31.84 -23.64 -34.73
N ASN G 93 -30.99 -23.99 -35.69
CA ASN G 93 -30.79 -25.38 -36.02
C ASN G 93 -30.18 -26.12 -34.86
N GLU G 94 -29.25 -25.48 -34.14
CA GLU G 94 -28.69 -26.13 -32.95
C GLU G 94 -29.77 -26.43 -31.94
N LEU G 95 -30.67 -25.47 -31.71
CA LEU G 95 -31.78 -25.73 -30.80
C LEU G 95 -32.64 -26.91 -31.29
N GLU G 96 -32.96 -26.95 -32.57
CA GLU G 96 -33.88 -28.01 -33.04
C GLU G 96 -33.24 -29.37 -32.94
N LEU G 97 -31.94 -29.46 -33.24
CA LEU G 97 -31.26 -30.74 -33.18
C LEU G 97 -31.14 -31.23 -31.74
N SER G 98 -31.11 -30.30 -30.80
CA SER G 98 -30.90 -30.62 -29.40
C SER G 98 -32.20 -30.82 -28.64
N GLU G 99 -33.34 -30.79 -29.32
CA GLU G 99 -34.61 -31.08 -28.66
C GLU G 99 -34.51 -32.38 -27.90
N GLY G 100 -34.90 -32.34 -26.64
CA GLY G 100 -34.89 -33.51 -25.79
C GLY G 100 -33.74 -33.58 -24.83
N SER G 101 -32.79 -32.66 -24.93
CA SER G 101 -31.61 -32.61 -24.10
C SER G 101 -31.84 -31.77 -22.84
N ASP G 102 -31.35 -32.27 -21.71
CA ASP G 102 -31.42 -31.55 -20.44
C ASP G 102 -30.27 -30.55 -20.24
N ASP G 103 -29.22 -30.60 -21.05
CA ASP G 103 -27.99 -29.87 -20.77
C ASP G 103 -27.88 -28.59 -21.61
N ASN G 104 -28.11 -27.43 -20.96
CA ASN G 104 -28.05 -26.15 -21.64
C ASN G 104 -26.61 -25.69 -21.89
N GLU G 105 -25.64 -26.07 -21.03
CA GLU G 105 -24.25 -25.80 -21.35
C GLU G 105 -23.89 -26.36 -22.72
N GLY G 106 -24.25 -27.61 -22.97
CA GLY G 106 -23.91 -28.25 -24.25
C GLY G 106 -24.39 -27.48 -25.46
N ILE G 107 -25.64 -27.03 -25.43
CA ILE G 107 -26.22 -26.24 -26.50
C ILE G 107 -25.42 -24.94 -26.74
N MLY G 108 -25.31 -24.17 -25.66
CA MLY G 108 -24.53 -22.98 -25.60
CB MLY G 108 -24.44 -22.49 -24.15
CG MLY G 108 -25.69 -21.88 -23.54
CD MLY G 108 -25.37 -21.58 -22.06
CE MLY G 108 -26.55 -21.11 -21.22
NZ MLY G 108 -26.24 -21.06 -19.74
CH1 MLY G 108 -26.11 -22.43 -19.18
CH2 MLY G 108 -24.94 -20.39 -19.53
C MLY G 108 -23.11 -23.18 -26.18
O MLY G 108 -22.60 -22.33 -26.93
N GLU G 109 -22.51 -24.33 -25.89
CA GLU G 109 -21.19 -24.63 -26.38
C GLU G 109 -21.23 -24.90 -27.86
N ARG G 110 -22.06 -25.87 -28.24
CA ARG G 110 -22.09 -26.27 -29.65
C ARG G 110 -22.45 -25.09 -30.53
N THR G 111 -23.36 -24.22 -30.06
CA THR G 111 -23.79 -23.07 -30.85
C THR G 111 -22.66 -22.07 -31.01
N SER G 112 -21.97 -21.76 -29.90
CA SER G 112 -20.90 -20.77 -29.98
C SER G 112 -19.79 -21.26 -30.91
N PHE G 113 -19.39 -22.53 -30.74
CA PHE G 113 -18.47 -23.21 -31.64
C PHE G 113 -18.93 -23.10 -33.10
N ARG G 114 -20.20 -23.36 -33.36
CA ARG G 114 -20.69 -23.23 -34.73
C ARG G 114 -20.55 -21.80 -35.24
N LEU G 115 -21.01 -20.82 -34.45
CA LEU G 115 -21.07 -19.46 -34.99
C LEU G 115 -19.68 -18.92 -35.24
N GLU G 116 -18.79 -19.03 -34.25
CA GLU G 116 -17.43 -18.59 -34.47
C GLU G 116 -16.84 -19.30 -35.69
N ARG G 117 -17.12 -20.60 -35.81
CA ARG G 117 -16.70 -21.34 -37.00
C ARG G 117 -17.15 -20.61 -38.27
N ARG G 118 -18.46 -20.34 -38.38
CA ARG G 118 -18.97 -19.73 -39.59
C ARG G 118 -18.39 -18.35 -39.80
N VAL G 119 -18.25 -17.58 -38.72
CA VAL G 119 -17.69 -16.24 -38.90
C VAL G 119 -16.28 -16.36 -39.48
N ALA G 120 -15.46 -17.26 -38.91
CA ALA G 120 -14.13 -17.44 -39.48
C ALA G 120 -14.22 -17.77 -40.97
N ALA G 121 -15.12 -18.68 -41.34
CA ALA G 121 -15.26 -19.04 -42.75
C ALA G 121 -15.59 -17.82 -43.60
N VAL G 122 -16.48 -16.94 -43.14
CA VAL G 122 -16.81 -15.76 -43.94
C VAL G 122 -15.59 -14.86 -44.10
N GLY G 123 -14.84 -14.68 -43.02
CA GLY G 123 -13.66 -13.82 -43.07
C GLY G 123 -12.64 -14.29 -44.09
N ARG G 124 -12.35 -15.59 -44.08
CA ARG G 124 -11.39 -16.13 -45.04
C ARG G 124 -11.89 -15.87 -46.45
N GLN G 125 -13.19 -16.04 -46.67
CA GLN G 125 -13.72 -15.76 -48.00
C GLN G 125 -13.46 -14.31 -48.38
N MET G 126 -13.70 -13.36 -47.46
CA MET G 126 -13.49 -11.95 -47.76
C MET G 126 -12.06 -11.69 -48.20
N GLY G 127 -11.11 -12.49 -47.74
CA GLY G 127 -9.74 -12.14 -48.04
C GLY G 127 -9.14 -12.79 -49.26
N ARG G 128 -9.92 -13.52 -50.04
CA ARG G 128 -9.40 -14.13 -51.25
C ARG G 128 -8.99 -13.03 -52.24
N GLY G 129 -7.79 -13.15 -52.81
CA GLY G 129 -7.25 -12.19 -53.74
C GLY G 129 -6.26 -11.22 -53.13
N ASN G 130 -6.32 -10.99 -51.81
CA ASN G 130 -5.33 -10.12 -51.19
C ASN G 130 -3.93 -10.70 -51.30
N GLY G 131 -3.80 -12.00 -51.47
CA GLY G 131 -2.49 -12.57 -51.74
C GLY G 131 -1.87 -12.03 -53.01
N TYR G 132 -2.69 -11.86 -54.05
CA TYR G 132 -2.21 -11.24 -55.28
C TYR G 132 -1.70 -9.82 -55.04
N LEU G 133 -2.45 -9.02 -54.29
CA LEU G 133 -2.03 -7.64 -54.01
C LEU G 133 -0.76 -7.62 -53.18
N ALA G 134 -0.74 -8.34 -52.07
CA ALA G 134 0.46 -8.39 -51.24
C ALA G 134 1.66 -8.84 -52.06
N THR G 135 1.48 -9.84 -52.91
CA THR G 135 2.58 -10.38 -53.69
C THR G 135 3.04 -9.39 -54.75
N ILE G 136 2.10 -8.71 -55.40
CA ILE G 136 2.42 -7.73 -56.43
C ILE G 136 3.17 -6.54 -55.84
N GLY G 137 2.65 -5.97 -54.76
CA GLY G 137 3.33 -4.88 -54.10
C GLY G 137 4.67 -5.29 -53.51
N ALA G 138 4.80 -6.54 -53.09
CA ALA G 138 6.09 -6.98 -52.52
C ALA G 138 7.16 -7.24 -53.57
N ILE G 139 6.86 -8.06 -54.60
CA ILE G 139 7.87 -8.52 -55.55
C ILE G 139 7.93 -7.70 -56.82
N SER G 140 6.95 -6.85 -57.09
CA SER G 140 6.93 -6.11 -58.35
C SER G 140 8.13 -5.19 -58.51
N PRO G 141 8.61 -4.48 -57.48
CA PRO G 141 9.85 -3.72 -57.65
C PRO G 141 11.06 -4.59 -57.98
N PHE G 142 11.23 -5.75 -57.33
CA PHE G 142 12.37 -6.60 -57.65
C PHE G 142 12.27 -7.22 -59.02
N VAL G 143 11.06 -7.46 -59.53
CA VAL G 143 10.95 -7.91 -60.91
C VAL G 143 11.45 -6.82 -61.84
N GLY G 144 11.01 -5.58 -61.59
CA GLY G 144 11.55 -4.45 -62.34
C GLY G 144 13.06 -4.38 -62.24
N LEU G 145 13.57 -4.52 -61.01
CA LEU G 145 15.01 -4.48 -60.77
C LEU G 145 15.71 -5.55 -61.60
N PHE G 146 15.12 -6.74 -61.67
CA PHE G 146 15.63 -7.77 -62.55
C PHE G 146 15.73 -7.24 -63.97
N GLY G 147 14.66 -6.61 -64.46
CA GLY G 147 14.68 -6.07 -65.82
C GLY G 147 15.85 -5.15 -66.07
N THR G 148 16.04 -4.16 -65.19
CA THR G 148 17.12 -3.22 -65.48
C THR G 148 18.49 -3.86 -65.33
N VAL G 149 18.66 -4.76 -64.34
CA VAL G 149 19.94 -5.48 -64.18
C VAL G 149 20.27 -6.28 -65.43
N TRP G 150 19.31 -7.03 -65.97
CA TRP G 150 19.57 -7.74 -67.21
C TRP G 150 19.97 -6.78 -68.33
N GLY G 151 19.26 -5.64 -68.43
CA GLY G 151 19.54 -4.68 -69.48
C GLY G 151 20.95 -4.09 -69.42
N ILE G 152 21.32 -3.56 -68.25
CA ILE G 152 22.65 -3.00 -68.11
C ILE G 152 23.72 -4.08 -68.29
N MET G 153 23.46 -5.30 -67.83
CA MET G 153 24.41 -6.39 -68.05
C MET G 153 24.68 -6.58 -69.53
N ASN G 154 23.62 -6.66 -70.34
CA ASN G 154 23.86 -6.85 -71.77
C ASN G 154 24.57 -5.63 -72.34
N SER G 155 24.29 -4.43 -71.82
CA SER G 155 24.99 -3.24 -72.28
C SER G 155 26.50 -3.33 -72.04
N PHE G 156 26.90 -3.72 -70.83
CA PHE G 156 28.33 -3.81 -70.51
C PHE G 156 29.00 -5.00 -71.18
N ILE G 157 28.28 -6.11 -71.38
CA ILE G 157 28.81 -7.18 -72.22
C ILE G 157 29.07 -6.63 -73.60
N GLY G 158 28.24 -5.68 -74.03
CA GLY G 158 28.50 -4.99 -75.30
C GLY G 158 29.74 -4.13 -75.25
N ILE G 159 29.89 -3.32 -74.19
CA ILE G 159 31.05 -2.44 -74.04
C ILE G 159 32.34 -3.26 -73.98
N ALA G 160 32.28 -4.47 -73.46
CA ALA G 160 33.47 -5.29 -73.36
C ALA G 160 33.68 -6.13 -74.61
N GLN G 161 32.65 -6.26 -75.47
CA GLN G 161 32.83 -6.94 -76.75
C GLN G 161 33.47 -6.05 -77.82
N THR G 162 33.55 -4.73 -77.60
CA THR G 162 33.77 -3.82 -78.73
C THR G 162 35.21 -3.30 -78.99
N GLN G 163 35.89 -2.54 -78.11
CA GLN G 163 35.56 -2.18 -76.74
C GLN G 163 35.72 -0.67 -76.56
N THR G 164 34.64 -0.01 -76.13
CA THR G 164 34.45 1.40 -76.34
C THR G 164 34.74 2.24 -75.09
N THR G 165 34.55 3.54 -75.24
CA THR G 165 34.52 4.55 -74.19
C THR G 165 33.33 5.44 -74.55
N ASN G 166 33.21 6.62 -73.94
CA ASN G 166 32.15 7.52 -74.38
C ASN G 166 30.74 6.99 -74.09
N LEU G 167 30.22 7.32 -72.92
CA LEU G 167 28.88 6.95 -72.46
C LEU G 167 27.76 7.09 -73.48
N ALA G 168 27.88 8.07 -74.39
CA ALA G 168 26.80 8.36 -75.32
C ALA G 168 26.38 7.15 -76.16
N VAL G 169 27.26 6.16 -76.32
CA VAL G 169 26.91 5.02 -77.16
C VAL G 169 26.05 4.02 -76.41
N VAL G 170 26.31 3.83 -75.10
CA VAL G 170 25.50 2.91 -74.32
C VAL G 170 24.35 3.60 -73.60
N ALA G 171 24.33 4.93 -73.58
CA ALA G 171 23.29 5.63 -72.85
C ALA G 171 21.88 5.16 -73.17
N PRO G 172 21.49 4.91 -74.42
CA PRO G 172 20.10 4.51 -74.67
C PRO G 172 19.71 3.19 -74.02
N GLY G 173 20.54 2.15 -74.13
CA GLY G 173 20.22 0.89 -73.50
C GLY G 173 20.07 1.03 -72.01
N ILE G 174 20.88 1.89 -71.41
CA ILE G 174 20.79 2.18 -69.99
C ILE G 174 19.46 2.86 -69.64
N ALA G 175 19.06 3.85 -70.43
CA ALA G 175 17.80 4.52 -70.18
C ALA G 175 16.63 3.53 -70.28
N GLU G 176 16.63 2.72 -71.35
CA GLU G 176 15.64 1.65 -71.48
C GLU G 176 15.66 0.76 -70.25
N ALA G 177 16.86 0.36 -69.83
CA ALA G 177 16.97 -0.52 -68.67
C ALA G 177 16.26 0.08 -67.48
N LEU G 178 16.59 1.33 -67.15
CA LEU G 178 15.96 2.04 -66.04
C LEU G 178 14.43 2.08 -66.14
N LEU G 179 13.90 2.17 -67.36
CA LEU G 179 12.44 2.17 -67.52
C LEU G 179 11.75 0.97 -66.86
N ALA G 180 12.41 -0.20 -66.83
CA ALA G 180 11.81 -1.37 -66.18
C ALA G 180 11.61 -1.15 -64.69
N THR G 181 12.62 -0.65 -63.98
CA THR G 181 12.42 -0.32 -62.57
C THR G 181 11.36 0.75 -62.40
N ALA G 182 11.36 1.76 -63.28
CA ALA G 182 10.31 2.75 -63.15
C ALA G 182 8.94 2.08 -63.15
N ILE G 183 8.70 1.20 -64.13
CA ILE G 183 7.42 0.52 -64.22
C ILE G 183 7.18 -0.41 -63.04
N GLY G 184 8.24 -1.07 -62.55
CA GLY G 184 8.09 -1.90 -61.37
C GLY G 184 7.56 -1.13 -60.17
N LEU G 185 8.11 0.05 -59.92
CA LEU G 185 7.61 0.84 -58.81
C LEU G 185 6.17 1.31 -59.05
N VAL G 186 5.86 1.75 -60.27
CA VAL G 186 4.50 2.20 -60.55
C VAL G 186 3.50 1.06 -60.37
N ALA G 187 3.95 -0.19 -60.54
CA ALA G 187 3.08 -1.33 -60.28
C ALA G 187 2.94 -1.61 -58.79
N ALA G 188 4.05 -1.50 -58.06
CA ALA G 188 4.07 -1.92 -56.67
C ALA G 188 3.29 -0.96 -55.79
N ILE G 189 3.50 0.35 -55.94
CA ILE G 189 2.97 1.30 -54.96
C ILE G 189 1.47 1.18 -54.79
N PRO G 190 0.64 1.24 -55.84
CA PRO G 190 -0.80 1.11 -55.63
C PRO G 190 -1.17 -0.22 -55.03
N ALA G 191 -0.45 -1.29 -55.35
CA ALA G 191 -0.71 -2.59 -54.74
C ALA G 191 -0.51 -2.53 -53.24
N VAL G 192 0.53 -1.85 -52.78
CA VAL G 192 0.73 -1.73 -51.35
C VAL G 192 -0.39 -0.91 -50.71
N VAL G 193 -0.78 0.20 -51.36
CA VAL G 193 -1.79 1.07 -50.77
C VAL G 193 -3.15 0.39 -50.72
N ILE G 194 -3.62 -0.08 -51.87
CA ILE G 194 -4.88 -0.81 -51.96
C ILE G 194 -4.87 -2.02 -51.02
N TYR G 195 -3.76 -2.73 -50.96
CA TYR G 195 -3.71 -3.84 -50.02
C TYR G 195 -3.96 -3.36 -48.60
N ASN G 196 -3.33 -2.26 -48.20
CA ASN G 196 -3.53 -1.80 -46.83
C ASN G 196 -4.99 -1.44 -46.60
N VAL G 197 -5.58 -0.71 -47.54
CA VAL G 197 -6.98 -0.31 -47.41
C VAL G 197 -7.89 -1.54 -47.27
N PHE G 198 -7.69 -2.55 -48.13
CA PHE G 198 -8.57 -3.72 -48.03
C PHE G 198 -8.37 -4.46 -46.72
N ALA G 199 -7.13 -4.51 -46.22
CA ALA G 199 -6.90 -5.21 -44.96
C ALA G 199 -7.64 -4.53 -43.79
N ARG G 200 -7.57 -3.19 -43.70
CA ARG G 200 -8.36 -2.49 -42.68
C ARG G 200 -9.86 -2.76 -42.85
N GLN G 201 -10.36 -2.69 -44.10
CA GLN G 201 -11.80 -2.82 -44.30
C GLN G 201 -12.30 -4.22 -43.92
N ILE G 202 -11.53 -5.24 -44.29
CA ILE G 202 -11.88 -6.61 -43.96
C ILE G 202 -11.87 -6.83 -42.45
N GLY G 203 -10.90 -6.26 -41.74
CA GLY G 203 -10.92 -6.35 -40.30
C GLY G 203 -12.17 -5.73 -39.68
N GLY G 204 -12.55 -4.55 -40.15
CA GLY G 204 -13.75 -3.92 -39.62
C GLY G 204 -15.01 -4.71 -39.92
N PHE G 205 -15.07 -5.31 -41.10
CA PHE G 205 -16.23 -6.11 -41.44
C PHE G 205 -16.31 -7.35 -40.54
N LYS G 206 -15.18 -8.04 -40.41
CA LYS G 206 -15.11 -9.22 -39.55
C LYS G 206 -15.54 -8.90 -38.13
N ALA G 207 -15.13 -7.74 -37.62
CA ALA G 207 -15.62 -7.27 -36.32
C ALA G 207 -17.14 -7.06 -36.31
N MET G 208 -17.69 -6.44 -37.35
CA MET G 208 -19.13 -6.24 -37.41
C MET G 208 -19.89 -7.56 -37.36
N LEU G 209 -19.45 -8.54 -38.15
CA LEU G 209 -20.05 -9.88 -38.14
C LEU G 209 -19.97 -10.53 -36.77
N GLY G 210 -18.79 -10.42 -36.12
CA GLY G 210 -18.64 -10.94 -34.77
C GLY G 210 -19.56 -10.25 -33.76
N ASP G 211 -19.91 -8.99 -34.01
CA ASP G 211 -20.89 -8.32 -33.15
C ASP G 211 -22.27 -8.92 -33.33
N VAL G 212 -22.68 -9.18 -34.58
CA VAL G 212 -23.96 -9.86 -34.78
C VAL G 212 -23.92 -11.26 -34.15
N ALA G 213 -22.83 -12.00 -34.36
CA ALA G 213 -22.72 -13.34 -33.78
C ALA G 213 -22.81 -13.31 -32.26
N ALA G 214 -22.18 -12.32 -31.64
CA ALA G 214 -22.25 -12.20 -30.20
C ALA G 214 -23.66 -11.90 -29.75
N GLN G 215 -24.38 -11.06 -30.52
CA GLN G 215 -25.77 -10.77 -30.21
C GLN G 215 -26.61 -12.05 -30.23
N VAL G 216 -26.42 -12.88 -31.25
CA VAL G 216 -27.13 -14.17 -31.31
C VAL G 216 -26.77 -15.03 -30.08
N LEU G 217 -25.47 -15.18 -29.78
CA LEU G 217 -25.06 -16.03 -28.65
C LEU G 217 -25.63 -15.53 -27.32
N LEU G 218 -25.57 -14.23 -27.08
CA LEU G 218 -26.09 -13.67 -25.85
C LEU G 218 -27.59 -13.90 -25.71
N LEU G 219 -28.35 -13.66 -26.77
CA LEU G 219 -29.79 -13.92 -26.71
C LEU G 219 -30.08 -15.37 -26.38
N GLN G 220 -29.40 -16.29 -27.06
CA GLN G 220 -29.65 -17.70 -26.80
C GLN G 220 -29.33 -18.07 -25.35
N SER G 221 -28.17 -17.63 -24.85
CA SER G 221 -27.78 -17.93 -23.47
C SER G 221 -28.80 -17.41 -22.47
N ARG G 222 -29.22 -16.13 -22.61
CA ARG G 222 -30.18 -15.57 -21.66
C ARG G 222 -31.50 -16.32 -21.73
N ASP G 223 -31.95 -16.67 -22.94
CA ASP G 223 -33.22 -17.39 -23.07
C ASP G 223 -33.16 -18.74 -22.38
N LEU G 224 -32.07 -19.48 -22.60
CA LEU G 224 -31.94 -20.78 -21.96
C LEU G 224 -31.99 -20.62 -20.45
N ASP G 225 -31.27 -19.64 -19.90
CA ASP G 225 -31.26 -19.49 -18.44
C ASP G 225 -32.63 -19.07 -17.89
N LEU G 226 -33.32 -18.14 -18.57
CA LEU G 226 -34.61 -17.65 -18.09
C LEU G 226 -35.67 -18.75 -18.16
N GLU G 227 -35.62 -19.56 -19.22
CA GLU G 227 -36.53 -20.70 -19.32
C GLU G 227 -36.27 -21.71 -18.20
N ALA G 228 -35.00 -22.02 -17.92
CA ALA G 228 -34.71 -22.95 -16.82
C ALA G 228 -35.15 -22.39 -15.47
N SER G 229 -34.96 -21.08 -15.25
CA SER G 229 -35.33 -20.52 -13.96
C SER G 229 -36.83 -20.50 -13.77
N ALA G 230 -37.58 -20.19 -14.84
CA ALA G 230 -39.03 -20.17 -14.79
C ALA G 230 -39.64 -21.56 -14.66
N ALA G 231 -38.91 -22.59 -15.12
CA ALA G 231 -39.38 -23.97 -14.95
C ALA G 231 -39.13 -24.52 -13.55
N ALA G 232 -38.03 -24.12 -12.90
CA ALA G 232 -37.79 -24.65 -11.55
C ALA G 232 -38.78 -24.11 -10.53
N HIS G 233 -39.24 -22.87 -10.72
CA HIS G 233 -40.20 -22.21 -9.83
C HIS G 233 -41.44 -21.86 -10.65
N PRO G 234 -42.41 -22.79 -10.76
CA PRO G 234 -43.56 -22.64 -11.66
C PRO G 234 -44.51 -21.51 -11.22
N LEU H 10 27.04 -13.24 -74.43
CA LEU H 10 25.69 -13.40 -74.96
C LEU H 10 25.14 -14.82 -74.75
N SER H 11 23.84 -14.91 -74.50
CA SER H 11 23.10 -16.18 -74.45
C SER H 11 23.53 -17.08 -73.29
N VAL H 12 24.05 -16.48 -72.21
CA VAL H 12 24.15 -17.09 -70.87
C VAL H 12 25.10 -18.29 -70.84
N TRP H 13 25.36 -18.89 -72.01
CA TRP H 13 26.39 -19.92 -72.02
C TRP H 13 27.76 -19.28 -72.14
N GLY H 14 27.98 -18.51 -73.21
CA GLY H 14 29.19 -17.70 -73.29
C GLY H 14 29.42 -16.88 -72.04
N MET H 15 28.35 -16.52 -71.35
CA MET H 15 28.49 -15.92 -70.03
C MET H 15 29.13 -16.90 -69.04
N TYR H 16 28.83 -18.21 -69.17
CA TYR H 16 29.45 -19.20 -68.29
C TYR H 16 30.83 -19.64 -68.76
N GLN H 17 31.20 -19.37 -70.02
CA GLN H 17 32.56 -19.58 -70.51
C GLN H 17 33.49 -18.46 -70.07
N HIS H 18 32.96 -17.24 -69.99
CA HIS H 18 33.72 -16.07 -69.57
C HIS H 18 33.69 -15.86 -68.08
N ALA H 19 33.09 -16.77 -67.32
CA ALA H 19 33.02 -16.60 -65.89
C ALA H 19 34.41 -16.75 -65.27
N ASP H 20 34.55 -16.25 -64.05
CA ASP H 20 35.79 -16.39 -63.32
C ASP H 20 35.50 -17.28 -62.13
N ILE H 21 35.81 -18.58 -62.27
CA ILE H 21 35.72 -19.54 -61.17
C ILE H 21 34.52 -19.21 -60.28
N VAL H 22 34.77 -18.43 -59.23
CA VAL H 22 33.84 -18.00 -58.20
C VAL H 22 32.47 -17.63 -58.77
N VAL H 23 32.43 -16.82 -59.83
CA VAL H 23 31.12 -16.45 -60.36
C VAL H 23 30.43 -17.68 -60.97
N LYS H 24 31.20 -18.61 -61.55
CA LYS H 24 30.59 -19.83 -62.02
C LYS H 24 30.13 -20.72 -60.86
N CYS H 25 30.75 -20.58 -59.67
CA CYS H 25 30.19 -21.27 -58.51
C CYS H 25 28.84 -20.67 -58.08
N VAL H 26 28.79 -19.34 -57.89
CA VAL H 26 27.51 -18.74 -57.51
C VAL H 26 26.47 -19.07 -58.56
N MET H 27 26.87 -19.07 -59.83
CA MET H 27 25.93 -19.35 -60.89
C MET H 27 25.34 -20.75 -60.73
N ILE H 28 26.22 -21.73 -60.55
CA ILE H 28 25.75 -23.11 -60.47
C ILE H 28 24.92 -23.34 -59.21
N GLY H 29 25.38 -22.85 -58.07
CA GLY H 29 24.62 -23.02 -56.84
C GLY H 29 23.26 -22.38 -56.93
N LEU H 30 23.20 -21.14 -57.41
CA LEU H 30 21.91 -20.46 -57.52
C LEU H 30 21.00 -21.17 -58.49
N ILE H 31 21.57 -21.72 -59.57
CA ILE H 31 20.75 -22.42 -60.56
C ILE H 31 20.19 -23.72 -59.97
N LEU H 32 20.99 -24.42 -59.17
CA LEU H 32 20.46 -25.57 -58.44
C LEU H 32 19.35 -25.15 -57.51
N ALA H 33 19.56 -24.06 -56.78
CA ALA H 33 18.51 -23.55 -55.91
C ALA H 33 17.22 -23.40 -56.68
N SER H 34 17.30 -22.81 -57.88
CA SER H 34 16.11 -22.65 -58.70
C SER H 34 15.45 -23.98 -59.05
N VAL H 35 16.26 -24.97 -59.47
CA VAL H 35 15.66 -26.24 -59.89
C VAL H 35 15.01 -26.95 -58.71
N VAL H 36 15.66 -26.94 -57.55
CA VAL H 36 15.06 -27.54 -56.37
C VAL H 36 13.76 -26.82 -56.03
N THR H 37 13.77 -25.48 -56.17
CA THR H 37 12.58 -24.69 -55.89
C THR H 37 11.41 -25.16 -56.73
N TRP H 38 11.62 -25.29 -58.03
CA TRP H 38 10.52 -25.63 -58.91
C TRP H 38 10.13 -27.10 -58.81
N ALA H 39 11.09 -28.00 -58.54
CA ALA H 39 10.77 -29.40 -58.30
C ALA H 39 9.84 -29.56 -57.09
N ILE H 40 10.26 -29.00 -55.94
CA ILE H 40 9.39 -28.91 -54.76
C ILE H 40 8.03 -28.34 -55.12
N PHE H 41 8.02 -27.26 -55.92
CA PHE H 41 6.77 -26.61 -56.25
C PHE H 41 5.82 -27.58 -56.93
N PHE H 42 6.30 -28.31 -57.94
CA PHE H 42 5.40 -29.17 -58.71
C PHE H 42 4.92 -30.37 -57.89
N SER H 43 5.82 -31.03 -57.15
CA SER H 43 5.37 -32.17 -56.39
C SER H 43 4.38 -31.74 -55.31
N LYS H 44 4.77 -30.78 -54.46
CA LYS H 44 3.87 -30.40 -53.38
C LYS H 44 2.61 -29.73 -53.88
N SER H 45 2.66 -29.05 -55.03
CA SER H 45 1.44 -28.46 -55.57
C SER H 45 0.45 -29.53 -55.99
N VAL H 46 0.91 -30.55 -56.74
CA VAL H 46 -0.04 -31.55 -57.18
C VAL H 46 -0.59 -32.35 -55.99
N GLU H 47 0.27 -32.73 -55.03
CA GLU H 47 -0.24 -33.44 -53.85
C GLU H 47 -1.26 -32.58 -53.08
N PHE H 48 -0.95 -31.29 -52.85
CA PHE H 48 -1.89 -30.41 -52.16
C PHE H 48 -3.25 -30.43 -52.86
N PHE H 49 -3.23 -30.38 -54.20
CA PHE H 49 -4.47 -30.40 -54.96
C PHE H 49 -5.25 -31.69 -54.72
N ASN H 50 -4.57 -32.83 -54.78
CA ASN H 50 -5.27 -34.10 -54.66
C ASN H 50 -5.88 -34.24 -53.27
N GLN H 51 -5.07 -34.02 -52.22
CA GLN H 51 -5.59 -34.18 -50.88
C GLN H 51 -6.75 -33.22 -50.62
N LYS H 52 -6.66 -31.98 -51.13
CA LYS H 52 -7.77 -31.04 -50.90
C LYS H 52 -9.07 -31.52 -51.56
N ARG H 53 -8.98 -31.99 -52.81
CA ARG H 53 -10.13 -32.61 -53.45
C ARG H 53 -10.75 -33.68 -52.56
N ARG H 54 -9.93 -34.64 -52.12
CA ARG H 54 -10.41 -35.74 -51.27
C ARG H 54 -11.17 -35.21 -50.05
N LEU H 55 -10.57 -34.25 -49.34
CA LEU H 55 -11.20 -33.74 -48.12
C LEU H 55 -12.53 -33.07 -48.42
N LYS H 56 -12.62 -32.33 -49.53
CA LYS H 56 -13.89 -31.65 -49.78
C LYS H 56 -15.01 -32.66 -50.07
N ARG H 57 -14.69 -33.72 -50.83
CA ARG H 57 -15.70 -34.75 -51.10
C ARG H 57 -16.17 -35.42 -49.80
N GLU H 58 -15.22 -35.79 -48.93
CA GLU H 58 -15.59 -36.40 -47.67
C GLU H 58 -16.43 -35.46 -46.81
N GLN H 59 -16.11 -34.16 -46.82
CA GLN H 59 -16.83 -33.22 -45.99
C GLN H 59 -18.28 -33.08 -46.45
N GLN H 60 -18.52 -33.16 -47.76
CA GLN H 60 -19.90 -33.15 -48.22
C GLN H 60 -20.62 -34.45 -47.89
N LEU H 61 -19.95 -35.58 -48.05
CA LEU H 61 -20.57 -36.84 -47.66
C LEU H 61 -20.90 -36.89 -46.17
N LEU H 62 -20.10 -36.25 -45.32
CA LEU H 62 -20.39 -36.23 -43.90
C LEU H 62 -21.42 -35.18 -43.52
N ALA H 63 -21.71 -34.22 -44.41
CA ALA H 63 -22.64 -33.14 -44.11
C ALA H 63 -24.02 -33.65 -43.69
N GLU H 64 -24.48 -34.73 -44.32
CA GLU H 64 -25.80 -35.29 -44.00
C GLU H 64 -25.76 -36.29 -42.84
N ALA H 65 -24.62 -36.45 -42.17
CA ALA H 65 -24.58 -37.30 -40.99
C ALA H 65 -25.37 -36.63 -39.86
N ARG H 66 -26.40 -37.32 -39.37
CA ARG H 66 -27.20 -36.83 -38.26
C ARG H 66 -26.83 -37.44 -36.91
N SER H 67 -25.86 -38.33 -36.86
CA SER H 67 -25.27 -38.71 -35.58
C SER H 67 -23.88 -39.24 -35.85
N LEU H 68 -23.20 -39.63 -34.78
CA LEU H 68 -21.82 -40.10 -34.94
C LEU H 68 -21.79 -41.47 -35.59
N ASN H 69 -22.75 -42.33 -35.25
CA ASN H 69 -22.77 -43.66 -35.85
C ASN H 69 -22.96 -43.55 -37.36
N GLN H 70 -23.90 -42.70 -37.81
CA GLN H 70 -24.08 -42.50 -39.24
C GLN H 70 -22.84 -41.91 -39.90
N ALA H 71 -22.12 -41.04 -39.19
CA ALA H 71 -20.88 -40.52 -39.76
C ALA H 71 -19.87 -41.65 -39.97
N ASN H 72 -19.76 -42.54 -38.99
CA ASN H 72 -18.88 -43.70 -39.13
C ASN H 72 -19.32 -44.60 -40.28
N ASP H 73 -20.62 -44.80 -40.46
CA ASP H 73 -21.06 -45.63 -41.58
C ASP H 73 -20.79 -44.96 -42.91
N ILE H 74 -20.98 -43.64 -42.98
CA ILE H 74 -20.72 -42.88 -44.19
C ILE H 74 -19.23 -42.94 -44.51
N ALA H 75 -18.40 -42.82 -43.49
CA ALA H 75 -16.96 -42.84 -43.66
C ALA H 75 -16.43 -44.25 -43.74
N ALA H 76 -17.33 -45.24 -43.65
CA ALA H 76 -16.90 -46.63 -43.53
C ALA H 76 -15.87 -46.97 -44.58
N ASP H 77 -16.18 -46.73 -45.85
CA ASP H 77 -15.15 -46.87 -46.87
C ASP H 77 -14.87 -45.47 -47.39
N PHE H 78 -13.99 -44.76 -46.71
CA PHE H 78 -13.36 -43.55 -47.19
C PHE H 78 -11.96 -43.82 -47.65
N GLY H 79 -11.49 -45.03 -47.42
CA GLY H 79 -10.11 -45.40 -47.60
C GLY H 79 -9.40 -45.40 -46.26
N SER H 80 -8.34 -46.19 -46.18
CA SER H 80 -7.67 -46.31 -44.88
C SER H 80 -6.91 -45.03 -44.55
N LYS H 81 -6.48 -44.30 -45.58
CA LYS H 81 -5.69 -43.09 -45.43
C LYS H 81 -6.55 -41.83 -45.34
N SER H 82 -7.87 -41.98 -45.25
CA SER H 82 -8.72 -40.80 -45.12
C SER H 82 -8.43 -40.08 -43.80
N LEU H 83 -8.28 -38.75 -43.88
CA LEU H 83 -8.08 -37.94 -42.68
C LEU H 83 -9.36 -37.86 -41.86
N SER H 84 -10.51 -37.75 -42.55
CA SER H 84 -11.80 -37.74 -41.86
C SER H 84 -12.00 -39.03 -41.08
N LEU H 85 -11.70 -40.15 -41.72
CA LEU H 85 -11.81 -41.45 -41.07
C LEU H 85 -10.93 -41.51 -39.84
N HIS H 86 -9.75 -40.89 -39.91
CA HIS H 86 -8.85 -40.84 -38.77
C HIS H 86 -9.44 -40.04 -37.63
N LEU H 87 -10.06 -38.89 -37.93
CA LEU H 87 -10.69 -38.10 -36.88
C LEU H 87 -11.83 -38.89 -36.22
N LEU H 88 -12.69 -39.51 -37.04
CA LEU H 88 -13.79 -40.31 -36.50
C LEU H 88 -13.27 -41.45 -35.65
N ASN H 89 -12.19 -42.09 -36.09
CA ASN H 89 -11.66 -43.18 -35.31
C ASN H 89 -11.04 -42.68 -34.00
N GLU H 90 -10.48 -41.47 -33.99
CA GLU H 90 -9.98 -40.94 -32.72
C GLU H 90 -11.12 -40.77 -31.73
N ALA H 91 -12.24 -40.19 -32.21
CA ALA H 91 -13.41 -40.03 -31.36
C ALA H 91 -13.94 -41.40 -30.88
N GLN H 92 -13.97 -42.36 -31.79
CA GLN H 92 -14.37 -43.71 -31.44
C GLN H 92 -13.47 -44.29 -30.35
N ASN H 93 -12.18 -44.03 -30.45
CA ASN H 93 -11.25 -44.57 -29.49
C ASN H 93 -11.47 -43.94 -28.13
N GLU H 94 -11.71 -42.63 -28.10
CA GLU H 94 -11.96 -41.96 -26.83
C GLU H 94 -13.24 -42.48 -26.17
N LEU H 95 -14.30 -42.70 -26.95
CA LEU H 95 -15.51 -43.31 -26.40
C LEU H 95 -15.24 -44.71 -25.84
N GLU H 96 -14.47 -45.53 -26.55
CA GLU H 96 -14.22 -46.89 -26.09
C GLU H 96 -13.37 -46.91 -24.82
N LEU H 97 -12.32 -46.11 -24.74
CA LEU H 97 -11.46 -46.13 -23.55
C LEU H 97 -12.16 -45.60 -22.32
N SER H 98 -13.15 -44.73 -22.53
CA SER H 98 -13.91 -44.08 -21.47
C SER H 98 -15.16 -44.82 -21.10
N GLU H 99 -15.41 -45.99 -21.71
CA GLU H 99 -16.66 -46.73 -21.49
C GLU H 99 -16.93 -46.91 -20.01
N GLY H 100 -18.16 -46.60 -19.61
CA GLY H 100 -18.58 -46.73 -18.23
C GLY H 100 -18.42 -45.50 -17.40
N SER H 101 -17.84 -44.43 -17.95
CA SER H 101 -17.65 -43.21 -17.19
C SER H 101 -18.93 -42.39 -17.19
N ASP H 102 -19.27 -41.86 -16.02
CA ASP H 102 -20.45 -41.02 -15.84
C ASP H 102 -20.21 -39.58 -16.25
N ASP H 103 -18.97 -39.20 -16.56
CA ASP H 103 -18.62 -37.81 -16.80
C ASP H 103 -18.50 -37.54 -18.31
N ASN H 104 -19.52 -36.93 -18.86
CA ASN H 104 -19.48 -36.64 -20.28
C ASN H 104 -18.64 -35.41 -20.59
N GLU H 105 -18.54 -34.46 -19.65
CA GLU H 105 -17.62 -33.31 -19.79
C GLU H 105 -16.18 -33.80 -20.08
N GLY H 106 -15.70 -34.76 -19.29
CA GLY H 106 -14.37 -35.34 -19.49
C GLY H 106 -14.16 -35.99 -20.86
N ILE H 107 -15.15 -36.73 -21.33
CA ILE H 107 -15.06 -37.30 -22.66
C ILE H 107 -14.88 -36.21 -23.73
N MLY H 108 -15.86 -35.31 -23.80
CA MLY H 108 -15.86 -34.14 -24.68
CB MLY H 108 -16.95 -33.18 -24.24
CG MLY H 108 -18.39 -33.60 -24.47
CD MLY H 108 -19.34 -32.53 -23.84
CE MLY H 108 -20.79 -33.01 -23.80
NZ MLY H 108 -21.70 -32.12 -22.99
CH1 MLY H 108 -21.33 -32.23 -21.56
CH2 MLY H 108 -21.56 -30.72 -23.38
C MLY H 108 -14.48 -33.39 -24.71
O MLY H 108 -13.84 -33.29 -25.76
N GLU H 109 -14.01 -32.93 -23.55
CA GLU H 109 -12.70 -32.31 -23.41
C GLU H 109 -11.59 -33.14 -24.05
N ARG H 110 -11.48 -34.39 -23.60
CA ARG H 110 -10.44 -35.25 -24.09
C ARG H 110 -10.53 -35.45 -25.60
N THR H 111 -11.76 -35.48 -26.15
CA THR H 111 -11.82 -35.68 -27.60
C THR H 111 -11.35 -34.43 -28.32
N SER H 112 -11.80 -33.25 -27.87
CA SER H 112 -11.47 -32.05 -28.61
C SER H 112 -9.97 -31.81 -28.53
N PHE H 113 -9.41 -31.99 -27.32
CA PHE H 113 -7.98 -31.98 -27.13
C PHE H 113 -7.27 -32.89 -28.13
N ARG H 114 -7.76 -34.11 -28.27
CA ARG H 114 -7.18 -35.04 -29.23
C ARG H 114 -7.35 -34.53 -30.67
N LEU H 115 -8.58 -34.18 -31.05
CA LEU H 115 -8.83 -33.86 -32.45
C LEU H 115 -8.06 -32.64 -32.88
N GLU H 116 -8.10 -31.58 -32.05
CA GLU H 116 -7.36 -30.38 -32.40
C GLU H 116 -5.89 -30.70 -32.52
N ARG H 117 -5.39 -31.52 -31.60
CA ARG H 117 -3.99 -31.93 -31.67
C ARG H 117 -3.69 -32.58 -33.02
N ARG H 118 -4.56 -33.50 -33.46
CA ARG H 118 -4.35 -34.18 -34.73
C ARG H 118 -4.32 -33.19 -35.89
N VAL H 119 -5.26 -32.24 -35.89
CA VAL H 119 -5.30 -31.24 -36.93
C VAL H 119 -3.96 -30.53 -37.02
N ALA H 120 -3.45 -30.10 -35.86
CA ALA H 120 -2.16 -29.43 -35.86
C ALA H 120 -1.08 -30.31 -36.47
N ALA H 121 -1.05 -31.58 -36.06
CA ALA H 121 -0.02 -32.47 -36.57
C ALA H 121 -0.06 -32.57 -38.08
N VAL H 122 -1.28 -32.67 -38.65
CA VAL H 122 -1.36 -32.81 -40.10
C VAL H 122 -0.76 -31.58 -40.78
N GLY H 123 -1.04 -30.39 -40.21
CA GLY H 123 -0.48 -29.17 -40.75
C GLY H 123 1.03 -29.20 -40.78
N ARG H 124 1.65 -29.68 -39.70
CA ARG H 124 3.10 -29.79 -39.67
C ARG H 124 3.61 -30.73 -40.75
N GLN H 125 2.88 -31.84 -41.01
CA GLN H 125 3.32 -32.74 -42.06
C GLN H 125 3.25 -32.09 -43.43
N MET H 126 2.35 -31.13 -43.61
CA MET H 126 2.31 -30.49 -44.91
C MET H 126 3.36 -29.42 -45.04
N GLY H 127 3.89 -28.93 -43.91
CA GLY H 127 5.02 -28.01 -43.93
C GLY H 127 6.35 -28.66 -44.25
N ARG H 128 6.41 -29.97 -44.34
CA ARG H 128 7.68 -30.64 -44.60
C ARG H 128 8.19 -30.22 -45.98
N GLY H 129 9.47 -29.81 -46.01
CA GLY H 129 10.06 -29.27 -47.20
C GLY H 129 9.90 -27.77 -47.37
N ASN H 130 8.89 -27.17 -46.72
CA ASN H 130 8.69 -25.73 -46.80
C ASN H 130 9.91 -24.97 -46.24
N GLY H 131 10.63 -25.60 -45.30
CA GLY H 131 11.85 -25.02 -44.77
C GLY H 131 12.91 -24.82 -45.82
N TYR H 132 12.94 -25.68 -46.83
CA TYR H 132 13.90 -25.55 -47.92
C TYR H 132 13.63 -24.29 -48.75
N LEU H 133 12.38 -24.08 -49.17
CA LEU H 133 12.04 -22.84 -49.84
C LEU H 133 12.42 -21.65 -48.98
N ALA H 134 12.08 -21.70 -47.70
CA ALA H 134 12.41 -20.60 -46.81
C ALA H 134 13.91 -20.32 -46.83
N THR H 135 14.73 -21.37 -46.84
CA THR H 135 16.17 -21.16 -46.81
C THR H 135 16.72 -20.66 -48.15
N ILE H 136 16.35 -21.27 -49.28
CA ILE H 136 16.92 -20.80 -50.53
C ILE H 136 16.46 -19.37 -50.80
N GLY H 137 15.20 -19.08 -50.54
CA GLY H 137 14.76 -17.71 -50.66
C GLY H 137 15.48 -16.78 -49.72
N ALA H 138 15.93 -17.30 -48.57
CA ALA H 138 16.66 -16.46 -47.61
C ALA H 138 18.10 -16.20 -48.06
N ILE H 139 18.85 -17.24 -48.46
CA ILE H 139 20.28 -17.04 -48.71
C ILE H 139 20.60 -16.70 -50.16
N SER H 140 19.66 -16.84 -51.09
CA SER H 140 19.98 -16.50 -52.48
C SER H 140 20.42 -15.05 -52.62
N PRO H 141 19.81 -14.08 -51.93
CA PRO H 141 20.36 -12.72 -52.00
C PRO H 141 21.82 -12.66 -51.55
N PHE H 142 22.17 -13.28 -50.44
CA PHE H 142 23.55 -13.24 -49.96
C PHE H 142 24.51 -13.83 -50.99
N VAL H 143 24.10 -14.89 -51.67
CA VAL H 143 25.00 -15.54 -52.61
C VAL H 143 25.16 -14.71 -53.86
N GLY H 144 24.03 -14.30 -54.46
CA GLY H 144 24.11 -13.46 -55.63
C GLY H 144 24.92 -12.19 -55.36
N LEU H 145 24.58 -11.51 -54.28
CA LEU H 145 25.27 -10.27 -53.91
C LEU H 145 26.75 -10.52 -53.64
N PHE H 146 27.08 -11.68 -53.07
CA PHE H 146 28.49 -12.04 -52.97
C PHE H 146 29.13 -12.00 -54.36
N GLY H 147 28.47 -12.66 -55.33
CA GLY H 147 28.95 -12.61 -56.71
C GLY H 147 29.15 -11.19 -57.23
N THR H 148 28.18 -10.30 -56.97
CA THR H 148 28.31 -8.96 -57.51
C THR H 148 29.49 -8.22 -56.88
N VAL H 149 29.68 -8.39 -55.57
CA VAL H 149 30.85 -7.82 -54.91
C VAL H 149 32.13 -8.35 -55.55
N TRP H 150 32.17 -9.66 -55.84
CA TRP H 150 33.35 -10.24 -56.48
C TRP H 150 33.59 -9.59 -57.84
N GLY H 151 32.53 -9.35 -58.61
CA GLY H 151 32.69 -8.75 -59.92
C GLY H 151 33.29 -7.35 -59.85
N ILE H 152 32.70 -6.48 -59.04
CA ILE H 152 33.20 -5.11 -58.92
C ILE H 152 34.65 -5.11 -58.41
N MET H 153 34.95 -6.04 -57.51
CA MET H 153 36.31 -6.21 -57.02
C MET H 153 37.26 -6.51 -58.20
N ASN H 154 36.85 -7.41 -59.10
CA ASN H 154 37.68 -7.69 -60.27
C ASN H 154 37.84 -6.46 -61.14
N SER H 155 36.80 -5.63 -61.22
CA SER H 155 36.90 -4.39 -61.98
C SER H 155 38.02 -3.50 -61.44
N PHE H 156 38.09 -3.37 -60.12
CA PHE H 156 39.13 -2.51 -59.56
C PHE H 156 40.52 -3.13 -59.66
N ILE H 157 40.64 -4.46 -59.54
CA ILE H 157 41.94 -5.06 -59.83
C ILE H 157 42.31 -4.85 -61.29
N GLY H 158 41.32 -4.78 -62.18
CA GLY H 158 41.59 -4.47 -63.57
C GLY H 158 42.16 -3.08 -63.73
N ILE H 159 41.54 -2.09 -63.06
CA ILE H 159 42.12 -0.75 -63.05
C ILE H 159 43.52 -0.78 -62.42
N ALA H 160 43.80 -1.76 -61.56
CA ALA H 160 45.10 -1.81 -60.88
C ALA H 160 46.17 -2.44 -61.76
N GLN H 161 45.81 -3.44 -62.56
CA GLN H 161 46.66 -3.88 -63.66
C GLN H 161 46.46 -2.83 -64.74
N THR H 162 46.78 -3.11 -66.01
CA THR H 162 46.74 -2.07 -67.05
C THR H 162 47.82 -0.95 -66.75
N GLN H 163 47.59 0.29 -66.30
CA GLN H 163 46.48 0.78 -65.51
C GLN H 163 45.79 1.98 -66.08
N THR H 164 44.59 1.74 -66.58
CA THR H 164 43.80 2.72 -67.30
C THR H 164 42.41 2.75 -66.69
N THR H 165 41.91 3.95 -66.43
CA THR H 165 40.61 4.17 -65.82
C THR H 165 39.54 4.48 -66.84
N ASN H 166 39.86 4.41 -68.12
CA ASN H 166 38.82 4.30 -69.10
C ASN H 166 37.89 3.15 -68.71
N LEU H 167 36.59 3.42 -68.76
CA LEU H 167 35.56 2.45 -68.43
C LEU H 167 35.69 1.11 -69.16
N ALA H 168 36.35 1.05 -70.32
CA ALA H 168 36.46 -0.25 -71.00
C ALA H 168 37.15 -1.30 -70.14
N VAL H 169 37.97 -0.87 -69.18
CA VAL H 169 38.66 -1.83 -68.31
C VAL H 169 37.71 -2.36 -67.26
N VAL H 170 36.89 -1.48 -66.69
CA VAL H 170 36.01 -1.84 -65.59
C VAL H 170 34.82 -2.68 -66.05
N ALA H 171 34.62 -2.80 -67.38
CA ALA H 171 33.38 -3.40 -67.88
C ALA H 171 33.26 -4.90 -67.58
N PRO H 172 34.28 -5.75 -67.75
CA PRO H 172 34.02 -7.18 -67.55
C PRO H 172 33.58 -7.53 -66.13
N GLY H 173 34.22 -6.95 -65.12
CA GLY H 173 33.79 -7.20 -63.77
C GLY H 173 32.38 -6.72 -63.54
N ILE H 174 32.02 -5.58 -64.12
CA ILE H 174 30.66 -5.07 -64.01
C ILE H 174 29.69 -6.05 -64.64
N ALA H 175 30.02 -6.57 -65.83
CA ALA H 175 29.15 -7.51 -66.51
C ALA H 175 28.87 -8.74 -65.65
N GLU H 176 29.94 -9.40 -65.18
CA GLU H 176 29.68 -10.61 -64.40
C GLU H 176 28.98 -10.30 -63.08
N ALA H 177 29.31 -9.15 -62.45
CA ALA H 177 28.58 -8.73 -61.25
C ALA H 177 27.07 -8.66 -61.51
N LEU H 178 26.67 -7.98 -62.57
CA LEU H 178 25.25 -7.90 -62.87
C LEU H 178 24.66 -9.29 -63.08
N LEU H 179 25.39 -10.18 -63.77
CA LEU H 179 24.87 -11.54 -63.93
C LEU H 179 24.60 -12.22 -62.58
N ALA H 180 25.49 -12.02 -61.61
CA ALA H 180 25.29 -12.60 -60.29
C ALA H 180 24.06 -12.01 -59.61
N THR H 181 23.87 -10.69 -59.73
CA THR H 181 22.66 -10.08 -59.14
C THR H 181 21.40 -10.64 -59.79
N ALA H 182 21.39 -10.70 -61.13
CA ALA H 182 20.23 -11.20 -61.85
C ALA H 182 19.89 -12.62 -61.43
N ILE H 183 20.88 -13.51 -61.47
CA ILE H 183 20.58 -14.88 -61.07
C ILE H 183 20.16 -14.94 -59.62
N GLY H 184 20.72 -14.08 -58.76
CA GLY H 184 20.27 -14.02 -57.38
C GLY H 184 18.79 -13.71 -57.28
N LEU H 185 18.32 -12.75 -58.06
CA LEU H 185 16.89 -12.45 -58.04
C LEU H 185 16.08 -13.64 -58.55
N VAL H 186 16.54 -14.27 -59.63
CA VAL H 186 15.82 -15.39 -60.24
C VAL H 186 15.71 -16.59 -59.28
N ALA H 187 16.70 -16.79 -58.42
CA ALA H 187 16.58 -17.85 -57.44
C ALA H 187 15.73 -17.41 -56.25
N ALA H 188 15.94 -16.17 -55.80
CA ALA H 188 15.33 -15.73 -54.55
C ALA H 188 13.81 -15.50 -54.69
N ILE H 189 13.39 -14.73 -55.70
CA ILE H 189 12.01 -14.26 -55.78
C ILE H 189 11.02 -15.41 -55.88
N PRO H 190 11.11 -16.33 -56.86
CA PRO H 190 10.12 -17.42 -56.91
C PRO H 190 10.14 -18.32 -55.69
N ALA H 191 11.28 -18.53 -55.04
CA ALA H 191 11.26 -19.29 -53.80
C ALA H 191 10.47 -18.58 -52.72
N VAL H 192 10.65 -17.27 -52.60
CA VAL H 192 9.92 -16.53 -51.58
C VAL H 192 8.41 -16.55 -51.86
N VAL H 193 8.04 -16.26 -53.11
CA VAL H 193 6.63 -16.25 -53.50
C VAL H 193 6.01 -17.62 -53.27
N ILE H 194 6.68 -18.65 -53.76
CA ILE H 194 6.16 -20.01 -53.64
C ILE H 194 5.99 -20.38 -52.17
N TYR H 195 6.95 -20.02 -51.32
CA TYR H 195 6.83 -20.28 -49.90
C TYR H 195 5.59 -19.62 -49.32
N ASN H 196 5.32 -18.37 -49.70
CA ASN H 196 4.14 -17.72 -49.16
C ASN H 196 2.85 -18.38 -49.62
N VAL H 197 2.71 -18.68 -50.92
CA VAL H 197 1.46 -19.33 -51.35
C VAL H 197 1.30 -20.68 -50.64
N PHE H 198 2.39 -21.42 -50.46
CA PHE H 198 2.28 -22.70 -49.77
C PHE H 198 1.89 -22.51 -48.30
N ALA H 199 2.40 -21.48 -47.64
CA ALA H 199 1.99 -21.24 -46.25
C ALA H 199 0.50 -20.91 -46.19
N ARG H 200 0.01 -20.13 -47.15
CA ARG H 200 -1.40 -19.76 -47.19
C ARG H 200 -2.29 -20.99 -47.44
N GLN H 201 -1.97 -21.79 -48.45
CA GLN H 201 -2.75 -23.02 -48.72
C GLN H 201 -2.76 -23.95 -47.51
N ILE H 202 -1.61 -24.13 -46.85
CA ILE H 202 -1.57 -24.98 -45.65
C ILE H 202 -2.52 -24.42 -44.60
N GLY H 203 -2.53 -23.09 -44.43
CA GLY H 203 -3.46 -22.50 -43.49
C GLY H 203 -4.92 -22.80 -43.82
N GLY H 204 -5.29 -22.61 -45.09
CA GLY H 204 -6.66 -22.89 -45.49
C GLY H 204 -7.04 -24.35 -45.30
N PHE H 205 -6.09 -25.25 -45.57
CA PHE H 205 -6.37 -26.67 -45.38
C PHE H 205 -6.56 -27.01 -43.90
N LYS H 206 -5.74 -26.43 -43.01
CA LYS H 206 -6.01 -26.60 -41.59
C LYS H 206 -7.43 -26.16 -41.26
N ALA H 207 -7.85 -25.03 -41.85
CA ALA H 207 -9.20 -24.55 -41.58
C ALA H 207 -10.25 -25.59 -41.98
N MET H 208 -10.12 -26.16 -43.18
CA MET H 208 -11.07 -27.15 -43.65
C MET H 208 -11.11 -28.37 -42.72
N LEU H 209 -9.93 -28.87 -42.35
CA LEU H 209 -9.84 -30.04 -41.48
C LEU H 209 -10.46 -29.77 -40.12
N GLY H 210 -10.17 -28.59 -39.55
CA GLY H 210 -10.79 -28.22 -38.31
C GLY H 210 -12.30 -28.17 -38.42
N ASP H 211 -12.81 -27.87 -39.62
CA ASP H 211 -14.25 -27.89 -39.80
C ASP H 211 -14.79 -29.32 -39.79
N VAL H 212 -14.10 -30.26 -40.43
CA VAL H 212 -14.53 -31.66 -40.33
C VAL H 212 -14.44 -32.13 -38.88
N ALA H 213 -13.32 -31.83 -38.22
CA ALA H 213 -13.15 -32.16 -36.81
C ALA H 213 -14.24 -31.52 -35.96
N ALA H 214 -14.66 -30.31 -36.32
CA ALA H 214 -15.74 -29.64 -35.62
C ALA H 214 -17.02 -30.43 -35.77
N GLN H 215 -17.28 -30.90 -36.98
CA GLN H 215 -18.46 -31.73 -37.20
C GLN H 215 -18.41 -32.97 -36.31
N VAL H 216 -17.24 -33.62 -36.23
CA VAL H 216 -17.08 -34.80 -35.39
C VAL H 216 -17.39 -34.48 -33.93
N LEU H 217 -16.79 -33.42 -33.40
CA LEU H 217 -17.03 -33.04 -32.01
C LEU H 217 -18.50 -32.67 -31.78
N LEU H 218 -19.13 -31.93 -32.70
CA LEU H 218 -20.54 -31.56 -32.55
C LEU H 218 -21.42 -32.79 -32.51
N LEU H 219 -21.19 -33.76 -33.41
CA LEU H 219 -21.95 -34.99 -33.36
C LEU H 219 -21.76 -35.68 -32.01
N GLN H 220 -20.51 -35.86 -31.59
CA GLN H 220 -20.24 -36.56 -30.34
C GLN H 220 -20.90 -35.87 -29.15
N SER H 221 -20.79 -34.55 -29.07
CA SER H 221 -21.36 -33.80 -27.97
C SER H 221 -22.89 -33.95 -27.93
N ARG H 222 -23.56 -33.75 -29.08
CA ARG H 222 -25.01 -33.88 -29.11
C ARG H 222 -25.44 -35.28 -28.70
N ASP H 223 -24.73 -36.30 -29.20
CA ASP H 223 -25.08 -37.68 -28.90
C ASP H 223 -24.97 -37.95 -27.41
N LEU H 224 -23.87 -37.53 -26.80
CA LEU H 224 -23.72 -37.74 -25.36
C LEU H 224 -24.85 -37.09 -24.58
N ASP H 225 -25.21 -35.85 -24.93
CA ASP H 225 -26.26 -35.19 -24.16
C ASP H 225 -27.62 -35.86 -24.33
N LEU H 226 -27.97 -36.25 -25.55
CA LEU H 226 -29.27 -36.88 -25.78
C LEU H 226 -29.34 -38.23 -25.09
N GLU H 227 -28.23 -38.98 -25.13
CA GLU H 227 -28.14 -40.24 -24.43
C GLU H 227 -28.34 -40.05 -22.93
N ALA H 228 -27.65 -39.07 -22.37
CA ALA H 228 -27.75 -38.83 -20.93
C ALA H 228 -29.14 -38.41 -20.52
N SER H 229 -29.82 -37.64 -21.37
CA SER H 229 -31.15 -37.14 -21.03
C SER H 229 -32.18 -38.25 -21.05
N ALA H 230 -32.06 -39.18 -21.99
CA ALA H 230 -33.01 -40.27 -22.12
C ALA H 230 -32.96 -41.23 -20.91
N ALA H 231 -31.86 -41.24 -20.15
CA ALA H 231 -31.75 -42.03 -18.93
C ALA H 231 -32.49 -41.38 -17.75
N ALA H 232 -32.60 -40.06 -17.74
CA ALA H 232 -33.26 -39.33 -16.65
C ALA H 232 -34.77 -39.62 -16.59
N ALA I 19 46.18 -1.14 -45.84
CA ALA I 19 45.04 -1.58 -45.03
C ALA I 19 44.98 -0.81 -43.72
N ASP I 20 43.77 -0.45 -43.29
CA ASP I 20 43.57 0.29 -42.05
C ASP I 20 43.65 -0.67 -40.87
N ILE I 21 44.00 -0.13 -39.71
CA ILE I 21 44.17 -0.99 -38.53
C ILE I 21 42.83 -1.61 -38.12
N VAL I 22 41.74 -0.80 -38.16
CA VAL I 22 40.39 -1.29 -37.87
C VAL I 22 39.85 -2.15 -39.01
N VAL I 23 40.12 -1.77 -40.27
CA VAL I 23 39.57 -2.48 -41.42
C VAL I 23 40.05 -3.93 -41.50
N LYS I 24 41.15 -4.27 -40.82
CA LYS I 24 41.51 -5.67 -40.63
C LYS I 24 40.75 -6.28 -39.45
N CYS I 25 40.55 -5.49 -38.38
CA CYS I 25 39.82 -5.95 -37.20
C CYS I 25 38.44 -6.48 -37.58
N VAL I 26 37.74 -5.74 -38.45
CA VAL I 26 36.44 -6.21 -38.95
C VAL I 26 36.57 -7.61 -39.54
N MET I 27 37.64 -7.86 -40.31
CA MET I 27 37.86 -9.16 -40.94
C MET I 27 37.99 -10.25 -39.88
N ILE I 28 38.83 -10.00 -38.88
CA ILE I 28 39.06 -11.02 -37.86
C ILE I 28 37.78 -11.27 -37.07
N GLY I 29 37.05 -10.20 -36.74
CA GLY I 29 35.78 -10.36 -36.06
C GLY I 29 34.84 -11.24 -36.85
N LEU I 30 34.82 -11.07 -38.17
CA LEU I 30 33.97 -11.92 -39.01
C LEU I 30 34.39 -13.39 -38.91
N ILE I 31 35.68 -13.69 -39.10
CA ILE I 31 36.03 -15.11 -39.14
C ILE I 31 35.83 -15.75 -37.76
N LEU I 32 36.04 -14.99 -36.69
CA LEU I 32 35.76 -15.52 -35.36
C LEU I 32 34.27 -15.80 -35.19
N ALA I 33 33.42 -14.91 -35.69
CA ALA I 33 32.01 -15.20 -35.78
C ALA I 33 31.78 -16.56 -36.46
N SER I 34 32.52 -16.80 -37.56
CA SER I 34 32.43 -18.10 -38.23
C SER I 34 32.79 -19.23 -37.28
N VAL I 35 33.81 -19.02 -36.44
CA VAL I 35 34.20 -20.07 -35.48
C VAL I 35 33.07 -20.36 -34.51
N VAL I 36 32.47 -19.32 -33.95
CA VAL I 36 31.36 -19.57 -33.00
C VAL I 36 30.24 -20.35 -33.70
N THR I 37 29.99 -20.02 -34.95
CA THR I 37 28.99 -20.75 -35.72
C THR I 37 29.31 -22.24 -35.73
N TRP I 38 30.56 -22.59 -36.03
CA TRP I 38 30.83 -24.02 -36.14
C TRP I 38 30.80 -24.71 -34.77
N ALA I 39 31.20 -24.01 -33.70
CA ALA I 39 31.09 -24.58 -32.36
C ALA I 39 29.63 -24.94 -32.04
N ILE I 40 28.73 -23.95 -32.15
CA ILE I 40 27.30 -24.20 -31.95
C ILE I 40 26.82 -25.36 -32.82
N PHE I 41 27.29 -25.40 -34.07
CA PHE I 41 26.83 -26.41 -35.00
C PHE I 41 27.13 -27.81 -34.49
N PHE I 42 28.39 -28.07 -34.13
CA PHE I 42 28.75 -29.43 -33.73
C PHE I 42 28.05 -29.82 -32.43
N SER I 43 28.05 -28.90 -31.45
CA SER I 43 27.49 -29.21 -30.14
C SER I 43 25.98 -29.40 -30.21
N LYS I 44 25.25 -28.41 -30.74
CA LYS I 44 23.79 -28.54 -30.77
C LYS I 44 23.40 -29.70 -31.67
N SER I 45 24.25 -30.03 -32.63
CA SER I 45 23.98 -31.19 -33.45
C SER I 45 23.89 -32.45 -32.59
N VAL I 46 24.89 -32.68 -31.73
CA VAL I 46 24.79 -33.90 -30.94
C VAL I 46 23.65 -33.80 -29.93
N GLU I 47 23.49 -32.64 -29.29
CA GLU I 47 22.42 -32.49 -28.30
C GLU I 47 21.03 -32.78 -28.90
N PHE I 48 20.69 -32.12 -30.01
CA PHE I 48 19.39 -32.39 -30.61
C PHE I 48 19.25 -33.86 -30.99
N PHE I 49 20.30 -34.44 -31.55
CA PHE I 49 20.17 -35.84 -31.99
C PHE I 49 19.83 -36.78 -30.85
N ASN I 50 20.56 -36.65 -29.74
CA ASN I 50 20.38 -37.53 -28.61
C ASN I 50 19.02 -37.27 -27.95
N GLN I 51 18.69 -36.02 -27.68
CA GLN I 51 17.40 -35.73 -27.07
C GLN I 51 16.26 -36.27 -27.93
N LYS I 52 16.35 -36.09 -29.23
CA LYS I 52 15.28 -36.54 -30.12
C LYS I 52 15.16 -38.08 -30.14
N ARG I 53 16.28 -38.78 -30.17
CA ARG I 53 16.21 -40.24 -30.21
C ARG I 53 15.65 -40.80 -28.90
N ARG I 54 16.13 -40.26 -27.79
CA ARG I 54 15.64 -40.67 -26.49
C ARG I 54 14.13 -40.45 -26.38
N LEU I 55 13.64 -39.25 -26.73
CA LEU I 55 12.21 -39.00 -26.60
C LEU I 55 11.39 -39.91 -27.49
N LYS I 56 11.85 -40.10 -28.74
CA LYS I 56 11.10 -40.96 -29.65
C LYS I 56 10.96 -42.38 -29.08
N ARG I 57 12.02 -42.89 -28.43
CA ARG I 57 11.95 -44.25 -27.90
C ARG I 57 11.04 -44.30 -26.69
N GLU I 58 11.19 -43.34 -25.76
CA GLU I 58 10.31 -43.30 -24.60
C GLU I 58 8.86 -43.25 -25.03
N GLN I 59 8.57 -42.50 -26.09
CA GLN I 59 7.19 -42.38 -26.54
C GLN I 59 6.68 -43.71 -27.08
N GLN I 60 7.50 -44.42 -27.84
CA GLN I 60 7.11 -45.75 -28.30
C GLN I 60 6.76 -46.67 -27.14
N LEU I 61 7.59 -46.63 -26.08
CA LEU I 61 7.40 -47.51 -24.93
C LEU I 61 6.14 -47.13 -24.15
N LEU I 62 5.84 -45.84 -24.08
CA LEU I 62 4.68 -45.39 -23.35
C LEU I 62 3.41 -45.56 -24.16
N ALA I 63 3.51 -45.82 -25.48
CA ALA I 63 2.30 -46.06 -26.25
C ALA I 63 1.48 -47.21 -25.69
N GLU I 64 2.10 -48.10 -24.93
CA GLU I 64 1.46 -49.30 -24.45
C GLU I 64 0.65 -49.10 -23.18
N ALA I 65 0.77 -47.95 -22.51
CA ALA I 65 0.23 -47.85 -21.15
C ALA I 65 -1.30 -47.73 -21.17
N ARG I 66 -1.96 -48.57 -20.37
CA ARG I 66 -3.40 -48.55 -20.27
C ARG I 66 -3.87 -47.76 -19.07
N SER I 67 -2.94 -47.17 -18.31
CA SER I 67 -3.23 -46.35 -17.14
C SER I 67 -2.02 -45.48 -16.84
N LEU I 68 -2.24 -44.48 -15.97
CA LEU I 68 -1.19 -43.56 -15.57
C LEU I 68 -0.17 -44.28 -14.69
N ASN I 69 -0.64 -45.13 -13.77
CA ASN I 69 0.27 -45.94 -13.00
C ASN I 69 1.15 -46.78 -13.89
N GLN I 70 0.56 -47.42 -14.91
CA GLN I 70 1.37 -48.26 -15.76
C GLN I 70 2.42 -47.42 -16.51
N ALA I 71 2.06 -46.18 -16.89
CA ALA I 71 3.01 -45.29 -17.54
C ALA I 71 4.17 -44.96 -16.60
N ASN I 72 3.89 -44.59 -15.34
CA ASN I 72 4.98 -44.40 -14.40
C ASN I 72 5.84 -45.65 -14.33
N ASP I 73 5.21 -46.82 -14.31
CA ASP I 73 5.95 -48.05 -14.16
C ASP I 73 6.88 -48.29 -15.34
N ILE I 74 6.40 -48.08 -16.56
CA ILE I 74 7.24 -48.24 -17.73
C ILE I 74 8.37 -47.22 -17.72
N ALA I 75 8.09 -46.01 -17.31
CA ALA I 75 9.12 -44.98 -17.36
C ALA I 75 10.05 -45.07 -16.18
N ALA I 76 9.80 -46.00 -15.25
CA ALA I 76 10.55 -46.07 -14.00
C ALA I 76 12.05 -46.03 -14.23
N ASP I 77 12.55 -46.84 -15.15
CA ASP I 77 13.95 -46.70 -15.51
C ASP I 77 14.04 -46.23 -16.96
N PHE I 78 13.87 -44.93 -17.14
CA PHE I 78 14.13 -44.22 -18.37
C PHE I 78 15.42 -43.44 -18.27
N GLY I 79 15.97 -43.36 -17.07
CA GLY I 79 17.08 -42.51 -16.71
C GLY I 79 16.62 -41.31 -15.90
N SER I 80 17.55 -40.79 -15.10
CA SER I 80 17.26 -39.70 -14.19
C SER I 80 17.02 -38.39 -14.93
N LYS I 81 17.61 -38.22 -16.11
CA LYS I 81 17.44 -37.02 -16.91
C LYS I 81 16.30 -37.14 -17.93
N SER I 82 15.53 -38.21 -17.89
CA SER I 82 14.45 -38.42 -18.85
C SER I 82 13.35 -37.36 -18.72
N LEU I 83 12.95 -36.81 -19.87
CA LEU I 83 11.87 -35.82 -19.91
C LEU I 83 10.50 -36.43 -19.67
N SER I 84 10.22 -37.60 -20.28
CA SER I 84 8.94 -38.25 -20.00
C SER I 84 8.80 -38.56 -18.52
N LEU I 85 9.85 -39.11 -17.92
CA LEU I 85 9.83 -39.43 -16.50
C LEU I 85 9.57 -38.18 -15.66
N HIS I 86 10.09 -37.03 -16.09
CA HIS I 86 9.83 -35.78 -15.37
C HIS I 86 8.35 -35.39 -15.45
N LEU I 87 7.75 -35.50 -16.64
CA LEU I 87 6.34 -35.16 -16.78
C LEU I 87 5.48 -36.08 -15.93
N LEU I 88 5.73 -37.38 -16.04
CA LEU I 88 5.00 -38.37 -15.27
C LEU I 88 5.15 -38.12 -13.79
N ASN I 89 6.37 -37.81 -13.35
CA ASN I 89 6.56 -37.53 -11.94
C ASN I 89 5.84 -36.28 -11.51
N GLU I 90 5.69 -35.31 -12.41
CA GLU I 90 4.90 -34.14 -12.05
C GLU I 90 3.45 -34.55 -11.80
N ALA I 91 2.87 -35.37 -12.69
CA ALA I 91 1.48 -35.79 -12.49
C ALA I 91 1.32 -36.61 -11.22
N GLN I 92 2.25 -37.55 -11.00
CA GLN I 92 2.20 -38.39 -9.82
C GLN I 92 2.33 -37.56 -8.56
N ASN I 93 3.19 -36.55 -8.60
CA ASN I 93 3.40 -35.68 -7.47
C ASN I 93 2.15 -34.88 -7.15
N GLU I 94 1.47 -34.38 -8.18
CA GLU I 94 0.23 -33.65 -7.95
C GLU I 94 -0.81 -34.54 -7.29
N LEU I 95 -0.93 -35.78 -7.75
CA LEU I 95 -1.85 -36.71 -7.08
C LEU I 95 -1.49 -36.89 -5.61
N GLU I 96 -0.20 -37.09 -5.28
CA GLU I 96 0.18 -37.34 -3.88
C GLU I 96 -0.07 -36.10 -3.03
N LEU I 97 0.15 -34.91 -3.58
CA LEU I 97 -0.09 -33.69 -2.82
C LEU I 97 -1.58 -33.46 -2.58
N SER I 98 -2.43 -34.00 -3.46
CA SER I 98 -3.86 -33.81 -3.41
C SER I 98 -4.59 -34.92 -2.67
N GLU I 99 -3.87 -35.87 -2.07
CA GLU I 99 -4.53 -36.95 -1.34
C GLU I 99 -5.50 -36.35 -0.32
N GLY I 100 -6.71 -36.89 -0.28
CA GLY I 100 -7.71 -36.42 0.64
C GLY I 100 -8.65 -35.39 0.07
N SER I 101 -8.44 -34.97 -1.18
CA SER I 101 -9.21 -33.94 -1.84
C SER I 101 -10.42 -34.52 -2.54
N ASP I 102 -11.53 -33.79 -2.47
CA ASP I 102 -12.77 -34.20 -3.13
C ASP I 102 -12.86 -33.79 -4.60
N ASP I 103 -12.01 -32.89 -5.11
CA ASP I 103 -12.20 -32.26 -6.41
C ASP I 103 -11.19 -32.78 -7.44
N ASN I 104 -11.68 -33.63 -8.37
CA ASN I 104 -10.83 -34.15 -9.45
C ASN I 104 -10.58 -33.12 -10.54
N GLU I 105 -11.52 -32.21 -10.75
CA GLU I 105 -11.27 -31.04 -11.60
C GLU I 105 -10.02 -30.29 -11.15
N GLY I 106 -9.91 -30.01 -9.85
CA GLY I 106 -8.75 -29.29 -9.34
C GLY I 106 -7.45 -30.01 -9.64
N ILE I 107 -7.43 -31.32 -9.45
CA ILE I 107 -6.26 -32.10 -9.77
C ILE I 107 -5.90 -31.95 -11.24
N MLY I 108 -6.83 -32.31 -12.13
CA MLY I 108 -6.71 -32.08 -13.58
CB MLY I 108 -8.06 -32.25 -14.24
CG MLY I 108 -8.58 -33.69 -14.28
CD MLY I 108 -9.97 -33.71 -14.88
CE MLY I 108 -10.62 -35.05 -14.74
NZ MLY I 108 -12.08 -34.99 -15.12
CH1 MLY I 108 -12.77 -34.16 -14.13
CH2 MLY I 108 -12.25 -34.44 -16.47
C MLY I 108 -6.18 -30.71 -13.93
O MLY I 108 -5.10 -30.60 -14.51
N GLU I 109 -6.92 -29.67 -13.53
CA GLU I 109 -6.50 -28.29 -13.71
C GLU I 109 -5.05 -28.06 -13.28
N ARG I 110 -4.74 -28.46 -12.04
CA ARG I 110 -3.39 -28.25 -11.53
C ARG I 110 -2.35 -29.02 -12.34
N THR I 111 -2.68 -30.27 -12.71
CA THR I 111 -1.71 -31.09 -13.41
C THR I 111 -1.40 -30.54 -14.79
N SER I 112 -2.43 -30.18 -15.53
CA SER I 112 -2.17 -29.61 -16.84
C SER I 112 -1.37 -28.33 -16.69
N PHE I 113 -1.73 -27.51 -15.72
CA PHE I 113 -0.97 -26.28 -15.52
C PHE I 113 0.50 -26.61 -15.33
N ARG I 114 0.79 -27.60 -14.48
CA ARG I 114 2.20 -27.94 -14.26
C ARG I 114 2.81 -28.44 -15.56
N LEU I 115 2.14 -29.36 -16.26
CA LEU I 115 2.80 -29.95 -17.40
C LEU I 115 3.05 -28.89 -18.44
N GLU I 116 2.11 -27.94 -18.57
CA GLU I 116 2.27 -26.96 -19.64
C GLU I 116 3.36 -25.99 -19.29
N ARG I 117 3.49 -25.69 -17.99
CA ARG I 117 4.59 -24.85 -17.54
C ARG I 117 5.94 -25.54 -17.73
N ARG I 118 6.00 -26.88 -17.69
CA ARG I 118 7.28 -27.56 -17.84
C ARG I 118 7.72 -27.64 -19.29
N VAL I 119 6.81 -28.06 -20.16
CA VAL I 119 7.07 -28.14 -21.58
C VAL I 119 7.67 -26.85 -22.10
N ALA I 120 7.04 -25.73 -21.77
CA ALA I 120 7.53 -24.43 -22.20
C ALA I 120 8.97 -24.20 -21.72
N ALA I 121 9.25 -24.52 -20.46
CA ALA I 121 10.61 -24.31 -19.97
C ALA I 121 11.60 -25.10 -20.81
N VAL I 122 11.26 -26.36 -21.10
CA VAL I 122 12.15 -27.19 -21.90
C VAL I 122 12.31 -26.56 -23.28
N GLY I 123 11.20 -26.05 -23.83
CA GLY I 123 11.26 -25.35 -25.11
C GLY I 123 12.23 -24.18 -25.10
N ARG I 124 12.24 -23.40 -24.02
CA ARG I 124 13.21 -22.33 -23.91
C ARG I 124 14.63 -22.88 -23.93
N GLN I 125 14.90 -23.93 -23.14
CA GLN I 125 16.25 -24.47 -23.07
C GLN I 125 16.75 -24.93 -24.43
N MET I 126 15.93 -25.71 -25.14
CA MET I 126 16.34 -26.23 -26.44
C MET I 126 16.58 -25.13 -27.46
N GLY I 127 16.05 -23.91 -27.22
CA GLY I 127 16.26 -22.79 -28.10
C GLY I 127 17.45 -21.94 -27.75
N ARG I 128 18.02 -22.16 -26.57
CA ARG I 128 19.12 -21.34 -26.10
C ARG I 128 20.31 -21.42 -27.06
N GLY I 129 20.91 -20.26 -27.35
CA GLY I 129 22.03 -20.15 -28.26
C GLY I 129 21.66 -19.90 -29.71
N ASN I 130 20.44 -20.26 -30.12
CA ASN I 130 19.98 -20.01 -31.48
C ASN I 130 19.90 -18.52 -31.80
N GLY I 131 19.78 -17.69 -30.75
CA GLY I 131 19.85 -16.26 -30.94
C GLY I 131 21.17 -15.82 -31.55
N TYR I 132 22.30 -16.30 -30.99
CA TYR I 132 23.61 -16.01 -31.54
C TYR I 132 23.65 -16.21 -33.05
N LEU I 133 23.23 -17.39 -33.52
CA LEU I 133 23.19 -17.65 -34.96
C LEU I 133 22.29 -16.64 -35.69
N ALA I 134 21.09 -16.39 -35.17
CA ALA I 134 20.19 -15.45 -35.84
C ALA I 134 20.84 -14.07 -36.01
N THR I 135 21.54 -13.58 -34.98
CA THR I 135 22.15 -12.25 -35.11
C THR I 135 23.38 -12.28 -36.02
N ILE I 136 24.21 -13.32 -35.94
CA ILE I 136 25.38 -13.37 -36.81
C ILE I 136 24.95 -13.36 -38.27
N GLY I 137 23.97 -14.18 -38.62
CA GLY I 137 23.42 -14.15 -39.97
C GLY I 137 22.73 -12.85 -40.34
N ALA I 138 22.16 -12.14 -39.35
CA ALA I 138 21.50 -10.89 -39.70
C ALA I 138 22.49 -9.76 -39.92
N ILE I 139 23.41 -9.54 -38.97
CA ILE I 139 24.23 -8.33 -39.00
C ILE I 139 25.62 -8.51 -39.63
N SER I 140 26.07 -9.74 -39.86
CA SER I 140 27.44 -9.89 -40.37
C SER I 140 27.65 -9.25 -41.75
N PRO I 141 26.74 -9.38 -42.73
CA PRO I 141 26.97 -8.63 -43.98
C PRO I 141 27.02 -7.13 -43.78
N PHE I 142 26.28 -6.61 -42.80
CA PHE I 142 26.36 -5.19 -42.48
C PHE I 142 27.65 -4.85 -41.75
N VAL I 143 28.24 -5.79 -41.02
CA VAL I 143 29.55 -5.53 -40.44
C VAL I 143 30.60 -5.42 -41.53
N GLY I 144 30.62 -6.39 -42.44
CA GLY I 144 31.51 -6.28 -43.59
C GLY I 144 31.29 -4.99 -44.35
N LEU I 145 30.03 -4.67 -44.63
CA LEU I 145 29.69 -3.44 -45.35
C LEU I 145 30.25 -2.23 -44.63
N PHE I 146 30.16 -2.23 -43.30
CA PHE I 146 30.82 -1.17 -42.54
C PHE I 146 32.30 -1.10 -42.86
N GLY I 147 32.98 -2.25 -42.78
CA GLY I 147 34.41 -2.26 -43.06
C GLY I 147 34.77 -1.63 -44.39
N THR I 148 34.09 -2.05 -45.46
CA THR I 148 34.46 -1.49 -46.76
C THR I 148 34.08 -0.02 -46.87
N VAL I 149 32.93 0.39 -46.34
CA VAL I 149 32.63 1.82 -46.40
C VAL I 149 33.74 2.62 -45.73
N TRP I 150 34.20 2.18 -44.57
CA TRP I 150 35.33 2.85 -43.94
C TRP I 150 36.56 2.82 -44.82
N GLY I 151 36.85 1.69 -45.45
CA GLY I 151 38.01 1.56 -46.30
C GLY I 151 37.99 2.45 -47.53
N ILE I 152 36.92 2.36 -48.34
CA ILE I 152 36.79 3.21 -49.52
C ILE I 152 36.68 4.67 -49.13
N MET I 153 36.09 4.96 -47.98
CA MET I 153 36.13 6.31 -47.44
C MET I 153 37.55 6.77 -47.20
N ASN I 154 38.38 5.91 -46.60
CA ASN I 154 39.78 6.28 -46.39
C ASN I 154 40.52 6.41 -47.71
N SER I 155 40.20 5.55 -48.67
CA SER I 155 40.80 5.63 -49.99
C SER I 155 40.47 6.97 -50.67
N PHE I 156 39.21 7.41 -50.56
CA PHE I 156 38.83 8.69 -51.15
C PHE I 156 39.33 9.89 -50.36
N ILE I 157 39.47 9.77 -49.04
CA ILE I 157 40.19 10.83 -48.31
C ILE I 157 41.62 10.89 -48.85
N GLY I 158 42.16 9.75 -49.26
CA GLY I 158 43.46 9.75 -49.91
C GLY I 158 43.43 10.48 -51.23
N ILE I 159 42.42 10.18 -52.08
CA ILE I 159 42.31 10.81 -53.40
C ILE I 159 42.24 12.31 -53.25
N ALA I 160 41.70 12.81 -52.15
CA ALA I 160 41.64 14.25 -51.98
C ALA I 160 42.89 14.81 -51.33
N GLN I 161 43.83 13.95 -50.93
CA GLN I 161 45.05 14.38 -50.26
C GLN I 161 46.24 14.54 -51.20
N THR I 162 46.07 14.31 -52.51
CA THR I 162 47.22 14.30 -53.42
C THR I 162 47.29 15.52 -54.38
N GLN I 163 46.31 15.78 -55.27
CA GLN I 163 45.10 15.00 -55.51
C GLN I 163 45.23 14.28 -56.85
N THR I 164 45.38 12.96 -56.81
CA THR I 164 45.71 12.21 -58.01
C THR I 164 44.46 12.02 -58.86
N THR I 165 44.60 11.20 -59.89
CA THR I 165 43.55 10.93 -60.85
C THR I 165 43.60 9.44 -61.13
N ASN I 166 42.88 9.03 -62.17
CA ASN I 166 43.09 7.73 -62.78
C ASN I 166 42.66 6.57 -61.91
N LEU I 167 42.36 6.80 -60.63
CA LEU I 167 41.80 5.74 -59.80
C LEU I 167 42.78 4.57 -59.63
N ALA I 168 43.69 4.43 -60.59
CA ALA I 168 44.66 3.35 -60.59
C ALA I 168 45.55 3.40 -59.38
N VAL I 169 45.71 4.59 -58.78
CA VAL I 169 46.58 4.67 -57.62
C VAL I 169 45.88 4.13 -56.39
N VAL I 170 44.58 4.41 -56.24
CA VAL I 170 43.82 3.90 -55.09
C VAL I 170 43.01 2.65 -55.38
N ALA I 171 42.93 2.21 -56.64
CA ALA I 171 42.16 1.02 -56.96
C ALA I 171 42.49 -0.19 -56.07
N PRO I 172 43.77 -0.51 -55.79
CA PRO I 172 44.03 -1.70 -54.96
C PRO I 172 43.44 -1.64 -53.56
N GLY I 173 43.56 -0.51 -52.87
CA GLY I 173 42.94 -0.37 -51.57
C GLY I 173 41.42 -0.51 -51.64
N ILE I 174 40.81 0.01 -52.69
CA ILE I 174 39.36 -0.14 -52.87
C ILE I 174 39.00 -1.61 -52.98
N ALA I 175 39.77 -2.38 -53.76
CA ALA I 175 39.52 -3.81 -53.86
C ALA I 175 39.62 -4.47 -52.50
N GLU I 176 40.69 -4.16 -51.76
CA GLU I 176 40.83 -4.66 -50.39
C GLU I 176 39.56 -4.38 -49.59
N ALA I 177 39.07 -3.15 -49.66
CA ALA I 177 37.89 -2.81 -48.87
C ALA I 177 36.69 -3.71 -49.22
N LEU I 178 36.38 -3.83 -50.52
CA LEU I 178 35.28 -4.69 -50.96
C LEU I 178 35.40 -6.12 -50.43
N LEU I 179 36.65 -6.59 -50.33
CA LEU I 179 36.88 -7.94 -49.85
C LEU I 179 36.21 -8.17 -48.47
N ALA I 180 36.11 -7.11 -47.65
CA ALA I 180 35.43 -7.22 -46.36
C ALA I 180 33.95 -7.56 -46.50
N THR I 181 33.24 -6.90 -47.40
CA THR I 181 31.85 -7.29 -47.60
C THR I 181 31.75 -8.73 -48.05
N ALA I 182 32.63 -9.14 -48.96
CA ALA I 182 32.59 -10.54 -49.38
C ALA I 182 32.67 -11.47 -48.17
N ILE I 183 33.61 -11.20 -47.26
CA ILE I 183 33.74 -12.04 -46.07
C ILE I 183 32.50 -11.95 -45.19
N GLY I 184 31.91 -10.76 -45.08
CA GLY I 184 30.67 -10.63 -44.33
C GLY I 184 29.59 -11.56 -44.83
N LEU I 185 29.48 -11.68 -46.16
CA LEU I 185 28.53 -12.60 -46.76
C LEU I 185 28.89 -14.06 -46.46
N VAL I 186 30.18 -14.39 -46.54
CA VAL I 186 30.59 -15.77 -46.29
C VAL I 186 30.34 -16.18 -44.84
N ALA I 187 30.40 -15.23 -43.91
CA ALA I 187 30.06 -15.56 -42.53
C ALA I 187 28.54 -15.67 -42.38
N ALA I 188 27.80 -14.83 -43.10
CA ALA I 188 26.35 -14.78 -42.90
C ALA I 188 25.70 -16.07 -43.36
N ILE I 189 26.09 -16.55 -44.54
CA ILE I 189 25.35 -17.62 -45.20
C ILE I 189 25.21 -18.87 -44.32
N PRO I 190 26.30 -19.48 -43.83
CA PRO I 190 26.14 -20.70 -43.03
C PRO I 190 25.41 -20.47 -41.72
N ALA I 191 25.58 -19.31 -41.08
CA ALA I 191 24.80 -19.01 -39.88
C ALA I 191 23.31 -19.02 -40.17
N VAL I 192 22.92 -18.46 -41.31
CA VAL I 192 21.50 -18.43 -41.68
C VAL I 192 20.98 -19.85 -41.88
N VAL I 193 21.68 -20.65 -42.70
CA VAL I 193 21.24 -22.02 -42.95
C VAL I 193 21.16 -22.81 -41.63
N ILE I 194 22.18 -22.70 -40.79
CA ILE I 194 22.21 -23.45 -39.54
C ILE I 194 21.09 -23.00 -38.62
N TYR I 195 20.81 -21.70 -38.58
CA TYR I 195 19.68 -21.22 -37.80
C TYR I 195 18.37 -21.84 -38.27
N ASN I 196 18.16 -21.92 -39.58
CA ASN I 196 16.91 -22.48 -40.05
C ASN I 196 16.79 -23.97 -39.68
N VAL I 197 17.84 -24.75 -39.93
CA VAL I 197 17.76 -26.18 -39.61
C VAL I 197 17.52 -26.41 -38.13
N PHE I 198 18.26 -25.70 -37.27
CA PHE I 198 18.06 -25.88 -35.84
C PHE I 198 16.68 -25.41 -35.40
N ALA I 199 16.15 -24.36 -36.02
CA ALA I 199 14.79 -23.93 -35.66
C ALA I 199 13.78 -25.02 -35.98
N ARG I 200 13.88 -25.63 -37.16
CA ARG I 200 12.97 -26.73 -37.49
C ARG I 200 13.16 -27.93 -36.55
N GLN I 201 14.40 -28.29 -36.23
CA GLN I 201 14.67 -29.33 -35.24
C GLN I 201 13.95 -29.03 -33.93
N ILE I 202 14.05 -27.77 -33.49
CA ILE I 202 13.41 -27.37 -32.24
C ILE I 202 11.92 -27.55 -32.34
N GLY I 203 11.32 -27.11 -33.46
CA GLY I 203 9.88 -27.27 -33.62
C GLY I 203 9.43 -28.72 -33.49
N GLY I 204 10.12 -29.61 -34.20
CA GLY I 204 9.74 -31.01 -34.12
C GLY I 204 9.90 -31.56 -32.72
N PHE I 205 10.94 -31.10 -32.02
CA PHE I 205 11.13 -31.55 -30.65
C PHE I 205 10.00 -31.07 -29.74
N LYS I 206 9.62 -29.80 -29.86
CA LYS I 206 8.56 -29.27 -29.01
C LYS I 206 7.28 -30.06 -29.22
N ALA I 207 6.97 -30.37 -30.48
CA ALA I 207 5.78 -31.17 -30.74
C ALA I 207 5.87 -32.54 -30.07
N MET I 208 7.00 -33.22 -30.21
CA MET I 208 7.15 -34.54 -29.63
C MET I 208 6.95 -34.48 -28.11
N LEU I 209 7.56 -33.46 -27.47
CA LEU I 209 7.41 -33.27 -26.03
C LEU I 209 5.96 -33.02 -25.67
N GLY I 210 5.26 -32.23 -26.48
CA GLY I 210 3.83 -32.00 -26.26
C GLY I 210 2.99 -33.26 -26.38
N ASP I 211 3.42 -34.21 -27.23
CA ASP I 211 2.73 -35.47 -27.34
C ASP I 211 2.86 -36.28 -26.05
N VAL I 212 4.07 -36.35 -25.50
CA VAL I 212 4.20 -37.05 -24.24
C VAL I 212 3.36 -36.37 -23.15
N ALA I 213 3.42 -35.04 -23.08
CA ALA I 213 2.58 -34.35 -22.09
C ALA I 213 1.09 -34.66 -22.26
N ALA I 214 0.62 -34.68 -23.50
CA ALA I 214 -0.77 -34.97 -23.76
C ALA I 214 -1.14 -36.39 -23.35
N GLN I 215 -0.27 -37.33 -23.65
CA GLN I 215 -0.45 -38.70 -23.17
C GLN I 215 -0.62 -38.73 -21.66
N VAL I 216 0.21 -37.98 -20.93
CA VAL I 216 0.14 -38.03 -19.48
C VAL I 216 -1.17 -37.44 -19.00
N LEU I 217 -1.55 -36.29 -19.55
CA LEU I 217 -2.80 -35.66 -19.14
C LEU I 217 -4.02 -36.52 -19.46
N LEU I 218 -4.04 -37.14 -20.64
CA LEU I 218 -5.17 -38.00 -21.01
C LEU I 218 -5.27 -39.23 -20.10
N LEU I 219 -4.14 -39.90 -19.83
CA LEU I 219 -4.20 -41.03 -18.91
C LEU I 219 -4.71 -40.59 -17.55
N GLN I 220 -4.14 -39.51 -16.99
CA GLN I 220 -4.58 -39.05 -15.68
C GLN I 220 -6.07 -38.68 -15.67
N SER I 221 -6.52 -37.96 -16.71
CA SER I 221 -7.93 -37.55 -16.79
C SER I 221 -8.88 -38.77 -16.81
N ARG I 222 -8.60 -39.72 -17.70
CA ARG I 222 -9.42 -40.91 -17.80
C ARG I 222 -9.42 -41.71 -16.49
N ASP I 223 -8.25 -41.83 -15.86
CA ASP I 223 -8.15 -42.59 -14.61
C ASP I 223 -8.98 -41.93 -13.52
N LEU I 224 -8.87 -40.59 -13.40
CA LEU I 224 -9.68 -39.87 -12.42
C LEU I 224 -11.19 -40.06 -12.65
N ASP I 225 -11.66 -39.96 -13.92
CA ASP I 225 -13.10 -40.10 -14.18
C ASP I 225 -13.62 -41.52 -13.89
N LEU I 226 -12.83 -42.55 -14.22
CA LEU I 226 -13.26 -43.93 -13.96
C LEU I 226 -13.25 -44.23 -12.47
N GLU I 227 -12.29 -43.67 -11.74
CA GLU I 227 -12.26 -43.81 -10.29
C GLU I 227 -13.49 -43.14 -9.66
N ALA I 228 -13.84 -41.93 -10.13
CA ALA I 228 -15.02 -41.26 -9.60
C ALA I 228 -16.31 -42.04 -9.90
N SER I 229 -16.41 -42.61 -11.10
CA SER I 229 -17.63 -43.34 -11.43
C SER I 229 -17.74 -44.60 -10.59
N ALA I 230 -16.59 -45.26 -10.33
CA ALA I 230 -16.58 -46.45 -9.50
C ALA I 230 -16.90 -46.16 -8.04
N ALA I 231 -16.66 -44.94 -7.56
CA ALA I 231 -17.19 -44.60 -6.25
C ALA I 231 -18.69 -44.35 -6.32
N ALA I 232 -19.19 -43.86 -7.45
CA ALA I 232 -20.63 -43.63 -7.58
C ALA I 232 -21.43 -44.94 -7.59
N GLY J 2 44.57 46.46 47.71
CA GLY J 2 45.45 47.62 47.83
C GLY J 2 46.18 47.96 46.55
N ASN J 3 46.64 46.93 45.84
CA ASN J 3 47.16 46.99 44.49
C ASN J 3 47.56 45.57 44.09
N ASN J 4 47.57 45.35 42.77
CA ASN J 4 47.85 44.05 42.16
C ASN J 4 47.13 42.90 42.85
N LEU J 5 47.90 41.94 43.34
CA LEU J 5 47.42 40.73 43.99
C LEU J 5 48.62 39.92 44.43
N MET J 6 48.38 39.02 45.37
CA MET J 6 49.04 37.73 45.37
C MET J 6 47.92 36.72 45.58
N GLN J 7 47.58 36.01 44.50
CA GLN J 7 46.66 34.88 44.51
C GLN J 7 46.34 34.49 43.08
N THR J 8 45.59 33.42 42.90
CA THR J 8 44.88 33.07 41.66
C THR J 8 43.89 31.97 42.04
N ASP J 9 43.22 31.40 41.04
CA ASP J 9 42.24 30.34 41.19
C ASP J 9 42.76 29.06 40.52
N LEU J 10 41.88 28.06 40.39
CA LEU J 10 42.28 26.80 39.76
C LEU J 10 41.30 26.30 38.69
N SER J 11 41.57 25.09 38.17
CA SER J 11 40.90 24.40 37.08
C SER J 11 39.77 23.52 37.63
N VAL J 12 39.26 22.57 36.84
CA VAL J 12 38.17 21.69 37.31
C VAL J 12 38.56 20.91 38.56
N TRP J 13 39.79 20.37 38.57
CA TRP J 13 40.28 19.65 39.75
C TRP J 13 40.53 20.60 40.92
N GLY J 14 40.83 21.87 40.65
CA GLY J 14 40.98 22.83 41.73
C GLY J 14 39.69 23.43 42.22
N MET J 15 38.62 23.31 41.43
CA MET J 15 37.28 23.61 41.86
C MET J 15 36.75 22.52 42.78
N TYR J 16 36.99 21.26 42.43
CA TYR J 16 36.59 20.17 43.31
C TYR J 16 37.13 20.37 44.74
N GLN J 17 38.29 21.02 44.87
CA GLN J 17 38.85 21.32 46.18
C GLN J 17 38.07 22.40 46.94
N HIS J 18 37.14 23.10 46.29
CA HIS J 18 36.34 24.13 46.94
C HIS J 18 34.96 23.65 47.40
N ALA J 19 34.71 22.36 47.39
CA ALA J 19 33.51 21.82 47.98
C ALA J 19 33.81 21.07 49.27
N ASP J 20 32.83 21.01 50.16
CA ASP J 20 33.01 20.24 51.38
C ASP J 20 32.78 18.76 51.06
N ILE J 21 32.90 17.90 52.09
CA ILE J 21 32.70 16.45 51.88
C ILE J 21 31.27 16.16 51.39
N VAL J 22 30.28 16.88 51.95
CA VAL J 22 28.88 16.63 51.58
C VAL J 22 28.65 16.91 50.10
N VAL J 23 29.16 18.04 49.59
CA VAL J 23 28.93 18.41 48.20
C VAL J 23 29.69 17.49 47.26
N LYS J 24 30.89 17.06 47.67
CA LYS J 24 31.61 16.07 46.88
C LYS J 24 30.77 14.82 46.72
N CYS J 25 30.12 14.38 47.81
CA CYS J 25 29.23 13.21 47.70
C CYS J 25 28.06 13.47 46.75
N VAL J 26 27.36 14.60 46.91
CA VAL J 26 26.23 14.86 46.01
C VAL J 26 26.66 14.76 44.55
N MET J 27 27.80 15.37 44.21
CA MET J 27 28.24 15.35 42.82
C MET J 27 28.57 13.93 42.35
N ILE J 28 29.37 13.19 43.14
CA ILE J 28 29.76 11.87 42.64
C ILE J 28 28.56 10.94 42.57
N GLY J 29 27.70 10.95 43.60
CA GLY J 29 26.48 10.14 43.59
C GLY J 29 25.58 10.45 42.41
N LEU J 30 25.44 11.74 42.06
CA LEU J 30 24.65 12.10 40.89
C LEU J 30 25.26 11.50 39.64
N ILE J 31 26.59 11.51 39.55
CA ILE J 31 27.23 11.01 38.33
C ILE J 31 27.09 9.47 38.23
N LEU J 32 27.19 8.77 39.35
CA LEU J 32 26.87 7.34 39.33
C LEU J 32 25.42 7.10 38.93
N ALA J 33 24.50 7.90 39.49
CA ALA J 33 23.12 7.82 39.06
C ALA J 33 23.02 7.90 37.54
N SER J 34 23.76 8.84 36.95
CA SER J 34 23.81 8.93 35.49
C SER J 34 24.24 7.61 34.87
N VAL J 35 25.26 6.96 35.46
CA VAL J 35 25.72 5.70 34.90
C VAL J 35 24.62 4.64 34.94
N VAL J 36 23.88 4.53 36.05
CA VAL J 36 22.81 3.53 36.05
C VAL J 36 21.73 3.86 35.03
N THR J 37 21.37 5.15 34.86
CA THR J 37 20.40 5.44 33.81
C THR J 37 20.89 4.94 32.46
N TRP J 38 22.16 5.19 32.13
CA TRP J 38 22.59 4.81 30.79
C TRP J 38 22.75 3.29 30.63
N ALA J 39 23.17 2.59 31.68
CA ALA J 39 23.17 1.13 31.63
C ALA J 39 21.76 0.59 31.39
N ILE J 40 20.79 1.05 32.19
CA ILE J 40 19.39 0.68 31.97
C ILE J 40 19.01 0.90 30.51
N PHE J 41 19.33 2.07 29.98
CA PHE J 41 18.94 2.40 28.61
C PHE J 41 19.53 1.43 27.61
N PHE J 42 20.85 1.21 27.68
CA PHE J 42 21.51 0.37 26.68
C PHE J 42 21.07 -1.08 26.81
N SER J 43 20.89 -1.58 28.03
CA SER J 43 20.45 -2.96 28.21
C SER J 43 19.03 -3.17 27.66
N LYS J 44 18.07 -2.35 28.10
CA LYS J 44 16.69 -2.53 27.69
C LYS J 44 16.44 -2.22 26.21
N SER J 45 17.25 -1.36 25.58
CA SER J 45 16.97 -0.95 24.20
C SER J 45 17.04 -2.12 23.21
N VAL J 46 18.13 -2.90 23.25
CA VAL J 46 18.29 -4.01 22.31
C VAL J 46 17.24 -5.09 22.56
N GLU J 47 16.94 -5.35 23.82
CA GLU J 47 15.88 -6.28 24.21
C GLU J 47 14.56 -5.87 23.55
N PHE J 48 14.10 -4.65 23.83
CA PHE J 48 12.83 -4.20 23.28
C PHE J 48 12.82 -4.29 21.77
N PHE J 49 13.92 -3.89 21.12
CA PHE J 49 13.94 -3.92 19.66
C PHE J 49 13.71 -5.33 19.12
N ASN J 50 14.41 -6.33 19.69
CA ASN J 50 14.27 -7.68 19.17
C ASN J 50 12.85 -8.21 19.37
N GLN J 51 12.33 -8.08 20.59
CA GLN J 51 10.97 -8.57 20.81
C GLN J 51 9.97 -7.85 19.91
N LYS J 52 10.14 -6.54 19.69
CA LYS J 52 9.22 -5.82 18.82
C LYS J 52 9.27 -6.33 17.37
N ARG J 53 10.46 -6.70 16.87
CA ARG J 53 10.55 -7.25 15.52
C ARG J 53 9.86 -8.61 15.43
N ARG J 54 10.14 -9.47 16.41
CA ARG J 54 9.54 -10.80 16.44
C ARG J 54 8.02 -10.72 16.47
N LEU J 55 7.49 -9.94 17.39
CA LEU J 55 6.05 -9.81 17.52
C LEU J 55 5.44 -9.21 16.27
N LYS J 56 6.06 -8.15 15.72
CA LYS J 56 5.52 -7.56 14.48
C LYS J 56 5.36 -8.62 13.39
N ARG J 57 6.34 -9.53 13.25
CA ARG J 57 6.24 -10.59 12.26
C ARG J 57 5.09 -11.53 12.57
N GLU J 58 4.97 -11.95 13.84
CA GLU J 58 3.90 -12.88 14.23
C GLU J 58 2.54 -12.28 13.98
N GLN J 59 2.39 -11.02 14.30
CA GLN J 59 1.10 -10.36 14.14
C GLN J 59 0.73 -10.21 12.67
N GLN J 60 1.68 -9.80 11.82
CA GLN J 60 1.33 -9.70 10.40
C GLN J 60 0.93 -11.07 9.84
N LEU J 61 1.65 -12.13 10.23
CA LEU J 61 1.33 -13.46 9.69
C LEU J 61 -0.02 -13.98 10.19
N LEU J 62 -0.38 -13.72 11.46
CA LEU J 62 -1.65 -14.23 11.98
C LEU J 62 -2.82 -13.40 11.52
N ALA J 63 -2.59 -12.15 11.12
CA ALA J 63 -3.67 -11.33 10.58
C ALA J 63 -4.30 -11.95 9.33
N GLU J 64 -3.63 -12.90 8.70
CA GLU J 64 -4.11 -13.60 7.52
C GLU J 64 -4.96 -14.83 7.85
N ALA J 65 -4.97 -15.23 9.11
CA ALA J 65 -5.71 -16.41 9.52
C ALA J 65 -7.21 -16.14 9.45
N ARG J 66 -7.92 -16.96 8.68
CA ARG J 66 -9.36 -16.88 8.54
C ARG J 66 -10.08 -17.84 9.49
N SER J 67 -9.37 -18.58 10.32
CA SER J 67 -9.96 -19.56 11.23
C SER J 67 -8.96 -19.90 12.33
N LEU J 68 -9.47 -20.41 13.46
CA LEU J 68 -8.57 -20.72 14.58
C LEU J 68 -7.65 -21.88 14.24
N ASN J 69 -8.11 -22.81 13.42
CA ASN J 69 -7.25 -23.90 13.00
C ASN J 69 -6.11 -23.38 12.12
N GLN J 70 -6.44 -22.52 11.14
CA GLN J 70 -5.42 -21.90 10.29
C GLN J 70 -4.42 -21.09 11.11
N ALA J 71 -4.89 -20.40 12.14
CA ALA J 71 -3.99 -19.65 13.01
C ALA J 71 -3.04 -20.61 13.73
N ASN J 72 -3.55 -21.73 14.21
CA ASN J 72 -2.67 -22.70 14.86
C ASN J 72 -1.61 -23.21 13.90
N ASP J 73 -1.97 -23.49 12.64
CA ASP J 73 -0.99 -23.95 11.66
C ASP J 73 0.06 -22.88 11.38
N ILE J 74 -0.37 -21.63 11.31
CA ILE J 74 0.55 -20.52 11.04
C ILE J 74 1.58 -20.41 12.16
N ALA J 75 1.14 -20.49 13.40
CA ALA J 75 2.02 -20.27 14.52
C ALA J 75 2.78 -21.52 14.92
N ALA J 76 2.61 -22.61 14.17
CA ALA J 76 3.15 -23.91 14.58
C ALA J 76 4.60 -23.82 15.02
N ASP J 77 5.48 -23.27 14.17
CA ASP J 77 6.86 -23.08 14.60
C ASP J 77 7.14 -21.59 14.70
N PHE J 78 6.71 -21.01 15.82
CA PHE J 78 7.05 -19.65 16.19
C PHE J 78 8.16 -19.62 17.22
N GLY J 79 8.50 -20.76 17.77
CA GLY J 79 9.45 -20.81 18.84
C GLY J 79 8.78 -21.00 20.18
N SER J 80 9.56 -21.51 21.13
CA SER J 80 9.03 -21.84 22.45
C SER J 80 8.71 -20.60 23.27
N LYS J 81 9.45 -19.51 23.06
CA LYS J 81 9.25 -18.28 23.82
C LYS J 81 8.33 -17.29 23.12
N SER J 82 7.71 -17.69 22.00
CA SER J 82 6.83 -16.78 21.27
C SER J 82 5.60 -16.38 22.09
N LEU J 83 5.35 -15.07 22.17
CA LEU J 83 4.19 -14.59 22.93
C LEU J 83 2.86 -14.96 22.26
N SER J 84 2.82 -14.87 20.92
CA SER J 84 1.62 -15.27 20.19
C SER J 84 1.31 -16.74 20.43
N LEU J 85 2.32 -17.60 20.33
CA LEU J 85 2.11 -19.02 20.56
C LEU J 85 1.58 -19.27 21.95
N HIS J 86 2.01 -18.47 22.94
CA HIS J 86 1.48 -18.63 24.28
C HIS J 86 -0.01 -18.29 24.31
N LEU J 87 -0.43 -17.20 23.64
CA LEU J 87 -1.86 -16.87 23.62
C LEU J 87 -2.69 -17.96 22.94
N LEU J 88 -2.24 -18.46 21.78
CA LEU J 88 -2.97 -19.53 21.13
C LEU J 88 -3.03 -20.77 22.00
N ASN J 89 -1.93 -21.12 22.65
CA ASN J 89 -1.94 -22.30 23.50
C ASN J 89 -2.86 -22.11 24.71
N GLU J 90 -3.00 -20.89 25.23
CA GLU J 90 -3.96 -20.69 26.30
C GLU J 90 -5.38 -20.91 25.82
N ALA J 91 -5.73 -20.36 24.64
CA ALA J 91 -7.05 -20.61 24.09
C ALA J 91 -7.31 -22.11 23.89
N GLN J 92 -6.32 -22.83 23.38
CA GLN J 92 -6.46 -24.26 23.21
C GLN J 92 -6.65 -24.94 24.55
N ASN J 93 -5.96 -24.45 25.57
CA ASN J 93 -6.07 -25.05 26.89
C ASN J 93 -7.46 -24.89 27.44
N GLU J 94 -8.07 -23.72 27.21
CA GLU J 94 -9.44 -23.52 27.69
C GLU J 94 -10.39 -24.45 26.98
N LEU J 95 -10.26 -24.59 25.65
CA LEU J 95 -11.10 -25.56 24.95
C LEU J 95 -10.94 -26.96 25.53
N GLU J 96 -9.69 -27.34 25.82
CA GLU J 96 -9.43 -28.69 26.31
C GLU J 96 -9.97 -28.91 27.71
N LEU J 97 -9.81 -27.93 28.59
CA LEU J 97 -10.31 -28.07 29.96
C LEU J 97 -11.84 -28.10 30.00
N SER J 98 -12.48 -27.53 28.98
CA SER J 98 -13.91 -27.40 28.87
C SER J 98 -14.55 -28.53 28.09
N GLU J 99 -13.78 -29.56 27.73
CA GLU J 99 -14.32 -30.65 26.93
C GLU J 99 -15.47 -31.30 27.67
N GLY J 100 -16.60 -31.42 26.99
CA GLY J 100 -17.79 -31.99 27.57
C GLY J 100 -18.81 -30.96 28.02
N SER J 101 -18.49 -29.68 27.93
CA SER J 101 -19.36 -28.60 28.36
C SER J 101 -20.28 -28.20 27.21
N ASP J 102 -21.52 -27.86 27.55
CA ASP J 102 -22.47 -27.37 26.57
C ASP J 102 -22.38 -25.87 26.32
N ASP J 103 -21.73 -25.10 27.18
CA ASP J 103 -21.85 -23.65 27.14
C ASP J 103 -20.64 -23.01 26.47
N ASN J 104 -20.83 -22.52 25.23
CA ASN J 104 -19.77 -21.81 24.50
C ASN J 104 -19.55 -20.40 25.01
N GLU J 105 -20.62 -19.73 25.50
CA GLU J 105 -20.44 -18.43 26.16
C GLU J 105 -19.43 -18.55 27.29
N GLY J 106 -19.55 -19.60 28.11
CA GLY J 106 -18.61 -19.79 29.21
C GLY J 106 -17.18 -19.89 28.75
N ILE J 107 -16.93 -20.70 27.72
CA ILE J 107 -15.59 -20.82 27.13
C ILE J 107 -15.03 -19.46 26.64
N MLY J 108 -15.83 -18.76 25.83
CA MLY J 108 -15.51 -17.40 25.38
CB MLY J 108 -16.70 -16.79 24.64
CG MLY J 108 -17.07 -17.49 23.32
CD MLY J 108 -18.36 -16.83 22.80
CE MLY J 108 -18.95 -17.61 21.67
NZ MLY J 108 -20.30 -17.12 21.28
CH1 MLY J 108 -21.29 -17.37 22.33
CH2 MLY J 108 -20.22 -15.67 21.06
C MLY J 108 -15.22 -16.54 26.59
O MLY J 108 -14.15 -15.95 26.67
N GLU J 109 -16.10 -16.56 27.59
CA GLU J 109 -15.85 -15.74 28.76
C GLU J 109 -14.51 -16.10 29.34
N ARG J 110 -14.32 -17.40 29.62
CA ARG J 110 -13.10 -17.79 30.31
C ARG J 110 -11.89 -17.45 29.49
N THR J 111 -11.99 -17.72 28.18
CA THR J 111 -10.83 -17.48 27.34
C THR J 111 -10.47 -16.00 27.35
N SER J 112 -11.47 -15.12 27.26
CA SER J 112 -11.14 -13.69 27.24
C SER J 112 -10.48 -13.29 28.54
N PHE J 113 -11.09 -13.70 29.65
CA PHE J 113 -10.53 -13.40 30.94
C PHE J 113 -9.07 -13.84 31.00
N ARG J 114 -8.77 -15.05 30.51
CA ARG J 114 -7.39 -15.50 30.59
C ARG J 114 -6.49 -14.63 29.73
N LEU J 115 -6.85 -14.46 28.45
CA LEU J 115 -5.92 -13.83 27.53
C LEU J 115 -5.67 -12.39 27.91
N GLU J 116 -6.73 -11.65 28.29
CA GLU J 116 -6.54 -10.26 28.68
C GLU J 116 -5.60 -10.19 29.87
N ARG J 117 -5.81 -11.06 30.85
CA ARG J 117 -4.90 -11.16 31.97
C ARG J 117 -3.44 -11.28 31.51
N ARG J 118 -3.16 -12.22 30.59
CA ARG J 118 -1.78 -12.44 30.15
C ARG J 118 -1.20 -11.19 29.52
N VAL J 119 -1.98 -10.52 28.66
CA VAL J 119 -1.46 -9.31 28.02
C VAL J 119 -1.00 -8.33 29.08
N ALA J 120 -1.85 -8.08 30.08
CA ALA J 120 -1.51 -7.16 31.15
C ALA J 120 -0.22 -7.59 31.87
N ALA J 121 -0.09 -8.89 32.16
CA ALA J 121 1.11 -9.33 32.86
C ALA J 121 2.34 -9.00 32.05
N VAL J 122 2.27 -9.22 30.73
CA VAL J 122 3.43 -8.95 29.90
C VAL J 122 3.82 -7.49 30.01
N GLY J 123 2.82 -6.59 30.01
CA GLY J 123 3.12 -5.18 30.13
C GLY J 123 3.92 -4.90 31.38
N ARG J 124 3.54 -5.54 32.48
CA ARG J 124 4.26 -5.39 33.74
C ARG J 124 5.71 -5.86 33.62
N GLN J 125 5.92 -7.01 32.96
CA GLN J 125 7.28 -7.50 32.77
C GLN J 125 8.08 -6.59 31.85
N MET J 126 7.42 -5.74 31.04
CA MET J 126 8.13 -4.71 30.29
C MET J 126 8.49 -3.51 31.15
N GLY J 127 7.67 -3.19 32.16
CA GLY J 127 7.91 -1.98 32.91
C GLY J 127 9.03 -2.10 33.94
N ARG J 128 9.58 -3.29 34.13
CA ARG J 128 10.64 -3.47 35.11
C ARG J 128 11.80 -2.50 34.85
N GLY J 129 12.19 -1.76 35.88
CA GLY J 129 13.32 -0.87 35.80
C GLY J 129 13.00 0.56 35.41
N ASN J 130 11.86 0.79 34.75
CA ASN J 130 11.48 2.14 34.37
C ASN J 130 11.19 3.01 35.59
N GLY J 131 10.78 2.38 36.70
CA GLY J 131 10.64 3.13 37.94
C GLY J 131 11.95 3.76 38.38
N TYR J 132 13.07 3.06 38.17
CA TYR J 132 14.36 3.67 38.45
C TYR J 132 14.55 4.93 37.60
N LEU J 133 14.16 4.88 36.33
CA LEU J 133 14.37 6.03 35.45
C LEU J 133 13.51 7.22 35.88
N ALA J 134 12.21 7.01 36.03
CA ALA J 134 11.31 8.08 36.46
C ALA J 134 11.74 8.66 37.80
N THR J 135 12.22 7.82 38.72
CA THR J 135 12.64 8.31 40.02
C THR J 135 13.91 9.13 39.91
N ILE J 136 14.87 8.66 39.09
CA ILE J 136 16.12 9.38 38.94
C ILE J 136 15.87 10.75 38.31
N GLY J 137 15.10 10.77 37.21
CA GLY J 137 14.74 12.02 36.58
C GLY J 137 13.91 12.94 37.45
N ALA J 138 13.15 12.36 38.39
CA ALA J 138 12.36 13.19 39.28
C ALA J 138 13.22 13.87 40.33
N ILE J 139 14.04 13.10 41.05
CA ILE J 139 14.71 13.66 42.23
C ILE J 139 16.13 14.17 41.98
N SER J 140 16.76 13.86 40.85
CA SER J 140 18.13 14.32 40.64
C SER J 140 18.27 15.83 40.68
N PRO J 141 17.38 16.64 40.07
CA PRO J 141 17.54 18.09 40.20
C PRO J 141 17.46 18.56 41.65
N PHE J 142 16.66 17.89 42.49
CA PHE J 142 16.56 18.28 43.90
C PHE J 142 17.75 17.79 44.74
N VAL J 143 18.35 16.64 44.40
CA VAL J 143 19.63 16.27 45.01
C VAL J 143 20.67 17.34 44.70
N GLY J 144 20.75 17.74 43.41
CA GLY J 144 21.62 18.85 43.04
C GLY J 144 21.33 20.12 43.84
N LEU J 145 20.05 20.46 43.96
CA LEU J 145 19.67 21.63 44.76
C LEU J 145 20.15 21.52 46.20
N PHE J 146 20.07 20.33 46.81
CA PHE J 146 20.65 20.13 48.15
C PHE J 146 22.12 20.51 48.15
N GLY J 147 22.87 20.00 47.17
CA GLY J 147 24.27 20.38 47.06
C GLY J 147 24.45 21.88 47.05
N THR J 148 23.64 22.59 46.25
CA THR J 148 23.77 24.03 46.10
C THR J 148 23.47 24.77 47.42
N VAL J 149 22.36 24.40 48.07
CA VAL J 149 21.97 25.00 49.35
C VAL J 149 23.03 24.79 50.43
N TRP J 150 23.51 23.55 50.56
CA TRP J 150 24.55 23.27 51.54
C TRP J 150 25.81 24.08 51.24
N GLY J 151 26.18 24.18 49.96
CA GLY J 151 27.37 24.93 49.60
C GLY J 151 27.25 26.40 49.97
N ILE J 152 26.18 27.06 49.55
CA ILE J 152 26.01 28.47 49.89
C ILE J 152 25.94 28.67 51.39
N MET J 153 25.35 27.72 52.13
CA MET J 153 25.39 27.78 53.59
C MET J 153 26.84 27.86 54.09
N ASN J 154 27.70 27.00 53.56
CA ASN J 154 29.10 27.03 53.97
C ASN J 154 29.76 28.36 53.59
N SER J 155 29.39 28.89 52.43
CA SER J 155 29.92 30.19 52.01
C SER J 155 29.55 31.29 53.00
N PHE J 156 28.30 31.29 53.49
CA PHE J 156 27.92 32.32 54.45
C PHE J 156 28.58 32.11 55.80
N ILE J 157 28.90 30.87 56.16
CA ILE J 157 29.71 30.66 57.34
C ILE J 157 31.09 31.28 57.16
N GLY J 158 31.66 31.14 55.94
CA GLY J 158 32.96 31.72 55.66
C GLY J 158 32.93 33.22 55.79
N ILE J 159 31.90 33.84 55.22
CA ILE J 159 31.72 35.27 55.34
C ILE J 159 31.59 35.69 56.80
N ALA J 160 31.04 34.81 57.64
CA ALA J 160 30.79 35.25 58.99
C ALA J 160 32.03 35.17 59.88
N GLN J 161 32.83 34.11 59.77
CA GLN J 161 33.95 33.99 60.70
C GLN J 161 35.06 34.98 60.36
N THR J 162 35.43 35.04 59.10
CA THR J 162 36.41 36.00 58.62
C THR J 162 35.68 37.29 58.28
N GLN J 163 36.06 38.36 58.95
CA GLN J 163 35.27 39.58 58.89
C GLN J 163 35.54 40.33 57.59
N THR J 164 35.08 41.57 57.54
CA THR J 164 34.95 42.47 56.39
C THR J 164 34.09 41.77 55.32
N THR J 165 34.33 42.03 54.03
CA THR J 165 33.57 41.29 53.02
C THR J 165 34.39 40.79 51.84
N ASN J 166 34.64 41.72 50.90
CA ASN J 166 35.10 41.45 49.54
C ASN J 166 34.33 40.27 48.97
N LEU J 167 34.93 39.52 48.05
CA LEU J 167 34.29 38.25 47.75
C LEU J 167 35.33 37.16 47.63
N ALA J 168 35.77 36.86 46.40
CA ALA J 168 37.07 36.29 46.04
C ALA J 168 37.49 35.09 46.88
N VAL J 169 36.94 34.99 48.09
CA VAL J 169 37.24 33.95 49.05
C VAL J 169 36.20 32.85 48.92
N VAL J 170 34.98 33.17 49.32
CA VAL J 170 33.93 32.15 49.23
C VAL J 170 33.35 32.08 47.83
N ALA J 171 33.79 32.96 46.92
CA ALA J 171 33.29 32.92 45.54
C ALA J 171 33.50 31.57 44.87
N PRO J 172 34.68 30.93 44.94
CA PRO J 172 34.79 29.61 44.30
C PRO J 172 33.84 28.60 44.90
N GLY J 173 33.67 28.61 46.22
CA GLY J 173 32.71 27.70 46.84
C GLY J 173 31.30 27.92 46.33
N ILE J 174 30.93 29.18 46.10
CA ILE J 174 29.62 29.50 45.52
C ILE J 174 29.52 28.93 44.10
N ALA J 175 30.57 29.11 43.30
CA ALA J 175 30.56 28.56 41.94
C ALA J 175 30.42 27.04 41.96
N GLU J 176 31.12 26.38 42.89
CA GLU J 176 31.03 24.91 43.02
C GLU J 176 29.63 24.47 43.44
N ALA J 177 29.04 25.19 44.41
CA ALA J 177 27.68 24.92 44.81
C ALA J 177 26.74 24.98 43.61
N LEU J 178 26.81 26.07 42.83
CA LEU J 178 25.96 26.14 41.64
C LEU J 178 26.20 24.97 40.72
N LEU J 179 27.48 24.58 40.60
CA LEU J 179 27.82 23.47 39.74
C LEU J 179 27.04 22.22 40.15
N ALA J 180 26.79 22.03 41.45
CA ALA J 180 26.02 20.86 41.90
C ALA J 180 24.62 20.82 41.30
N THR J 181 23.92 21.95 41.28
CA THR J 181 22.63 22.02 40.59
C THR J 181 22.79 21.74 39.10
N ALA J 182 23.83 22.30 38.48
CA ALA J 182 24.04 22.04 37.06
C ALA J 182 24.13 20.53 36.79
N ILE J 183 24.92 19.82 37.61
CA ILE J 183 25.07 18.36 37.46
C ILE J 183 23.74 17.66 37.75
N GLY J 184 22.97 18.18 38.71
CA GLY J 184 21.67 17.61 38.96
C GLY J 184 20.79 17.66 37.72
N LEU J 185 20.76 18.82 37.05
CA LEU J 185 19.94 18.94 35.84
C LEU J 185 20.43 18.00 34.76
N VAL J 186 21.75 17.87 34.59
CA VAL J 186 22.29 16.93 33.61
C VAL J 186 22.00 15.47 33.97
N ALA J 187 21.77 15.15 35.25
CA ALA J 187 21.32 13.81 35.58
C ALA J 187 19.84 13.61 35.26
N ALA J 188 19.01 14.63 35.51
CA ALA J 188 17.57 14.52 35.35
C ALA J 188 17.16 14.43 33.89
N ILE J 189 17.73 15.27 33.03
CA ILE J 189 17.21 15.38 31.67
C ILE J 189 17.23 14.06 30.90
N PRO J 190 18.37 13.37 30.75
CA PRO J 190 18.34 12.12 29.98
C PRO J 190 17.44 11.06 30.60
N ALA J 191 17.30 11.04 31.92
CA ALA J 191 16.36 10.12 32.54
C ALA J 191 14.94 10.39 32.09
N VAL J 192 14.55 11.67 32.09
CA VAL J 192 13.19 12.02 31.69
C VAL J 192 12.96 11.67 30.21
N VAL J 193 13.94 11.96 29.35
CA VAL J 193 13.71 11.70 27.94
C VAL J 193 13.68 10.20 27.67
N ILE J 194 14.70 9.46 28.11
CA ILE J 194 14.70 8.01 27.97
C ILE J 194 13.41 7.41 28.49
N TYR J 195 12.97 7.88 29.65
CA TYR J 195 11.72 7.39 30.23
C TYR J 195 10.53 7.62 29.29
N ASN J 196 10.44 8.80 28.69
CA ASN J 196 9.33 9.05 27.78
C ASN J 196 9.39 8.12 26.59
N VAL J 197 10.59 7.93 26.02
CA VAL J 197 10.74 7.01 24.90
C VAL J 197 10.25 5.61 25.28
N PHE J 198 10.64 5.14 26.47
CA PHE J 198 10.22 3.81 26.87
C PHE J 198 8.72 3.75 27.08
N ALA J 199 8.12 4.83 27.58
CA ALA J 199 6.67 4.84 27.73
C ALA J 199 5.98 4.71 26.37
N ARG J 200 6.46 5.44 25.36
CA ARG J 200 5.88 5.35 24.03
C ARG J 200 6.04 3.94 23.47
N GLN J 201 7.26 3.42 23.48
CA GLN J 201 7.53 2.14 22.87
C GLN J 201 6.77 1.02 23.57
N ILE J 202 6.72 1.07 24.90
CA ILE J 202 5.94 0.09 25.64
C ILE J 202 4.47 0.18 25.27
N GLY J 203 3.94 1.39 25.14
CA GLY J 203 2.56 1.53 24.73
C GLY J 203 2.28 0.84 23.40
N GLY J 204 3.16 1.05 22.43
CA GLY J 204 2.98 0.40 21.14
C GLY J 204 3.08 -1.11 21.22
N PHE J 205 4.00 -1.61 22.05
CA PHE J 205 4.14 -3.06 22.20
C PHE J 205 2.87 -3.66 22.80
N LYS J 206 2.36 -3.03 23.85
CA LYS J 206 1.08 -3.44 24.42
C LYS J 206 0.00 -3.49 23.36
N ALA J 207 -0.08 -2.46 22.51
CA ALA J 207 -1.09 -2.50 21.46
C ALA J 207 -0.90 -3.70 20.53
N MET J 208 0.34 -3.98 20.11
CA MET J 208 0.58 -5.14 19.24
C MET J 208 0.13 -6.44 19.91
N LEU J 209 0.49 -6.63 21.19
CA LEU J 209 0.06 -7.84 21.88
C LEU J 209 -1.45 -7.92 21.95
N GLY J 210 -2.11 -6.81 22.28
CA GLY J 210 -3.56 -6.79 22.32
C GLY J 210 -4.19 -7.11 20.98
N ASP J 211 -3.49 -6.76 19.88
CA ASP J 211 -3.95 -7.06 18.53
C ASP J 211 -3.91 -8.56 18.28
N VAL J 212 -2.81 -9.19 18.67
CA VAL J 212 -2.73 -10.66 18.55
C VAL J 212 -3.79 -11.32 19.42
N ALA J 213 -3.90 -10.88 20.68
CA ALA J 213 -4.89 -11.45 21.59
C ALA J 213 -6.30 -11.30 21.06
N ALA J 214 -6.63 -10.13 20.50
CA ALA J 214 -7.98 -9.90 19.99
C ALA J 214 -8.28 -10.80 18.81
N GLN J 215 -7.28 -10.99 17.94
CA GLN J 215 -7.45 -11.88 16.80
C GLN J 215 -7.74 -13.32 17.25
N VAL J 216 -7.03 -13.76 18.32
CA VAL J 216 -7.27 -15.11 18.87
C VAL J 216 -8.70 -15.21 19.42
N LEU J 217 -9.12 -14.23 20.22
CA LEU J 217 -10.47 -14.30 20.77
C LEU J 217 -11.54 -14.29 19.67
N LEU J 218 -11.37 -13.44 18.65
CA LEU J 218 -12.33 -13.38 17.54
C LEU J 218 -12.42 -14.70 16.76
N LEU J 219 -11.27 -15.30 16.48
CA LEU J 219 -11.29 -16.61 15.80
C LEU J 219 -11.99 -17.65 16.67
N GLN J 220 -11.68 -17.68 17.97
CA GLN J 220 -12.34 -18.67 18.83
C GLN J 220 -13.85 -18.43 18.89
N SER J 221 -14.28 -17.18 19.06
CA SER J 221 -15.71 -16.86 19.14
C SER J 221 -16.45 -17.24 17.86
N ARG J 222 -15.94 -16.79 16.71
CA ARG J 222 -16.59 -17.10 15.44
C ARG J 222 -16.64 -18.59 15.19
N ASP J 223 -15.53 -19.31 15.45
CA ASP J 223 -15.48 -20.74 15.21
C ASP J 223 -16.44 -21.51 16.12
N LEU J 224 -16.49 -21.16 17.40
CA LEU J 224 -17.47 -21.80 18.27
C LEU J 224 -18.88 -21.60 17.72
N ASP J 225 -19.20 -20.38 17.28
CA ASP J 225 -20.56 -20.15 16.80
C ASP J 225 -20.82 -20.89 15.50
N LEU J 226 -19.86 -20.92 14.59
CA LEU J 226 -20.13 -21.60 13.33
C LEU J 226 -20.29 -23.10 13.56
N GLU J 227 -19.49 -23.67 14.46
CA GLU J 227 -19.65 -25.07 14.82
C GLU J 227 -20.99 -25.34 15.47
N ALA J 228 -21.42 -24.46 16.37
CA ALA J 228 -22.72 -24.64 17.00
C ALA J 228 -23.84 -24.58 15.98
N SER J 229 -23.73 -23.68 15.00
CA SER J 229 -24.77 -23.54 13.98
C SER J 229 -24.77 -24.71 13.01
N ALA J 230 -23.59 -25.23 12.67
CA ALA J 230 -23.52 -26.39 11.80
C ALA J 230 -24.01 -27.64 12.49
N ALA J 231 -23.88 -27.69 13.81
CA ALA J 231 -24.39 -28.84 14.55
C ALA J 231 -25.90 -28.81 14.69
N ALA J 232 -26.48 -27.62 14.81
CA ALA J 232 -27.92 -27.53 14.94
C ALA J 232 -28.63 -27.84 13.61
N HIS J 233 -28.09 -27.38 12.49
CA HIS J 233 -28.77 -27.49 11.20
C HIS J 233 -27.89 -28.10 10.12
N PRO J 234 -27.90 -29.44 9.98
CA PRO J 234 -27.20 -30.14 8.90
C PRO J 234 -28.00 -30.17 7.59
N1 EPE K . -21.78 28.03 45.18
C2 EPE K . -20.87 28.90 45.95
C3 EPE K . -20.80 30.29 45.36
N4 EPE K . -20.48 30.18 43.96
C5 EPE K . -21.32 29.34 43.16
C6 EPE K . -21.45 27.94 43.75
C7 EPE K . -19.87 31.30 43.31
C8 EPE K . -18.64 31.88 43.97
O8 EPE K . -18.24 32.92 43.10
C9 EPE K . -21.59 26.69 45.73
C10 EPE K . -22.11 26.64 47.15
S EPE K . -21.70 25.06 47.93
O1S EPE K . -20.57 24.47 47.20
O2S EPE K . -22.85 24.16 47.82
O3S EPE K . -21.35 25.25 49.34
N1 EPE L . -10.74 -5.86 7.24
C2 EPE L . -11.92 -6.19 6.45
C3 EPE L . -12.49 -4.94 5.83
N4 EPE L . -11.93 -3.71 6.36
C5 EPE L . -11.47 -3.62 7.73
C6 EPE L . -11.16 -4.98 8.33
C7 EPE L . -11.69 -2.63 5.42
C8 EPE L . -11.77 -1.22 5.99
O8 EPE L . -11.83 -0.29 4.92
C9 EPE L . -10.14 -7.10 7.79
C10 EPE L . -9.18 -7.79 6.81
S EPE L . -7.65 -6.89 6.44
O1S EPE L . -6.49 -7.78 6.43
O2S EPE L . -7.78 -6.27 5.13
O3S EPE L . -7.44 -5.83 7.43
CA CA M . -17.98 -26.75 -15.26
N1 EPE N . 14.90 -32.25 -42.56
C2 EPE N . 15.55 -33.57 -42.52
C3 EPE N . 16.84 -33.59 -43.33
N4 EPE N . 17.68 -32.45 -43.02
C5 EPE N . 17.23 -31.54 -41.98
C6 EPE N . 15.78 -31.11 -42.18
C7 EPE N . 18.98 -32.29 -43.68
C8 EPE N . 19.48 -30.86 -43.66
O8 EPE N . 20.88 -30.76 -43.89
C9 EPE N . 14.29 -32.03 -43.88
C10 EPE N . 12.88 -32.61 -43.93
S EPE N . 12.59 -33.64 -45.40
O1S EPE N . 13.79 -34.43 -45.71
O2S EPE N . 12.28 -32.78 -46.54
O3S EPE N . 11.46 -34.54 -45.15
CA CA O . -27.24 -13.22 28.17
#